data_6AK2
# 
_entry.id   6AK2 
# 
_audit_conform.dict_name       mmcif_pdbx.dic 
_audit_conform.dict_version    5.397 
_audit_conform.dict_location   http://mmcif.pdb.org/dictionaries/ascii/mmcif_pdbx.dic 
# 
loop_
_database_2.database_id 
_database_2.database_code 
_database_2.pdbx_database_accession 
_database_2.pdbx_DOI 
PDB   6AK2         pdb_00006ak2 10.2210/pdb6ak2/pdb 
WWPDB D_1300008900 ?            ?                   
# 
loop_
_pdbx_audit_revision_history.ordinal 
_pdbx_audit_revision_history.data_content_type 
_pdbx_audit_revision_history.major_revision 
_pdbx_audit_revision_history.minor_revision 
_pdbx_audit_revision_history.revision_date 
1 'Structure model' 1 0 2019-09-04 
2 'Structure model' 1 1 2021-03-17 
3 'Structure model' 2 0 2023-11-15 
4 'Structure model' 2 1 2023-11-22 
5 'Structure model' 2 2 2024-10-16 
# 
_pdbx_audit_revision_details.ordinal             1 
_pdbx_audit_revision_details.revision_ordinal    1 
_pdbx_audit_revision_details.data_content_type   'Structure model' 
_pdbx_audit_revision_details.provider            repository 
_pdbx_audit_revision_details.type                'Initial release' 
_pdbx_audit_revision_details.description         ? 
_pdbx_audit_revision_details.details             ? 
# 
loop_
_pdbx_audit_revision_group.ordinal 
_pdbx_audit_revision_group.revision_ordinal 
_pdbx_audit_revision_group.data_content_type 
_pdbx_audit_revision_group.group 
1 2 'Structure model' 'Database references'    
2 3 'Structure model' 'Atomic model'           
3 3 'Structure model' 'Data collection'        
4 3 'Structure model' 'Database references'    
5 4 'Structure model' 'Refinement description' 
6 5 'Structure model' 'Structure summary'      
# 
loop_
_pdbx_audit_revision_category.ordinal 
_pdbx_audit_revision_category.revision_ordinal 
_pdbx_audit_revision_category.data_content_type 
_pdbx_audit_revision_category.category 
1 2 'Structure model' citation                      
2 2 'Structure model' citation_author               
3 3 'Structure model' atom_site                     
4 3 'Structure model' chem_comp_atom                
5 3 'Structure model' chem_comp_bond                
6 3 'Structure model' database_2                    
7 4 'Structure model' pdbx_initial_refinement_model 
8 5 'Structure model' pdbx_entry_details            
9 5 'Structure model' pdbx_modification_feature     
# 
loop_
_pdbx_audit_revision_item.ordinal 
_pdbx_audit_revision_item.revision_ordinal 
_pdbx_audit_revision_item.data_content_type 
_pdbx_audit_revision_item.item 
1  2 'Structure model' '_citation.country'                   
2  2 'Structure model' '_citation.journal_abbrev'            
3  2 'Structure model' '_citation.journal_id_ASTM'           
4  2 'Structure model' '_citation.journal_id_CSD'            
5  2 'Structure model' '_citation.journal_id_ISSN'           
6  2 'Structure model' '_citation.journal_volume'            
7  2 'Structure model' '_citation.page_first'                
8  2 'Structure model' '_citation.page_last'                 
9  2 'Structure model' '_citation.pdbx_database_id_DOI'      
10 2 'Structure model' '_citation.pdbx_database_id_PubMed'   
11 2 'Structure model' '_citation.title'                     
12 2 'Structure model' '_citation.year'                      
13 3 'Structure model' '_atom_site.auth_atom_id'             
14 3 'Structure model' '_atom_site.label_atom_id'            
15 3 'Structure model' '_database_2.pdbx_DOI'                
16 3 'Structure model' '_database_2.pdbx_database_accession' 
# 
_pdbx_database_status.status_code                     REL 
_pdbx_database_status.status_code_sf                  REL 
_pdbx_database_status.status_code_mr                  ? 
_pdbx_database_status.entry_id                        6AK2 
_pdbx_database_status.recvd_initial_deposition_date   2018-08-29 
_pdbx_database_status.SG_entry                        N 
_pdbx_database_status.deposit_site                    PDBJ 
_pdbx_database_status.process_site                    PDBJ 
_pdbx_database_status.status_code_cs                  ? 
_pdbx_database_status.methods_development_category    ? 
_pdbx_database_status.pdb_format_compatible           Y 
_pdbx_database_status.status_code_nmr_data            ? 
# 
loop_
_audit_author.name 
_audit_author.pdbx_ordinal 
_audit_author.identifier_ORCID 
'Jin, Z.Y.'               1 ? 
'Park, J.H.'              2 ? 
'Yun, J.H.'               3 ? 
'Haugaard-Kedstrom, L.M.' 4 ? 
'Lee, W.T.'               5 ? 
# 
_citation.abstract                  ? 
_citation.abstract_id_CAS           ? 
_citation.book_id_ISBN              ? 
_citation.book_publisher            ? 
_citation.book_publisher_city       ? 
_citation.book_title                ? 
_citation.coordinate_linkage        ? 
_citation.country                   US 
_citation.database_id_Medline       ? 
_citation.details                   ? 
_citation.id                        primary 
_citation.journal_abbrev            J.Med.Chem. 
_citation.journal_id_ASTM           JMCMAR 
_citation.journal_id_CSD            0151 
_citation.journal_id_ISSN           0022-2623 
_citation.journal_full              ? 
_citation.journal_issue             ? 
_citation.journal_volume            64 
_citation.language                  ? 
_citation.page_first                1423 
_citation.page_last                 1434 
_citation.title                     'A High-Affinity Peptide Ligand Targeting Syntenin Inhibits Glioblastoma.' 
_citation.year                      2021 
_citation.database_id_CSD           ? 
_citation.pdbx_database_id_DOI      10.1021/acs.jmedchem.0c00382 
_citation.pdbx_database_id_PubMed   33502198 
_citation.unpublished_flag          ? 
# 
loop_
_citation_author.citation_id 
_citation_author.name 
_citation_author.ordinal 
_citation_author.identifier_ORCID 
primary 'Haugaard-Kedstrom, L.M.' 1  ?                   
primary 'Clemmensen, L.S.'        2  ?                   
primary 'Sereikaite, V.'          3  ?                   
primary 'Jin, Z.'                 4  0000-0002-6478-2967 
primary 'Fernandes, E.F.A.'       5  ?                   
primary 'Wind, B.'                6  ?                   
primary 'Abalde-Gil, F.'          7  ?                   
primary 'Daberger, J.'            8  ?                   
primary 'Vistrup-Parry, M.'       9  ?                   
primary 'Aguilar-Morante, D.'     10 ?                   
primary 'Leblanc, R.'             11 ?                   
primary 'Egea-Jimenez, A.L.'      12 0000-0003-1684-2598 
primary 'Albrigtsen, M.'          13 ?                   
primary 'Jensen, K.E.'            14 ?                   
primary 'Jensen, T.M.T.'          15 ?                   
primary 'Ivarsson, Y.'            16 ?                   
primary 'Vincentelli, R.'         17 ?                   
primary 'Hamerlik, P.'            18 ?                   
primary 'Andersen, J.H.'          19 ?                   
primary 'Zimmermann, P.'          20 ?                   
primary 'Lee, W.'                 21 ?                   
primary 'Stromgaard, K.'          22 0000-0003-2206-4737 
# 
loop_
_entity.id 
_entity.type 
_entity.src_method 
_entity.pdbx_description 
_entity.formula_weight 
_entity.pdbx_number_of_molecules 
_entity.pdbx_ec 
_entity.pdbx_mutation 
_entity.pdbx_fragment 
_entity.details 
1 polymer man Syntenin-1                     8837.221 2   ? ? 'UNP residues 113-193' ? 
2 polymer syn 'peptide inhibitor KSL-128018' 904.001  2   ? ? ?                      ? 
3 water   nat water                          18.015   125 ? ? ?                      ? 
# 
_entity_name_com.entity_id   1 
_entity_name_com.name        'Syndecan-binding protein 1' 
# 
loop_
_entity_poly.entity_id 
_entity_poly.type 
_entity_poly.nstd_linkage 
_entity_poly.nstd_monomer 
_entity_poly.pdbx_seq_one_letter_code 
_entity_poly.pdbx_seq_one_letter_code_can 
_entity_poly.pdbx_strand_id 
_entity_poly.pdbx_target_identifier 
1 'polypeptide(L)' no no  
;GIREVILCKDQDGKIGLRLKSVDNGIFVQLVQANSPASLVGLRFGDQVLQINGENCAGWSSDKAHKVLKQAFGEKITMTI
R
;
;GIREVILCKDQDGKIGLRLKSVDNGIFVQLVQANSPASLVGLRFGDQVLQINGENCAGWSSDKAHKVLKQAFGEKITMTI
R
;
A,B ? 
2 'polypeptide(L)' no yes 'SHW(TBG)(004)DI'                                                                    SHWVXDI D,E ? 
# 
_pdbx_entity_nonpoly.entity_id   3 
_pdbx_entity_nonpoly.name        water 
_pdbx_entity_nonpoly.comp_id     HOH 
# 
loop_
_entity_poly_seq.entity_id 
_entity_poly_seq.num 
_entity_poly_seq.mon_id 
_entity_poly_seq.hetero 
1 1  GLY n 
1 2  ILE n 
1 3  ARG n 
1 4  GLU n 
1 5  VAL n 
1 6  ILE n 
1 7  LEU n 
1 8  CYS n 
1 9  LYS n 
1 10 ASP n 
1 11 GLN n 
1 12 ASP n 
1 13 GLY n 
1 14 LYS n 
1 15 ILE n 
1 16 GLY n 
1 17 LEU n 
1 18 ARG n 
1 19 LEU n 
1 20 LYS n 
1 21 SER n 
1 22 VAL n 
1 23 ASP n 
1 24 ASN n 
1 25 GLY n 
1 26 ILE n 
1 27 PHE n 
1 28 VAL n 
1 29 GLN n 
1 30 LEU n 
1 31 VAL n 
1 32 GLN n 
1 33 ALA n 
1 34 ASN n 
1 35 SER n 
1 36 PRO n 
1 37 ALA n 
1 38 SER n 
1 39 LEU n 
1 40 VAL n 
1 41 GLY n 
1 42 LEU n 
1 43 ARG n 
1 44 PHE n 
1 45 GLY n 
1 46 ASP n 
1 47 GLN n 
1 48 VAL n 
1 49 LEU n 
1 50 GLN n 
1 51 ILE n 
1 52 ASN n 
1 53 GLY n 
1 54 GLU n 
1 55 ASN n 
1 56 CYS n 
1 57 ALA n 
1 58 GLY n 
1 59 TRP n 
1 60 SER n 
1 61 SER n 
1 62 ASP n 
1 63 LYS n 
1 64 ALA n 
1 65 HIS n 
1 66 LYS n 
1 67 VAL n 
1 68 LEU n 
1 69 LYS n 
1 70 GLN n 
1 71 ALA n 
1 72 PHE n 
1 73 GLY n 
1 74 GLU n 
1 75 LYS n 
1 76 ILE n 
1 77 THR n 
1 78 MET n 
1 79 THR n 
1 80 ILE n 
1 81 ARG n 
2 1  SER n 
2 2  HIS n 
2 3  TRP n 
2 4  TBG n 
2 5  004 n 
2 6  ASP n 
2 7  ILE n 
# 
_entity_src_gen.entity_id                          1 
_entity_src_gen.pdbx_src_id                        1 
_entity_src_gen.pdbx_alt_source_flag               sample 
_entity_src_gen.pdbx_seq_type                      'Biological sequence' 
_entity_src_gen.pdbx_beg_seq_num                   1 
_entity_src_gen.pdbx_end_seq_num                   81 
_entity_src_gen.gene_src_common_name               Rat 
_entity_src_gen.gene_src_genus                     ? 
_entity_src_gen.pdbx_gene_src_gene                 Sdcbp 
_entity_src_gen.gene_src_species                   ? 
_entity_src_gen.gene_src_strain                    ? 
_entity_src_gen.gene_src_tissue                    ? 
_entity_src_gen.gene_src_tissue_fraction           ? 
_entity_src_gen.gene_src_details                   ? 
_entity_src_gen.pdbx_gene_src_fragment             ? 
_entity_src_gen.pdbx_gene_src_scientific_name      'Rattus norvegicus' 
_entity_src_gen.pdbx_gene_src_ncbi_taxonomy_id     10116 
_entity_src_gen.pdbx_gene_src_variant              ? 
_entity_src_gen.pdbx_gene_src_cell_line            ? 
_entity_src_gen.pdbx_gene_src_atcc                 ? 
_entity_src_gen.pdbx_gene_src_organ                ? 
_entity_src_gen.pdbx_gene_src_organelle            ? 
_entity_src_gen.pdbx_gene_src_cell                 ? 
_entity_src_gen.pdbx_gene_src_cellular_location    ? 
_entity_src_gen.host_org_common_name               ? 
_entity_src_gen.pdbx_host_org_scientific_name      'Escherichia coli BL21(DE3)' 
_entity_src_gen.pdbx_host_org_ncbi_taxonomy_id     469008 
_entity_src_gen.host_org_genus                     ? 
_entity_src_gen.pdbx_host_org_gene                 ? 
_entity_src_gen.pdbx_host_org_organ                ? 
_entity_src_gen.host_org_species                   ? 
_entity_src_gen.pdbx_host_org_tissue               ? 
_entity_src_gen.pdbx_host_org_tissue_fraction      ? 
_entity_src_gen.pdbx_host_org_strain               'BL21(DE3)' 
_entity_src_gen.pdbx_host_org_variant              ? 
_entity_src_gen.pdbx_host_org_cell_line            ? 
_entity_src_gen.pdbx_host_org_atcc                 ? 
_entity_src_gen.pdbx_host_org_culture_collection   ? 
_entity_src_gen.pdbx_host_org_cell                 ? 
_entity_src_gen.pdbx_host_org_organelle            ? 
_entity_src_gen.pdbx_host_org_cellular_location    ? 
_entity_src_gen.pdbx_host_org_vector_type          ? 
_entity_src_gen.pdbx_host_org_vector               ? 
_entity_src_gen.host_org_details                   ? 
_entity_src_gen.expression_system_id               ? 
_entity_src_gen.plasmid_name                       ? 
_entity_src_gen.plasmid_details                    ? 
_entity_src_gen.pdbx_description                   ? 
# 
_pdbx_entity_src_syn.entity_id              2 
_pdbx_entity_src_syn.pdbx_src_id            1 
_pdbx_entity_src_syn.pdbx_alt_source_flag   sample 
_pdbx_entity_src_syn.pdbx_beg_seq_num       1 
_pdbx_entity_src_syn.pdbx_end_seq_num       7 
_pdbx_entity_src_syn.organism_scientific    'synthetic construct' 
_pdbx_entity_src_syn.organism_common_name   ? 
_pdbx_entity_src_syn.ncbi_taxonomy_id       32630 
_pdbx_entity_src_syn.details                ? 
# 
loop_
_chem_comp.id 
_chem_comp.type 
_chem_comp.mon_nstd_flag 
_chem_comp.name 
_chem_comp.pdbx_synonyms 
_chem_comp.formula 
_chem_comp.formula_weight 
004 'L-peptide linking' . '(2S)-amino(phenyl)ethanoic acid' L-Phenylglycine 'C8 H9 N O2'     151.163 
ALA 'L-peptide linking' y ALANINE                           ?               'C3 H7 N O2'     89.093  
ARG 'L-peptide linking' y ARGININE                          ?               'C6 H15 N4 O2 1' 175.209 
ASN 'L-peptide linking' y ASPARAGINE                        ?               'C4 H8 N2 O3'    132.118 
ASP 'L-peptide linking' y 'ASPARTIC ACID'                   ?               'C4 H7 N O4'     133.103 
CYS 'L-peptide linking' y CYSTEINE                          ?               'C3 H7 N O2 S'   121.158 
GLN 'L-peptide linking' y GLUTAMINE                         ?               'C5 H10 N2 O3'   146.144 
GLU 'L-peptide linking' y 'GLUTAMIC ACID'                   ?               'C5 H9 N O4'     147.129 
GLY 'peptide linking'   y GLYCINE                           ?               'C2 H5 N O2'     75.067  
HIS 'L-peptide linking' y HISTIDINE                         ?               'C6 H10 N3 O2 1' 156.162 
HOH non-polymer         . WATER                             ?               'H2 O'           18.015  
ILE 'L-peptide linking' y ISOLEUCINE                        ?               'C6 H13 N O2'    131.173 
LEU 'L-peptide linking' y LEUCINE                           ?               'C6 H13 N O2'    131.173 
LYS 'L-peptide linking' y LYSINE                            ?               'C6 H15 N2 O2 1' 147.195 
MET 'L-peptide linking' y METHIONINE                        ?               'C5 H11 N O2 S'  149.211 
PHE 'L-peptide linking' y PHENYLALANINE                     ?               'C9 H11 N O2'    165.189 
PRO 'L-peptide linking' y PROLINE                           ?               'C5 H9 N O2'     115.130 
SER 'L-peptide linking' y SERINE                            ?               'C3 H7 N O3'     105.093 
TBG 'L-peptide linking' n 3-methyl-L-valine                 ?               'C6 H13 N O2'    131.173 
THR 'L-peptide linking' y THREONINE                         ?               'C4 H9 N O3'     119.119 
TRP 'L-peptide linking' y TRYPTOPHAN                        ?               'C11 H12 N2 O2'  204.225 
VAL 'L-peptide linking' y VALINE                            ?               'C5 H11 N O2'    117.146 
# 
loop_
_pdbx_poly_seq_scheme.asym_id 
_pdbx_poly_seq_scheme.entity_id 
_pdbx_poly_seq_scheme.seq_id 
_pdbx_poly_seq_scheme.mon_id 
_pdbx_poly_seq_scheme.ndb_seq_num 
_pdbx_poly_seq_scheme.pdb_seq_num 
_pdbx_poly_seq_scheme.auth_seq_num 
_pdbx_poly_seq_scheme.pdb_mon_id 
_pdbx_poly_seq_scheme.auth_mon_id 
_pdbx_poly_seq_scheme.pdb_strand_id 
_pdbx_poly_seq_scheme.pdb_ins_code 
_pdbx_poly_seq_scheme.hetero 
A 1 1  GLY 1  14 14 GLY GLY A . n 
A 1 2  ILE 2  15 15 ILE ILE A . n 
A 1 3  ARG 3  16 16 ARG ARG A . n 
A 1 4  GLU 4  17 17 GLU GLU A . n 
A 1 5  VAL 5  18 18 VAL VAL A . n 
A 1 6  ILE 6  19 19 ILE ILE A . n 
A 1 7  LEU 7  20 20 LEU LEU A . n 
A 1 8  CYS 8  21 21 CYS CYS A . n 
A 1 9  LYS 9  22 22 LYS LYS A . n 
A 1 10 ASP 10 23 23 ASP ASP A . n 
A 1 11 GLN 11 24 24 GLN GLN A . n 
A 1 12 ASP 12 25 25 ASP ASP A . n 
A 1 13 GLY 13 26 26 GLY GLY A . n 
A 1 14 LYS 14 27 27 LYS LYS A . n 
A 1 15 ILE 15 28 28 ILE ILE A . n 
A 1 16 GLY 16 29 29 GLY GLY A . n 
A 1 17 LEU 17 30 30 LEU LEU A . n 
A 1 18 ARG 18 31 31 ARG ARG A . n 
A 1 19 LEU 19 32 32 LEU LEU A . n 
A 1 20 LYS 20 33 33 LYS LYS A . n 
A 1 21 SER 21 34 34 SER SER A . n 
A 1 22 VAL 22 35 35 VAL VAL A . n 
A 1 23 ASP 23 36 36 ASP ASP A . n 
A 1 24 ASN 24 37 37 ASN ASN A . n 
A 1 25 GLY 25 38 38 GLY GLY A . n 
A 1 26 ILE 26 39 39 ILE ILE A . n 
A 1 27 PHE 27 40 40 PHE PHE A . n 
A 1 28 VAL 28 41 41 VAL VAL A . n 
A 1 29 GLN 29 42 42 GLN GLN A . n 
A 1 30 LEU 30 43 43 LEU LEU A . n 
A 1 31 VAL 31 44 44 VAL VAL A . n 
A 1 32 GLN 32 45 45 GLN GLN A . n 
A 1 33 ALA 33 46 46 ALA ALA A . n 
A 1 34 ASN 34 47 47 ASN ASN A . n 
A 1 35 SER 35 48 48 SER SER A . n 
A 1 36 PRO 36 49 49 PRO PRO A . n 
A 1 37 ALA 37 50 50 ALA ALA A . n 
A 1 38 SER 38 51 51 SER SER A . n 
A 1 39 LEU 39 52 52 LEU LEU A . n 
A 1 40 VAL 40 53 53 VAL VAL A . n 
A 1 41 GLY 41 54 54 GLY GLY A . n 
A 1 42 LEU 42 55 55 LEU LEU A . n 
A 1 43 ARG 43 56 56 ARG ARG A . n 
A 1 44 PHE 44 57 57 PHE PHE A . n 
A 1 45 GLY 45 58 58 GLY GLY A . n 
A 1 46 ASP 46 59 59 ASP ASP A . n 
A 1 47 GLN 47 60 60 GLN GLN A . n 
A 1 48 VAL 48 61 61 VAL VAL A . n 
A 1 49 LEU 49 62 62 LEU LEU A . n 
A 1 50 GLN 50 63 63 GLN GLN A . n 
A 1 51 ILE 51 64 64 ILE ILE A . n 
A 1 52 ASN 52 65 65 ASN ASN A . n 
A 1 53 GLY 53 66 66 GLY GLY A . n 
A 1 54 GLU 54 67 67 GLU GLU A . n 
A 1 55 ASN 55 68 68 ASN ASN A . n 
A 1 56 CYS 56 69 69 CYS CYS A . n 
A 1 57 ALA 57 70 70 ALA ALA A . n 
A 1 58 GLY 58 71 71 GLY GLY A . n 
A 1 59 TRP 59 72 72 TRP TRP A . n 
A 1 60 SER 60 73 73 SER SER A . n 
A 1 61 SER 61 74 74 SER SER A . n 
A 1 62 ASP 62 75 75 ASP ASP A . n 
A 1 63 LYS 63 76 76 LYS LYS A . n 
A 1 64 ALA 64 77 77 ALA ALA A . n 
A 1 65 HIS 65 78 78 HIS HIS A . n 
A 1 66 LYS 66 79 79 LYS LYS A . n 
A 1 67 VAL 67 80 80 VAL VAL A . n 
A 1 68 LEU 68 81 81 LEU LEU A . n 
A 1 69 LYS 69 82 82 LYS LYS A . n 
A 1 70 GLN 70 83 83 GLN GLN A . n 
A 1 71 ALA 71 84 ?  ?   ?   A . n 
A 1 72 PHE 72 85 ?  ?   ?   A . n 
A 1 73 GLY 73 86 ?  ?   ?   A . n 
A 1 74 GLU 74 87 87 GLU GLU A . n 
A 1 75 LYS 75 88 88 LYS LYS A . n 
A 1 76 ILE 76 89 89 ILE ILE A . n 
A 1 77 THR 77 90 90 THR THR A . n 
A 1 78 MET 78 91 91 MET MET A . n 
A 1 79 THR 79 92 92 THR THR A . n 
A 1 80 ILE 80 93 93 ILE ILE A . n 
A 1 81 ARG 81 94 94 ARG ARG A . n 
B 1 1  GLY 1  14 14 GLY GLY B . n 
B 1 2  ILE 2  15 15 ILE ILE B . n 
B 1 3  ARG 3  16 16 ARG ARG B . n 
B 1 4  GLU 4  17 17 GLU GLU B . n 
B 1 5  VAL 5  18 18 VAL VAL B . n 
B 1 6  ILE 6  19 19 ILE ILE B . n 
B 1 7  LEU 7  20 20 LEU LEU B . n 
B 1 8  CYS 8  21 21 CYS CYS B . n 
B 1 9  LYS 9  22 22 LYS LYS B . n 
B 1 10 ASP 10 23 23 ASP ASP B . n 
B 1 11 GLN 11 24 24 GLN GLN B . n 
B 1 12 ASP 12 25 25 ASP ASP B . n 
B 1 13 GLY 13 26 26 GLY GLY B . n 
B 1 14 LYS 14 27 27 LYS LYS B . n 
B 1 15 ILE 15 28 28 ILE ILE B . n 
B 1 16 GLY 16 29 29 GLY GLY B . n 
B 1 17 LEU 17 30 30 LEU LEU B . n 
B 1 18 ARG 18 31 31 ARG ARG B . n 
B 1 19 LEU 19 32 32 LEU LEU B . n 
B 1 20 LYS 20 33 33 LYS LYS B . n 
B 1 21 SER 21 34 34 SER SER B . n 
B 1 22 VAL 22 35 35 VAL VAL B . n 
B 1 23 ASP 23 36 36 ASP ASP B . n 
B 1 24 ASN 24 37 37 ASN ASN B . n 
B 1 25 GLY 25 38 38 GLY GLY B . n 
B 1 26 ILE 26 39 39 ILE ILE B . n 
B 1 27 PHE 27 40 40 PHE PHE B . n 
B 1 28 VAL 28 41 41 VAL VAL B . n 
B 1 29 GLN 29 42 42 GLN GLN B . n 
B 1 30 LEU 30 43 43 LEU LEU B . n 
B 1 31 VAL 31 44 44 VAL VAL B . n 
B 1 32 GLN 32 45 45 GLN GLN B . n 
B 1 33 ALA 33 46 46 ALA ALA B . n 
B 1 34 ASN 34 47 47 ASN ASN B . n 
B 1 35 SER 35 48 48 SER SER B . n 
B 1 36 PRO 36 49 49 PRO PRO B . n 
B 1 37 ALA 37 50 50 ALA ALA B . n 
B 1 38 SER 38 51 51 SER SER B . n 
B 1 39 LEU 39 52 52 LEU LEU B . n 
B 1 40 VAL 40 53 53 VAL VAL B . n 
B 1 41 GLY 41 54 54 GLY GLY B . n 
B 1 42 LEU 42 55 55 LEU LEU B . n 
B 1 43 ARG 43 56 56 ARG ARG B . n 
B 1 44 PHE 44 57 57 PHE PHE B . n 
B 1 45 GLY 45 58 58 GLY GLY B . n 
B 1 46 ASP 46 59 59 ASP ASP B . n 
B 1 47 GLN 47 60 60 GLN GLN B . n 
B 1 48 VAL 48 61 61 VAL VAL B . n 
B 1 49 LEU 49 62 62 LEU LEU B . n 
B 1 50 GLN 50 63 63 GLN GLN B . n 
B 1 51 ILE 51 64 64 ILE ILE B . n 
B 1 52 ASN 52 65 65 ASN ASN B . n 
B 1 53 GLY 53 66 66 GLY GLY B . n 
B 1 54 GLU 54 67 67 GLU GLU B . n 
B 1 55 ASN 55 68 68 ASN ASN B . n 
B 1 56 CYS 56 69 69 CYS CYS B . n 
B 1 57 ALA 57 70 70 ALA ALA B . n 
B 1 58 GLY 58 71 71 GLY GLY B . n 
B 1 59 TRP 59 72 72 TRP TRP B . n 
B 1 60 SER 60 73 73 SER SER B . n 
B 1 61 SER 61 74 74 SER SER B . n 
B 1 62 ASP 62 75 75 ASP ASP B . n 
B 1 63 LYS 63 76 76 LYS LYS B . n 
B 1 64 ALA 64 77 77 ALA ALA B . n 
B 1 65 HIS 65 78 78 HIS HIS B . n 
B 1 66 LYS 66 79 79 LYS LYS B . n 
B 1 67 VAL 67 80 80 VAL VAL B . n 
B 1 68 LEU 68 81 81 LEU LEU B . n 
B 1 69 LYS 69 82 82 LYS LYS B . n 
B 1 70 GLN 70 83 83 GLN GLN B . n 
B 1 71 ALA 71 84 84 ALA ALA B . n 
B 1 72 PHE 72 85 85 PHE PHE B . n 
B 1 73 GLY 73 86 86 GLY GLY B . n 
B 1 74 GLU 74 87 87 GLU GLU B . n 
B 1 75 LYS 75 88 88 LYS LYS B . n 
B 1 76 ILE 76 89 89 ILE ILE B . n 
B 1 77 THR 77 90 90 THR THR B . n 
B 1 78 MET 78 91 91 MET MET B . n 
B 1 79 THR 79 92 92 THR THR B . n 
B 1 80 ILE 80 93 93 ILE ILE B . n 
B 1 81 ARG 81 94 94 ARG ARG B . n 
C 2 1  SER 1  1  1  SER SER D . n 
C 2 2  HIS 2  2  2  HIS HIS D . n 
C 2 3  TRP 3  3  3  TRP TRP D . n 
C 2 4  TBG 4  4  4  TBG TBG D . n 
C 2 5  004 5  5  5  004 004 D . n 
C 2 6  ASP 6  6  6  ASP ASP D . n 
C 2 7  ILE 7  7  7  ILE ILE D . n 
D 2 1  SER 1  1  1  SER SER E . n 
D 2 2  HIS 2  2  2  HIS HIS E . n 
D 2 3  TRP 3  3  3  TRP TRP E . n 
D 2 4  TBG 4  4  4  TBG TBG E . n 
D 2 5  004 5  5  5  004 004 E . n 
D 2 6  ASP 6  6  6  ASP ASP E . n 
D 2 7  ILE 7  7  7  ILE ILE E . n 
# 
loop_
_pdbx_nonpoly_scheme.asym_id 
_pdbx_nonpoly_scheme.entity_id 
_pdbx_nonpoly_scheme.mon_id 
_pdbx_nonpoly_scheme.ndb_seq_num 
_pdbx_nonpoly_scheme.pdb_seq_num 
_pdbx_nonpoly_scheme.auth_seq_num 
_pdbx_nonpoly_scheme.pdb_mon_id 
_pdbx_nonpoly_scheme.auth_mon_id 
_pdbx_nonpoly_scheme.pdb_strand_id 
_pdbx_nonpoly_scheme.pdb_ins_code 
E 3 HOH 1  101 92  HOH HOH A . 
E 3 HOH 2  102 2   HOH HOH A . 
E 3 HOH 3  103 5   HOH HOH A . 
E 3 HOH 4  104 116 HOH HOH A . 
E 3 HOH 5  105 95  HOH HOH A . 
E 3 HOH 6  106 3   HOH HOH A . 
E 3 HOH 7  107 80  HOH HOH A . 
E 3 HOH 8  108 75  HOH HOH A . 
E 3 HOH 9  109 99  HOH HOH A . 
E 3 HOH 10 110 4   HOH HOH A . 
E 3 HOH 11 111 6   HOH HOH A . 
E 3 HOH 12 112 1   HOH HOH A . 
E 3 HOH 13 113 90  HOH HOH A . 
E 3 HOH 14 114 7   HOH HOH A . 
E 3 HOH 15 115 9   HOH HOH A . 
E 3 HOH 16 116 15  HOH HOH A . 
E 3 HOH 17 117 85  HOH HOH A . 
E 3 HOH 18 118 10  HOH HOH A . 
E 3 HOH 19 119 13  HOH HOH A . 
E 3 HOH 20 120 12  HOH HOH A . 
E 3 HOH 21 121 11  HOH HOH A . 
E 3 HOH 22 122 119 HOH HOH A . 
E 3 HOH 23 123 8   HOH HOH A . 
E 3 HOH 24 124 100 HOH HOH A . 
E 3 HOH 25 125 73  HOH HOH A . 
E 3 HOH 26 126 17  HOH HOH A . 
E 3 HOH 27 127 16  HOH HOH A . 
E 3 HOH 28 128 18  HOH HOH A . 
E 3 HOH 29 129 14  HOH HOH A . 
E 3 HOH 30 130 103 HOH HOH A . 
E 3 HOH 31 131 93  HOH HOH A . 
E 3 HOH 32 132 68  HOH HOH A . 
E 3 HOH 33 133 96  HOH HOH A . 
E 3 HOH 34 134 20  HOH HOH A . 
E 3 HOH 35 135 74  HOH HOH A . 
E 3 HOH 36 136 19  HOH HOH A . 
E 3 HOH 37 137 114 HOH HOH A . 
E 3 HOH 38 138 97  HOH HOH A . 
E 3 HOH 39 139 70  HOH HOH A . 
E 3 HOH 40 140 21  HOH HOH A . 
E 3 HOH 41 141 98  HOH HOH A . 
E 3 HOH 42 142 87  HOH HOH A . 
F 3 HOH 1  101 24  HOH HOH B . 
F 3 HOH 2  102 23  HOH HOH B . 
F 3 HOH 3  103 26  HOH HOH B . 
F 3 HOH 4  104 28  HOH HOH B . 
F 3 HOH 5  105 27  HOH HOH B . 
F 3 HOH 6  106 44  HOH HOH B . 
F 3 HOH 7  107 34  HOH HOH B . 
F 3 HOH 8  108 32  HOH HOH B . 
F 3 HOH 9  109 76  HOH HOH B . 
F 3 HOH 10 110 22  HOH HOH B . 
F 3 HOH 11 111 25  HOH HOH B . 
F 3 HOH 12 112 33  HOH HOH B . 
F 3 HOH 13 113 39  HOH HOH B . 
F 3 HOH 14 114 84  HOH HOH B . 
F 3 HOH 15 115 45  HOH HOH B . 
F 3 HOH 16 116 66  HOH HOH B . 
F 3 HOH 17 117 46  HOH HOH B . 
F 3 HOH 18 118 112 HOH HOH B . 
F 3 HOH 19 119 40  HOH HOH B . 
F 3 HOH 20 120 38  HOH HOH B . 
F 3 HOH 21 121 125 HOH HOH B . 
F 3 HOH 22 122 110 HOH HOH B . 
F 3 HOH 23 123 29  HOH HOH B . 
F 3 HOH 24 124 42  HOH HOH B . 
F 3 HOH 25 125 35  HOH HOH B . 
F 3 HOH 26 126 48  HOH HOH B . 
F 3 HOH 27 127 47  HOH HOH B . 
F 3 HOH 28 128 31  HOH HOH B . 
F 3 HOH 29 129 36  HOH HOH B . 
F 3 HOH 30 130 82  HOH HOH B . 
F 3 HOH 31 131 49  HOH HOH B . 
F 3 HOH 32 132 30  HOH HOH B . 
F 3 HOH 33 133 124 HOH HOH B . 
F 3 HOH 34 134 41  HOH HOH B . 
F 3 HOH 35 135 37  HOH HOH B . 
F 3 HOH 36 136 50  HOH HOH B . 
F 3 HOH 37 137 94  HOH HOH B . 
F 3 HOH 38 138 104 HOH HOH B . 
F 3 HOH 39 139 83  HOH HOH B . 
F 3 HOH 40 140 56  HOH HOH B . 
F 3 HOH 41 141 67  HOH HOH B . 
F 3 HOH 42 142 52  HOH HOH B . 
F 3 HOH 43 143 51  HOH HOH B . 
F 3 HOH 44 144 57  HOH HOH B . 
F 3 HOH 45 145 121 HOH HOH B . 
F 3 HOH 46 146 69  HOH HOH B . 
F 3 HOH 47 147 53  HOH HOH B . 
F 3 HOH 48 148 58  HOH HOH B . 
F 3 HOH 49 149 118 HOH HOH B . 
F 3 HOH 50 150 54  HOH HOH B . 
F 3 HOH 51 151 113 HOH HOH B . 
F 3 HOH 52 152 117 HOH HOH B . 
F 3 HOH 53 153 109 HOH HOH B . 
F 3 HOH 54 154 108 HOH HOH B . 
F 3 HOH 55 155 55  HOH HOH B . 
F 3 HOH 56 156 79  HOH HOH B . 
F 3 HOH 57 157 78  HOH HOH B . 
F 3 HOH 58 158 81  HOH HOH B . 
F 3 HOH 59 159 77  HOH HOH B . 
F 3 HOH 60 160 111 HOH HOH B . 
F 3 HOH 61 161 59  HOH HOH B . 
F 3 HOH 62 162 60  HOH HOH B . 
F 3 HOH 63 163 86  HOH HOH B . 
F 3 HOH 64 164 72  HOH HOH B . 
F 3 HOH 65 165 101 HOH HOH B . 
F 3 HOH 66 166 115 HOH HOH B . 
F 3 HOH 67 167 106 HOH HOH B . 
F 3 HOH 68 168 122 HOH HOH B . 
F 3 HOH 69 169 61  HOH HOH B . 
F 3 HOH 70 170 120 HOH HOH B . 
F 3 HOH 71 171 105 HOH HOH B . 
F 3 HOH 72 172 91  HOH HOH B . 
G 3 HOH 1  101 62  HOH HOH D . 
G 3 HOH 2  102 63  HOH HOH D . 
G 3 HOH 3  103 64  HOH HOH D . 
G 3 HOH 4  104 71  HOH HOH D . 
G 3 HOH 5  105 88  HOH HOH D . 
H 3 HOH 1  101 107 HOH HOH E . 
H 3 HOH 2  102 89  HOH HOH E . 
H 3 HOH 3  103 65  HOH HOH E . 
H 3 HOH 4  104 43  HOH HOH E . 
H 3 HOH 5  105 102 HOH HOH E . 
H 3 HOH 6  106 123 HOH HOH E . 
# 
loop_
_software.citation_id 
_software.classification 
_software.compiler_name 
_software.compiler_version 
_software.contact_author 
_software.contact_author_email 
_software.date 
_software.description 
_software.dependencies 
_software.hardware 
_software.language 
_software.location 
_software.mods 
_software.name 
_software.os 
_software.os_version 
_software.type 
_software.version 
_software.pdbx_ordinal 
? refinement       ? ? ? ? ? ? ? ? ? ? ? PHENIX   ? ? ? '(1.10.1_2155: ???)' 1 
? 'data reduction' ? ? ? ? ? ? ? ? ? ? ? HKL-2000 ? ? ? .                    2 
? 'data scaling'   ? ? ? ? ? ? ? ? ? ? ? HKL-2000 ? ? ? .                    3 
? phasing          ? ? ? ? ? ? ? ? ? ? ? PHENIX   ? ? ? .                    4 
# 
_cell.angle_alpha                  90.00 
_cell.angle_alpha_esd              ? 
_cell.angle_beta                   92.52 
_cell.angle_beta_esd               ? 
_cell.angle_gamma                  90.00 
_cell.angle_gamma_esd              ? 
_cell.entry_id                     6AK2 
_cell.details                      ? 
_cell.formula_units_Z              ? 
_cell.length_a                     95.580 
_cell.length_a_esd                 ? 
_cell.length_b                     38.396 
_cell.length_b_esd                 ? 
_cell.length_c                     56.777 
_cell.length_c_esd                 ? 
_cell.volume                       ? 
_cell.volume_esd                   ? 
_cell.Z_PDB                        8 
_cell.reciprocal_angle_alpha       ? 
_cell.reciprocal_angle_beta        ? 
_cell.reciprocal_angle_gamma       ? 
_cell.reciprocal_angle_alpha_esd   ? 
_cell.reciprocal_angle_beta_esd    ? 
_cell.reciprocal_angle_gamma_esd   ? 
_cell.reciprocal_length_a          ? 
_cell.reciprocal_length_b          ? 
_cell.reciprocal_length_c          ? 
_cell.reciprocal_length_a_esd      ? 
_cell.reciprocal_length_b_esd      ? 
_cell.reciprocal_length_c_esd      ? 
_cell.pdbx_unique_axis             ? 
# 
_symmetry.entry_id                         6AK2 
_symmetry.cell_setting                     ? 
_symmetry.Int_Tables_number                5 
_symmetry.space_group_name_Hall            ? 
_symmetry.space_group_name_H-M             'C 1 2 1' 
_symmetry.pdbx_full_space_group_name_H-M   ? 
# 
_exptl.absorpt_coefficient_mu     ? 
_exptl.absorpt_correction_T_max   ? 
_exptl.absorpt_correction_T_min   ? 
_exptl.absorpt_correction_type    ? 
_exptl.absorpt_process_details    ? 
_exptl.entry_id                   6AK2 
_exptl.crystals_number            1 
_exptl.details                    ? 
_exptl.method                     'X-RAY DIFFRACTION' 
_exptl.method_details             ? 
# 
_exptl_crystal.colour                      ? 
_exptl_crystal.density_diffrn              ? 
_exptl_crystal.density_Matthews            2.67 
_exptl_crystal.density_method              ? 
_exptl_crystal.density_percent_sol         58.23 
_exptl_crystal.description                 ? 
_exptl_crystal.F_000                       ? 
_exptl_crystal.id                          1 
_exptl_crystal.preparation                 ? 
_exptl_crystal.size_max                    ? 
_exptl_crystal.size_mid                    ? 
_exptl_crystal.size_min                    ? 
_exptl_crystal.size_rad                    ? 
_exptl_crystal.colour_lustre               ? 
_exptl_crystal.colour_modifier             ? 
_exptl_crystal.colour_primary              ? 
_exptl_crystal.density_meas                ? 
_exptl_crystal.density_meas_esd            ? 
_exptl_crystal.density_meas_gt             ? 
_exptl_crystal.density_meas_lt             ? 
_exptl_crystal.density_meas_temp           ? 
_exptl_crystal.density_meas_temp_esd       ? 
_exptl_crystal.density_meas_temp_gt        ? 
_exptl_crystal.density_meas_temp_lt        ? 
_exptl_crystal.pdbx_crystal_image_url      ? 
_exptl_crystal.pdbx_crystal_image_format   ? 
_exptl_crystal.pdbx_mosaicity              ? 
_exptl_crystal.pdbx_mosaicity_esd          ? 
# 
_exptl_crystal_grow.apparatus       ? 
_exptl_crystal_grow.atmosphere      ? 
_exptl_crystal_grow.crystal_id      1 
_exptl_crystal_grow.details         ? 
_exptl_crystal_grow.method          'BATCH MODE' 
_exptl_crystal_grow.method_ref      ? 
_exptl_crystal_grow.pH              ? 
_exptl_crystal_grow.pressure        ? 
_exptl_crystal_grow.pressure_esd    ? 
_exptl_crystal_grow.seeding         ? 
_exptl_crystal_grow.seeding_ref     ? 
_exptl_crystal_grow.temp            289 
_exptl_crystal_grow.temp_details    ? 
_exptl_crystal_grow.temp_esd        ? 
_exptl_crystal_grow.time            ? 
_exptl_crystal_grow.pdbx_details    
'0.2M Ammonium Sulfate, 0.1M Sodium Acetate Trihydrate (pH4.6), 30%Polythylene Glycol Monomethyl Ether 2,000.' 
_exptl_crystal_grow.pdbx_pH_range   ? 
# 
_diffrn.ambient_environment              ? 
_diffrn.ambient_temp                     77 
_diffrn.ambient_temp_details             ? 
_diffrn.ambient_temp_esd                 ? 
_diffrn.crystal_id                       1 
_diffrn.crystal_support                  ? 
_diffrn.crystal_treatment                ? 
_diffrn.details                          ? 
_diffrn.id                               1 
_diffrn.ambient_pressure                 ? 
_diffrn.ambient_pressure_esd             ? 
_diffrn.ambient_pressure_gt              ? 
_diffrn.ambient_pressure_lt              ? 
_diffrn.ambient_temp_gt                  ? 
_diffrn.ambient_temp_lt                  ? 
_diffrn.pdbx_serial_crystal_experiment   ? 
# 
_diffrn_detector.details                      ? 
_diffrn_detector.detector                     CCD 
_diffrn_detector.diffrn_id                    1 
_diffrn_detector.type                         'ADSC QUANTUM 315r' 
_diffrn_detector.area_resol_mean              ? 
_diffrn_detector.dtime                        ? 
_diffrn_detector.pdbx_frames_total            ? 
_diffrn_detector.pdbx_collection_time_total   ? 
_diffrn_detector.pdbx_collection_date         2017-07-31 
_diffrn_detector.pdbx_frequency               ? 
# 
_diffrn_radiation.collimation                      ? 
_diffrn_radiation.diffrn_id                        1 
_diffrn_radiation.filter_edge                      ? 
_diffrn_radiation.inhomogeneity                    ? 
_diffrn_radiation.monochromator                    ? 
_diffrn_radiation.polarisn_norm                    ? 
_diffrn_radiation.polarisn_ratio                   ? 
_diffrn_radiation.probe                            ? 
_diffrn_radiation.type                             ? 
_diffrn_radiation.xray_symbol                      ? 
_diffrn_radiation.wavelength_id                    1 
_diffrn_radiation.pdbx_monochromatic_or_laue_m_l   M 
_diffrn_radiation.pdbx_wavelength_list             ? 
_diffrn_radiation.pdbx_wavelength                  ? 
_diffrn_radiation.pdbx_diffrn_protocol             'SINGLE WAVELENGTH' 
_diffrn_radiation.pdbx_analyzer                    ? 
_diffrn_radiation.pdbx_scattering_type             x-ray 
# 
_diffrn_radiation_wavelength.id           1 
_diffrn_radiation_wavelength.wavelength   0.979 
_diffrn_radiation_wavelength.wt           1.0 
# 
_diffrn_source.current                     ? 
_diffrn_source.details                     ? 
_diffrn_source.diffrn_id                   1 
_diffrn_source.power                       ? 
_diffrn_source.size                        ? 
_diffrn_source.source                      SYNCHROTRON 
_diffrn_source.target                      ? 
_diffrn_source.type                        'PAL/PLS BEAMLINE 5C (4A)' 
_diffrn_source.voltage                     ? 
_diffrn_source.take-off_angle              ? 
_diffrn_source.pdbx_wavelength_list        0.979 
_diffrn_source.pdbx_wavelength             ? 
_diffrn_source.pdbx_synchrotron_beamline   '5C (4A)' 
_diffrn_source.pdbx_synchrotron_site       PAL/PLS 
# 
_reflns.B_iso_Wilson_estimate            22.63 
_reflns.entry_id                         6AK2 
_reflns.data_reduction_details           ? 
_reflns.data_reduction_method            ? 
_reflns.d_resolution_high                1.868 
_reflns.d_resolution_low                 30.393 
_reflns.details                          ? 
_reflns.limit_h_max                      ? 
_reflns.limit_h_min                      ? 
_reflns.limit_k_max                      ? 
_reflns.limit_k_min                      ? 
_reflns.limit_l_max                      ? 
_reflns.limit_l_min                      ? 
_reflns.number_all                       ? 
_reflns.number_obs                       16918 
_reflns.observed_criterion               ? 
_reflns.observed_criterion_F_max         ? 
_reflns.observed_criterion_F_min         ? 
_reflns.observed_criterion_I_max         ? 
_reflns.observed_criterion_I_min         ? 
_reflns.observed_criterion_sigma_F       ? 
_reflns.observed_criterion_sigma_I       ? 
_reflns.percent_possible_obs             97.63 
_reflns.R_free_details                   ? 
_reflns.Rmerge_F_all                     ? 
_reflns.Rmerge_F_obs                     ? 
_reflns.Friedel_coverage                 ? 
_reflns.number_gt                        ? 
_reflns.threshold_expression             ? 
_reflns.pdbx_redundancy                  5.6 
_reflns.pdbx_Rmerge_I_obs                ? 
_reflns.pdbx_Rmerge_I_all                ? 
_reflns.pdbx_Rsym_value                  ? 
_reflns.pdbx_netI_over_av_sigmaI         ? 
_reflns.pdbx_netI_over_sigmaI            42.88 
_reflns.pdbx_res_netI_over_av_sigmaI_2   ? 
_reflns.pdbx_res_netI_over_sigmaI_2      ? 
_reflns.pdbx_chi_squared                 ? 
_reflns.pdbx_scaling_rejects             ? 
_reflns.pdbx_d_res_high_opt              ? 
_reflns.pdbx_d_res_low_opt               ? 
_reflns.pdbx_d_res_opt_method            ? 
_reflns.phase_calculation_details        ? 
_reflns.pdbx_Rrim_I_all                  ? 
_reflns.pdbx_Rpim_I_all                  ? 
_reflns.pdbx_d_opt                       ? 
_reflns.pdbx_number_measured_all         ? 
_reflns.pdbx_diffrn_id                   1 
_reflns.pdbx_ordinal                     1 
_reflns.pdbx_CC_half                     ? 
_reflns.pdbx_R_split                     ? 
# 
_reflns_shell.d_res_high                  1.868 
_reflns_shell.d_res_low                   1.923 
_reflns_shell.meanI_over_sigI_all         ? 
_reflns_shell.meanI_over_sigI_obs         ? 
_reflns_shell.number_measured_all         ? 
_reflns_shell.number_measured_obs         ? 
_reflns_shell.number_possible             ? 
_reflns_shell.number_unique_all           ? 
_reflns_shell.number_unique_obs           ? 
_reflns_shell.percent_possible_all        ? 
_reflns_shell.percent_possible_obs        ? 
_reflns_shell.Rmerge_F_all                ? 
_reflns_shell.Rmerge_F_obs                ? 
_reflns_shell.Rmerge_I_all                ? 
_reflns_shell.Rmerge_I_obs                ? 
_reflns_shell.meanI_over_sigI_gt          ? 
_reflns_shell.meanI_over_uI_all           ? 
_reflns_shell.meanI_over_uI_gt            ? 
_reflns_shell.number_measured_gt          ? 
_reflns_shell.number_unique_gt            ? 
_reflns_shell.percent_possible_gt         ? 
_reflns_shell.Rmerge_F_gt                 ? 
_reflns_shell.Rmerge_I_gt                 ? 
_reflns_shell.pdbx_redundancy             ? 
_reflns_shell.pdbx_Rsym_value             ? 
_reflns_shell.pdbx_chi_squared            ? 
_reflns_shell.pdbx_netI_over_sigmaI_all   ? 
_reflns_shell.pdbx_netI_over_sigmaI_obs   ? 
_reflns_shell.pdbx_Rrim_I_all             ? 
_reflns_shell.pdbx_Rpim_I_all             ? 
_reflns_shell.pdbx_rejects                ? 
_reflns_shell.pdbx_ordinal                1 
_reflns_shell.pdbx_diffrn_id              1 
_reflns_shell.pdbx_CC_half                ? 
_reflns_shell.pdbx_R_split                ? 
# 
_refine.aniso_B[1][1]                            ? 
_refine.aniso_B[1][2]                            ? 
_refine.aniso_B[1][3]                            ? 
_refine.aniso_B[2][2]                            ? 
_refine.aniso_B[2][3]                            ? 
_refine.aniso_B[3][3]                            ? 
_refine.B_iso_max                                ? 
_refine.B_iso_mean                               ? 
_refine.B_iso_min                                ? 
_refine.correlation_coeff_Fo_to_Fc               ? 
_refine.correlation_coeff_Fo_to_Fc_free          ? 
_refine.details                                  ? 
_refine.diff_density_max                         ? 
_refine.diff_density_max_esd                     ? 
_refine.diff_density_min                         ? 
_refine.diff_density_min_esd                     ? 
_refine.diff_density_rms                         ? 
_refine.diff_density_rms_esd                     ? 
_refine.entry_id                                 6AK2 
_refine.pdbx_refine_id                           'X-RAY DIFFRACTION' 
_refine.ls_abs_structure_details                 ? 
_refine.ls_abs_structure_Flack                   ? 
_refine.ls_abs_structure_Flack_esd               ? 
_refine.ls_abs_structure_Rogers                  ? 
_refine.ls_abs_structure_Rogers_esd              ? 
_refine.ls_d_res_high                            1.868 
_refine.ls_d_res_low                             30.393 
_refine.ls_extinction_coef                       ? 
_refine.ls_extinction_coef_esd                   ? 
_refine.ls_extinction_expression                 ? 
_refine.ls_extinction_method                     ? 
_refine.ls_goodness_of_fit_all                   ? 
_refine.ls_goodness_of_fit_all_esd               ? 
_refine.ls_goodness_of_fit_obs                   ? 
_refine.ls_goodness_of_fit_obs_esd               ? 
_refine.ls_hydrogen_treatment                    ? 
_refine.ls_matrix_type                           ? 
_refine.ls_number_constraints                    ? 
_refine.ls_number_parameters                     ? 
_refine.ls_number_reflns_all                     ? 
_refine.ls_number_reflns_obs                     16918 
_refine.ls_number_reflns_R_free                  1694 
_refine.ls_number_reflns_R_work                  ? 
_refine.ls_number_restraints                     ? 
_refine.ls_percent_reflns_obs                    97.63 
_refine.ls_percent_reflns_R_free                 10.01 
_refine.ls_R_factor_all                          ? 
_refine.ls_R_factor_obs                          0.2119 
_refine.ls_R_factor_R_free                       0.2407 
_refine.ls_R_factor_R_free_error                 ? 
_refine.ls_R_factor_R_free_error_details         ? 
_refine.ls_R_factor_R_work                       0.2086 
_refine.ls_R_Fsqd_factor_obs                     ? 
_refine.ls_R_I_factor_obs                        ? 
_refine.ls_redundancy_reflns_all                 ? 
_refine.ls_redundancy_reflns_obs                 ? 
_refine.ls_restrained_S_all                      ? 
_refine.ls_restrained_S_obs                      ? 
_refine.ls_shift_over_esd_max                    ? 
_refine.ls_shift_over_esd_mean                   ? 
_refine.ls_structure_factor_coef                 ? 
_refine.ls_weighting_details                     ? 
_refine.ls_weighting_scheme                      ? 
_refine.ls_wR_factor_all                         ? 
_refine.ls_wR_factor_obs                         ? 
_refine.ls_wR_factor_R_free                      ? 
_refine.ls_wR_factor_R_work                      ? 
_refine.occupancy_max                            ? 
_refine.occupancy_min                            ? 
_refine.solvent_model_details                    ? 
_refine.solvent_model_param_bsol                 ? 
_refine.solvent_model_param_ksol                 ? 
_refine.ls_R_factor_gt                           ? 
_refine.ls_goodness_of_fit_gt                    ? 
_refine.ls_goodness_of_fit_ref                   ? 
_refine.ls_shift_over_su_max                     ? 
_refine.ls_shift_over_su_max_lt                  ? 
_refine.ls_shift_over_su_mean                    ? 
_refine.ls_shift_over_su_mean_lt                 ? 
_refine.pdbx_ls_sigma_I                          ? 
_refine.pdbx_ls_sigma_F                          1.34 
_refine.pdbx_ls_sigma_Fsqd                       ? 
_refine.pdbx_data_cutoff_high_absF               ? 
_refine.pdbx_data_cutoff_high_rms_absF           ? 
_refine.pdbx_data_cutoff_low_absF                ? 
_refine.pdbx_isotropic_thermal_model             ? 
_refine.pdbx_ls_cross_valid_method               'FREE R-VALUE' 
_refine.pdbx_method_to_determine_struct          'MOLECULAR REPLACEMENT' 
_refine.pdbx_starting_model                      1W9E 
_refine.pdbx_stereochemistry_target_values       ? 
_refine.pdbx_R_Free_selection_details            ? 
_refine.pdbx_stereochem_target_val_spec_case     ? 
_refine.pdbx_overall_ESU_R                       ? 
_refine.pdbx_overall_ESU_R_Free                  ? 
_refine.pdbx_solvent_vdw_probe_radii             1.11 
_refine.pdbx_solvent_ion_probe_radii             ? 
_refine.pdbx_solvent_shrinkage_radii             0.90 
_refine.pdbx_real_space_R                        ? 
_refine.pdbx_density_correlation                 ? 
_refine.pdbx_pd_number_of_powder_patterns        ? 
_refine.pdbx_pd_number_of_points                 ? 
_refine.pdbx_pd_meas_number_of_points            ? 
_refine.pdbx_pd_proc_ls_prof_R_factor            ? 
_refine.pdbx_pd_proc_ls_prof_wR_factor           ? 
_refine.pdbx_pd_Marquardt_correlation_coeff      ? 
_refine.pdbx_pd_Fsqrd_R_factor                   ? 
_refine.pdbx_pd_ls_matrix_band_width             ? 
_refine.pdbx_overall_phase_error                 25.89 
_refine.pdbx_overall_SU_R_free_Cruickshank_DPI   ? 
_refine.pdbx_overall_SU_R_free_Blow_DPI          ? 
_refine.pdbx_overall_SU_R_Blow_DPI               ? 
_refine.pdbx_TLS_residual_ADP_flag               ? 
_refine.pdbx_diffrn_id                           1 
_refine.overall_SU_B                             ? 
_refine.overall_SU_ML                            0.17 
_refine.overall_SU_R_Cruickshank_DPI             ? 
_refine.overall_SU_R_free                        ? 
_refine.overall_FOM_free_R_set                   ? 
_refine.overall_FOM_work_R_set                   ? 
_refine.pdbx_average_fsc_overall                 ? 
_refine.pdbx_average_fsc_work                    ? 
_refine.pdbx_average_fsc_free                    ? 
# 
_refine_hist.pdbx_refine_id                   'X-RAY DIFFRACTION' 
_refine_hist.cycle_id                         LAST 
_refine_hist.pdbx_number_atoms_protein        1346 
_refine_hist.pdbx_number_atoms_nucleic_acid   0 
_refine_hist.pdbx_number_atoms_ligand         0 
_refine_hist.number_atoms_solvent             125 
_refine_hist.number_atoms_total               1471 
_refine_hist.d_res_high                       1.868 
_refine_hist.d_res_low                        30.393 
# 
loop_
_refine_ls_restr.pdbx_refine_id 
_refine_ls_restr.criterion 
_refine_ls_restr.dev_ideal 
_refine_ls_restr.dev_ideal_target 
_refine_ls_restr.number 
_refine_ls_restr.rejects 
_refine_ls_restr.type 
_refine_ls_restr.weight 
_refine_ls_restr.pdbx_restraint_function 
'X-RAY DIFFRACTION' ? 0.007  ? 1362 ? f_bond_d           ? ? 
'X-RAY DIFFRACTION' ? 0.906  ? 1831 ? f_angle_d          ? ? 
'X-RAY DIFFRACTION' ? 17.890 ? 800  ? f_dihedral_angle_d ? ? 
'X-RAY DIFFRACTION' ? 0.062  ? 206  ? f_chiral_restr     ? ? 
'X-RAY DIFFRACTION' ? 0.005  ? 233  ? f_plane_restr      ? ? 
# 
loop_
_refine_ls_shell.pdbx_refine_id 
_refine_ls_shell.d_res_high 
_refine_ls_shell.d_res_low 
_refine_ls_shell.number_reflns_all 
_refine_ls_shell.number_reflns_obs 
_refine_ls_shell.number_reflns_R_free 
_refine_ls_shell.number_reflns_R_work 
_refine_ls_shell.percent_reflns_obs 
_refine_ls_shell.percent_reflns_R_free 
_refine_ls_shell.R_factor_all 
_refine_ls_shell.R_factor_obs 
_refine_ls_shell.R_factor_R_free 
_refine_ls_shell.R_factor_R_free_error 
_refine_ls_shell.R_factor_R_work 
_refine_ls_shell.redundancy_reflns_all 
_refine_ls_shell.redundancy_reflns_obs 
_refine_ls_shell.wR_factor_all 
_refine_ls_shell.wR_factor_obs 
_refine_ls_shell.wR_factor_R_free 
_refine_ls_shell.wR_factor_R_work 
_refine_ls_shell.pdbx_total_number_of_bins_used 
_refine_ls_shell.pdbx_phase_error 
_refine_ls_shell.pdbx_fsc_work 
_refine_ls_shell.pdbx_fsc_free 
'X-RAY DIFFRACTION' 1.8685 1.9234  . . 129 1200 93.00 . . . 0.2617 . 0.2407 . . . . . . . . . . 
'X-RAY DIFFRACTION' 1.9234 1.9855  . . 141 1263 98.00 . . . 0.2733 . 0.2096 . . . . . . . . . . 
'X-RAY DIFFRACTION' 1.9855 2.0565  . . 140 1250 98.00 . . . 0.2467 . 0.2068 . . . . . . . . . . 
'X-RAY DIFFRACTION' 2.0565 2.1388  . . 138 1291 98.00 . . . 0.2374 . 0.2131 . . . . . . . . . . 
'X-RAY DIFFRACTION' 2.1388 2.2361  . . 137 1251 98.00 . . . 0.2374 . 0.2025 . . . . . . . . . . 
'X-RAY DIFFRACTION' 2.2361 2.3539  . . 140 1269 98.00 . . . 0.2332 . 0.2087 . . . . . . . . . . 
'X-RAY DIFFRACTION' 2.3539 2.5014  . . 138 1279 99.00 . . . 0.2442 . 0.2204 . . . . . . . . . . 
'X-RAY DIFFRACTION' 2.5014 2.6944  . . 150 1269 99.00 . . . 0.2508 . 0.2187 . . . . . . . . . . 
'X-RAY DIFFRACTION' 2.6944 2.9653  . . 140 1286 99.00 . . . 0.2598 . 0.2188 . . . . . . . . . . 
'X-RAY DIFFRACTION' 2.9653 3.3939  . . 149 1295 99.00 . . . 0.2439 . 0.2069 . . . . . . . . . . 
'X-RAY DIFFRACTION' 3.3939 4.2741  . . 144 1306 99.00 . . . 0.2161 . 0.1903 . . . . . . . . . . 
'X-RAY DIFFRACTION' 4.2741 30.3973 . . 148 1265 94.00 . . . 0.2410 . 0.2111 . . . . . . . . . . 
# 
_struct.entry_id                     6AK2 
_struct.title                        
'Crystal structure of the syntenin PDZ1 domain in complex with the peptide inhibitor KSL-128018' 
_struct.pdbx_model_details           ? 
_struct.pdbx_formula_weight          ? 
_struct.pdbx_formula_weight_method   ? 
_struct.pdbx_model_type_details      ? 
_struct.pdbx_CASP_flag               N 
# 
_struct_keywords.entry_id        6AK2 
_struct_keywords.text            'Signaling protein, SIGNALING PROTEIN-INHIBITOR complex' 
_struct_keywords.pdbx_keywords   'SIGNALING PROTEIN/INHIBITOR' 
# 
loop_
_struct_asym.id 
_struct_asym.pdbx_blank_PDB_chainid_flag 
_struct_asym.pdbx_modified 
_struct_asym.entity_id 
_struct_asym.details 
A N N 1 ? 
B N N 1 ? 
C N N 2 ? 
D N N 2 ? 
E N N 3 ? 
F N N 3 ? 
G N N 3 ? 
H N N 3 ? 
# 
loop_
_struct_ref.id 
_struct_ref.db_name 
_struct_ref.db_code 
_struct_ref.pdbx_db_accession 
_struct_ref.pdbx_db_isoform 
_struct_ref.entity_id 
_struct_ref.pdbx_seq_one_letter_code 
_struct_ref.pdbx_align_begin 
1 UNP SDCB1_RAT Q9JI92 ? 1 
;GIREVILCKDQDGKIGLRLKSVDNGIFVQLVQANSPASLVGLRFGDQVLQINGENCAGWSSDKAHKVLKQAFGEKITMTI
R
;
113 
2 PDB 6AK2      6AK2   ? 2 ?                                                                                    1   
# 
loop_
_struct_ref_seq.align_id 
_struct_ref_seq.ref_id 
_struct_ref_seq.pdbx_PDB_id_code 
_struct_ref_seq.pdbx_strand_id 
_struct_ref_seq.seq_align_beg 
_struct_ref_seq.pdbx_seq_align_beg_ins_code 
_struct_ref_seq.seq_align_end 
_struct_ref_seq.pdbx_seq_align_end_ins_code 
_struct_ref_seq.pdbx_db_accession 
_struct_ref_seq.db_align_beg 
_struct_ref_seq.pdbx_db_align_beg_ins_code 
_struct_ref_seq.db_align_end 
_struct_ref_seq.pdbx_db_align_end_ins_code 
_struct_ref_seq.pdbx_auth_seq_align_beg 
_struct_ref_seq.pdbx_auth_seq_align_end 
1 1 6AK2 A 1 ? 81 ? Q9JI92 113 ? 193 ? 14 94 
2 1 6AK2 B 1 ? 81 ? Q9JI92 113 ? 193 ? 14 94 
3 2 6AK2 D 1 ? 7  ? 6AK2   1   ? 7   ? 1  7  
4 2 6AK2 E 1 ? 7  ? 6AK2   1   ? 7   ? 1  7  
# 
loop_
_pdbx_struct_assembly.id 
_pdbx_struct_assembly.details 
_pdbx_struct_assembly.method_details 
_pdbx_struct_assembly.oligomeric_details 
_pdbx_struct_assembly.oligomeric_count 
1 author_and_software_defined_assembly PISA dimeric 2 
2 author_and_software_defined_assembly PISA dimeric 2 
# 
loop_
_pdbx_struct_assembly_prop.biol_id 
_pdbx_struct_assembly_prop.type 
_pdbx_struct_assembly_prop.value 
_pdbx_struct_assembly_prop.details 
1 'ABSA (A^2)' 1190 ? 
1 MORE         -5   ? 
1 'SSA (A^2)'  5290 ? 
2 'ABSA (A^2)' 1240 ? 
2 MORE         -5   ? 
2 'SSA (A^2)'  5490 ? 
# 
loop_
_pdbx_struct_assembly_gen.assembly_id 
_pdbx_struct_assembly_gen.oper_expression 
_pdbx_struct_assembly_gen.asym_id_list 
1 1 A,C,E,G 
2 1 B,D,F,H 
# 
_pdbx_struct_assembly_auth_evidence.id                     1 
_pdbx_struct_assembly_auth_evidence.assembly_id            1 
_pdbx_struct_assembly_auth_evidence.experimental_support   'isothermal titration calorimetry' 
_pdbx_struct_assembly_auth_evidence.details                ? 
# 
_pdbx_struct_oper_list.id                   1 
_pdbx_struct_oper_list.type                 'identity operation' 
_pdbx_struct_oper_list.name                 1_555 
_pdbx_struct_oper_list.symmetry_operation   x,y,z 
_pdbx_struct_oper_list.matrix[1][1]         1.0000000000 
_pdbx_struct_oper_list.matrix[1][2]         0.0000000000 
_pdbx_struct_oper_list.matrix[1][3]         0.0000000000 
_pdbx_struct_oper_list.vector[1]            0.0000000000 
_pdbx_struct_oper_list.matrix[2][1]         0.0000000000 
_pdbx_struct_oper_list.matrix[2][2]         1.0000000000 
_pdbx_struct_oper_list.matrix[2][3]         0.0000000000 
_pdbx_struct_oper_list.vector[2]            0.0000000000 
_pdbx_struct_oper_list.matrix[3][1]         0.0000000000 
_pdbx_struct_oper_list.matrix[3][2]         0.0000000000 
_pdbx_struct_oper_list.matrix[3][3]         1.0000000000 
_pdbx_struct_oper_list.vector[3]            0.0000000000 
# 
loop_
_struct_conf.conf_type_id 
_struct_conf.id 
_struct_conf.pdbx_PDB_helix_id 
_struct_conf.beg_label_comp_id 
_struct_conf.beg_label_asym_id 
_struct_conf.beg_label_seq_id 
_struct_conf.pdbx_beg_PDB_ins_code 
_struct_conf.end_label_comp_id 
_struct_conf.end_label_asym_id 
_struct_conf.end_label_seq_id 
_struct_conf.pdbx_end_PDB_ins_code 
_struct_conf.beg_auth_comp_id 
_struct_conf.beg_auth_asym_id 
_struct_conf.beg_auth_seq_id 
_struct_conf.end_auth_comp_id 
_struct_conf.end_auth_asym_id 
_struct_conf.end_auth_seq_id 
_struct_conf.pdbx_PDB_helix_class 
_struct_conf.details 
_struct_conf.pdbx_PDB_helix_length 
HELX_P HELX_P1 AA1 SER A 35 ? VAL A 40 ? SER A 48 VAL A 53 1 ? 6  
HELX_P HELX_P2 AA2 SER A 60 ? LYS A 69 ? SER A 73 LYS A 82 1 ? 10 
HELX_P HELX_P3 AA3 SER B 35 ? VAL B 40 ? SER B 48 VAL B 53 1 ? 6  
HELX_P HELX_P4 AA4 SER B 60 ? LYS B 69 ? SER B 73 LYS B 82 1 ? 10 
# 
_struct_conf_type.id          HELX_P 
_struct_conf_type.criteria    ? 
_struct_conf_type.reference   ? 
# 
loop_
_struct_conn.id 
_struct_conn.conn_type_id 
_struct_conn.pdbx_leaving_atom_flag 
_struct_conn.pdbx_PDB_id 
_struct_conn.ptnr1_label_asym_id 
_struct_conn.ptnr1_label_comp_id 
_struct_conn.ptnr1_label_seq_id 
_struct_conn.ptnr1_label_atom_id 
_struct_conn.pdbx_ptnr1_label_alt_id 
_struct_conn.pdbx_ptnr1_PDB_ins_code 
_struct_conn.pdbx_ptnr1_standard_comp_id 
_struct_conn.ptnr1_symmetry 
_struct_conn.ptnr2_label_asym_id 
_struct_conn.ptnr2_label_comp_id 
_struct_conn.ptnr2_label_seq_id 
_struct_conn.ptnr2_label_atom_id 
_struct_conn.pdbx_ptnr2_label_alt_id 
_struct_conn.pdbx_ptnr2_PDB_ins_code 
_struct_conn.ptnr1_auth_asym_id 
_struct_conn.ptnr1_auth_comp_id 
_struct_conn.ptnr1_auth_seq_id 
_struct_conn.ptnr2_auth_asym_id 
_struct_conn.ptnr2_auth_comp_id 
_struct_conn.ptnr2_auth_seq_id 
_struct_conn.ptnr2_symmetry 
_struct_conn.pdbx_ptnr3_label_atom_id 
_struct_conn.pdbx_ptnr3_label_seq_id 
_struct_conn.pdbx_ptnr3_label_comp_id 
_struct_conn.pdbx_ptnr3_label_asym_id 
_struct_conn.pdbx_ptnr3_label_alt_id 
_struct_conn.pdbx_ptnr3_PDB_ins_code 
_struct_conn.details 
_struct_conn.pdbx_dist_value 
_struct_conn.pdbx_value_order 
_struct_conn.pdbx_role 
covale1 covale both ? C TRP 3 C ? ? ? 1_555 C TBG 4 N ? ? D TRP 3 D TBG 4 1_555 ? ? ? ? ? ? ? 1.329 ? ? 
covale2 covale both ? C TBG 4 C ? ? ? 1_555 C 004 5 N ? ? D TBG 4 D 004 5 1_555 ? ? ? ? ? ? ? 1.332 ? ? 
covale3 covale both ? C 004 5 C ? ? ? 1_555 C ASP 6 N ? ? D 004 5 D ASP 6 1_555 ? ? ? ? ? ? ? 1.331 ? ? 
covale4 covale both ? D TRP 3 C ? ? ? 1_555 D TBG 4 N ? ? E TRP 3 E TBG 4 1_555 ? ? ? ? ? ? ? 1.333 ? ? 
covale5 covale both ? D TBG 4 C ? ? ? 1_555 D 004 5 N ? ? E TBG 4 E 004 5 1_555 ? ? ? ? ? ? ? 1.335 ? ? 
covale6 covale both ? D 004 5 C ? ? ? 1_555 D ASP 6 N ? ? E 004 5 E ASP 6 1_555 ? ? ? ? ? ? ? 1.330 ? ? 
# 
_struct_conn_type.id          covale 
_struct_conn_type.criteria    ? 
_struct_conn_type.reference   ? 
# 
loop_
_pdbx_modification_feature.ordinal 
_pdbx_modification_feature.label_comp_id 
_pdbx_modification_feature.label_asym_id 
_pdbx_modification_feature.label_seq_id 
_pdbx_modification_feature.label_alt_id 
_pdbx_modification_feature.modified_residue_label_comp_id 
_pdbx_modification_feature.modified_residue_label_asym_id 
_pdbx_modification_feature.modified_residue_label_seq_id 
_pdbx_modification_feature.modified_residue_label_alt_id 
_pdbx_modification_feature.auth_comp_id 
_pdbx_modification_feature.auth_asym_id 
_pdbx_modification_feature.auth_seq_id 
_pdbx_modification_feature.PDB_ins_code 
_pdbx_modification_feature.symmetry 
_pdbx_modification_feature.modified_residue_auth_comp_id 
_pdbx_modification_feature.modified_residue_auth_asym_id 
_pdbx_modification_feature.modified_residue_auth_seq_id 
_pdbx_modification_feature.modified_residue_PDB_ins_code 
_pdbx_modification_feature.modified_residue_symmetry 
_pdbx_modification_feature.comp_id_linking_atom 
_pdbx_modification_feature.modified_residue_id_linking_atom 
_pdbx_modification_feature.modified_residue_id 
_pdbx_modification_feature.ref_pcm_id 
_pdbx_modification_feature.ref_comp_id 
_pdbx_modification_feature.type 
_pdbx_modification_feature.category 
1 TBG C 4 ? . . . . TBG D 4 ? 1_555 . . . . . . . VAL 1 TBG Methylation 'Named protein modification' 
2 TBG D 4 ? . . . . TBG E 4 ? 1_555 . . . . . . . VAL 1 TBG Methylation 'Named protein modification' 
3 004 C 5 ? . . . . 004 D 5 ? 1_555 . . . . . . . ?   1 004 None        'Non-standard residue'       
4 004 D 5 ? . . . . 004 E 5 ? 1_555 . . . . . . . ?   1 004 None        'Non-standard residue'       
# 
loop_
_struct_sheet.id 
_struct_sheet.type 
_struct_sheet.number_strands 
_struct_sheet.details 
AA1 ? 8 ? 
AA2 ? 5 ? 
AA3 ? 3 ? 
# 
loop_
_struct_sheet_order.sheet_id 
_struct_sheet_order.range_id_1 
_struct_sheet_order.range_id_2 
_struct_sheet_order.offset 
_struct_sheet_order.sense 
AA1 1 2 ? anti-parallel 
AA1 2 3 ? anti-parallel 
AA1 3 4 ? anti-parallel 
AA1 4 5 ? parallel      
AA1 5 6 ? anti-parallel 
AA1 6 7 ? anti-parallel 
AA1 7 8 ? anti-parallel 
AA2 1 2 ? anti-parallel 
AA2 2 3 ? anti-parallel 
AA2 3 4 ? anti-parallel 
AA2 4 5 ? anti-parallel 
AA3 1 2 ? anti-parallel 
AA3 2 3 ? anti-parallel 
# 
loop_
_struct_sheet_range.sheet_id 
_struct_sheet_range.id 
_struct_sheet_range.beg_label_comp_id 
_struct_sheet_range.beg_label_asym_id 
_struct_sheet_range.beg_label_seq_id 
_struct_sheet_range.pdbx_beg_PDB_ins_code 
_struct_sheet_range.end_label_comp_id 
_struct_sheet_range.end_label_asym_id 
_struct_sheet_range.end_label_seq_id 
_struct_sheet_range.pdbx_end_PDB_ins_code 
_struct_sheet_range.beg_auth_comp_id 
_struct_sheet_range.beg_auth_asym_id 
_struct_sheet_range.beg_auth_seq_id 
_struct_sheet_range.end_auth_comp_id 
_struct_sheet_range.end_auth_asym_id 
_struct_sheet_range.end_auth_seq_id 
AA1 1 GLU A 54 ? ASN A 55 ? GLU A 67 ASN A 68 
AA1 2 GLN A 47 ? ILE A 51 ? GLN A 60 ILE A 64 
AA1 3 LYS A 75 ? ARG A 81 ? LYS A 88 ARG A 94 
AA1 4 ARG A 3  ? CYS A 8  ? ARG A 16 CYS A 21 
AA1 5 ARG B 3  ? CYS B 8  ? ARG B 16 CYS B 21 
AA1 6 LYS B 75 ? ARG B 81 ? LYS B 88 ARG B 94 
AA1 7 GLN B 47 ? ILE B 51 ? GLN B 60 ILE B 64 
AA1 8 GLU B 54 ? ASN B 55 ? GLU B 67 ASN B 68 
AA2 1 GLU A 54 ? ASN A 55 ? GLU A 67 ASN A 68 
AA2 2 GLN A 47 ? ILE A 51 ? GLN A 60 ILE A 64 
AA2 3 ILE A 26 ? VAL A 31 ? ILE A 39 VAL A 44 
AA2 4 LEU A 17 ? SER A 21 ? LEU A 30 SER A 34 
AA2 5 TBG C 4  ? ASP C 6  ? TBG D 4  ASP D 6  
AA3 1 GLY B 25 ? VAL B 31 ? GLY B 38 VAL B 44 
AA3 2 LEU B 17 ? VAL B 22 ? LEU B 30 VAL B 35 
AA3 3 TRP D 3  ? ASP D 6  ? TRP E 3  ASP E 6  
# 
loop_
_pdbx_struct_sheet_hbond.sheet_id 
_pdbx_struct_sheet_hbond.range_id_1 
_pdbx_struct_sheet_hbond.range_id_2 
_pdbx_struct_sheet_hbond.range_1_label_atom_id 
_pdbx_struct_sheet_hbond.range_1_label_comp_id 
_pdbx_struct_sheet_hbond.range_1_label_asym_id 
_pdbx_struct_sheet_hbond.range_1_label_seq_id 
_pdbx_struct_sheet_hbond.range_1_PDB_ins_code 
_pdbx_struct_sheet_hbond.range_1_auth_atom_id 
_pdbx_struct_sheet_hbond.range_1_auth_comp_id 
_pdbx_struct_sheet_hbond.range_1_auth_asym_id 
_pdbx_struct_sheet_hbond.range_1_auth_seq_id 
_pdbx_struct_sheet_hbond.range_2_label_atom_id 
_pdbx_struct_sheet_hbond.range_2_label_comp_id 
_pdbx_struct_sheet_hbond.range_2_label_asym_id 
_pdbx_struct_sheet_hbond.range_2_label_seq_id 
_pdbx_struct_sheet_hbond.range_2_PDB_ins_code 
_pdbx_struct_sheet_hbond.range_2_auth_atom_id 
_pdbx_struct_sheet_hbond.range_2_auth_comp_id 
_pdbx_struct_sheet_hbond.range_2_auth_asym_id 
_pdbx_struct_sheet_hbond.range_2_auth_seq_id 
AA1 1 2 O GLU A 54 ? O GLU A 67 N ILE A 51 ? N ILE A 64 
AA1 2 3 N LEU A 49 ? N LEU A 62 O THR A 79 ? O THR A 92 
AA1 3 4 O ILE A 76 ? O ILE A 89 N LEU A 7  ? N LEU A 20 
AA1 4 5 N ILE A 6  ? N ILE A 19 O GLU B 4  ? O GLU B 17 
AA1 5 6 N LEU B 7  ? N LEU B 20 O ILE B 76 ? O ILE B 89 
AA1 6 7 O ARG B 81 ? O ARG B 94 N GLN B 47 ? N GLN B 60 
AA1 7 8 N ILE B 51 ? N ILE B 64 O GLU B 54 ? O GLU B 67 
AA2 1 2 O GLU A 54 ? O GLU A 67 N ILE A 51 ? N ILE A 64 
AA2 2 3 O VAL A 48 ? O VAL A 61 N ILE A 26 ? N ILE A 39 
AA2 3 4 O GLN A 29 ? O GLN A 42 N ARG A 18 ? N ARG A 31 
AA2 4 5 N LEU A 19 ? N LEU A 32 O 004 C 5  ? O 004 D 5  
AA3 1 2 O GLN B 29 ? O GLN B 42 N ARG B 18 ? N ARG B 31 
AA3 2 3 N SER B 21 ? N SER B 34 O TRP D 3  ? O TRP E 3  
# 
_pdbx_entry_details.entry_id                   6AK2 
_pdbx_entry_details.compound_details           ? 
_pdbx_entry_details.source_details             ? 
_pdbx_entry_details.nonpolymer_details         ? 
_pdbx_entry_details.sequence_details           ? 
_pdbx_entry_details.has_ligand_of_interest     ? 
_pdbx_entry_details.has_protein_modification   Y 
# 
loop_
_pdbx_validate_close_contact.id 
_pdbx_validate_close_contact.PDB_model_num 
_pdbx_validate_close_contact.auth_atom_id_1 
_pdbx_validate_close_contact.auth_asym_id_1 
_pdbx_validate_close_contact.auth_comp_id_1 
_pdbx_validate_close_contact.auth_seq_id_1 
_pdbx_validate_close_contact.PDB_ins_code_1 
_pdbx_validate_close_contact.label_alt_id_1 
_pdbx_validate_close_contact.auth_atom_id_2 
_pdbx_validate_close_contact.auth_asym_id_2 
_pdbx_validate_close_contact.auth_comp_id_2 
_pdbx_validate_close_contact.auth_seq_id_2 
_pdbx_validate_close_contact.PDB_ins_code_2 
_pdbx_validate_close_contact.label_alt_id_2 
_pdbx_validate_close_contact.dist 
1  1 HG  E SER 1   ? ? O   E HOH 101 ? ? 1.47 
2  1 O   A HOH 109 ? ? O   A HOH 141 ? ? 1.82 
3  1 O   B HOH 152 ? ? O   B HOH 159 ? ? 1.85 
4  1 OG  E SER 1   ? ? O   E HOH 101 ? ? 1.94 
5  1 O   B HOH 156 ? ? O   B HOH 163 ? ? 1.96 
6  1 OE1 B GLU 17  ? ? OG1 B THR 92  ? ? 1.98 
7  1 O   A HOH 107 ? ? O   B HOH 128 ? ? 2.00 
8  1 O   B HOH 131 ? ? O   B HOH 152 ? ? 2.04 
9  1 O   E SER 1   ? ? O   E HOH 102 ? ? 2.13 
10 1 O   B HOH 149 ? ? O   B HOH 156 ? ? 2.17 
# 
loop_
_pdbx_validate_torsion.id 
_pdbx_validate_torsion.PDB_model_num 
_pdbx_validate_torsion.auth_comp_id 
_pdbx_validate_torsion.auth_asym_id 
_pdbx_validate_torsion.auth_seq_id 
_pdbx_validate_torsion.PDB_ins_code 
_pdbx_validate_torsion.label_alt_id 
_pdbx_validate_torsion.phi 
_pdbx_validate_torsion.psi 
1 1 ASP A 36 ? ? -25.40  117.42  
2 1 HIS D 2  ? ? -171.32 -167.15 
3 1 HIS E 2  ? ? -87.01  -72.38  
# 
loop_
_pdbx_unobs_or_zero_occ_residues.id 
_pdbx_unobs_or_zero_occ_residues.PDB_model_num 
_pdbx_unobs_or_zero_occ_residues.polymer_flag 
_pdbx_unobs_or_zero_occ_residues.occupancy_flag 
_pdbx_unobs_or_zero_occ_residues.auth_asym_id 
_pdbx_unobs_or_zero_occ_residues.auth_comp_id 
_pdbx_unobs_or_zero_occ_residues.auth_seq_id 
_pdbx_unobs_or_zero_occ_residues.PDB_ins_code 
_pdbx_unobs_or_zero_occ_residues.label_asym_id 
_pdbx_unobs_or_zero_occ_residues.label_comp_id 
_pdbx_unobs_or_zero_occ_residues.label_seq_id 
1 1 Y 1 A ALA 84 ? A ALA 71 
2 1 Y 1 A PHE 85 ? A PHE 72 
3 1 Y 1 A GLY 86 ? A GLY 73 
# 
loop_
_chem_comp_atom.comp_id 
_chem_comp_atom.atom_id 
_chem_comp_atom.type_symbol 
_chem_comp_atom.pdbx_aromatic_flag 
_chem_comp_atom.pdbx_stereo_config 
_chem_comp_atom.pdbx_ordinal 
004 C    C N N 1   
004 N    N N N 2   
004 O    O N N 3   
004 CA   C N S 4   
004 CB   C Y N 5   
004 CE   C Y N 6   
004 CD1  C Y N 7   
004 CD2  C Y N 8   
004 CG1  C Y N 9   
004 CG2  C Y N 10  
004 OXT  O N N 11  
004 H    H N N 12  
004 H2   H N N 13  
004 HA   H N N 14  
004 HE   H N N 15  
004 HD1  H N N 16  
004 HD2  H N N 17  
004 HG1  H N N 18  
004 HG2  H N N 19  
004 HXT  H N N 20  
ALA N    N N N 21  
ALA CA   C N S 22  
ALA C    C N N 23  
ALA O    O N N 24  
ALA CB   C N N 25  
ALA OXT  O N N 26  
ALA H    H N N 27  
ALA H2   H N N 28  
ALA HA   H N N 29  
ALA HB1  H N N 30  
ALA HB2  H N N 31  
ALA HB3  H N N 32  
ALA HXT  H N N 33  
ARG N    N N N 34  
ARG CA   C N S 35  
ARG C    C N N 36  
ARG O    O N N 37  
ARG CB   C N N 38  
ARG CG   C N N 39  
ARG CD   C N N 40  
ARG NE   N N N 41  
ARG CZ   C N N 42  
ARG NH1  N N N 43  
ARG NH2  N N N 44  
ARG OXT  O N N 45  
ARG H    H N N 46  
ARG H2   H N N 47  
ARG HA   H N N 48  
ARG HB2  H N N 49  
ARG HB3  H N N 50  
ARG HG2  H N N 51  
ARG HG3  H N N 52  
ARG HD2  H N N 53  
ARG HD3  H N N 54  
ARG HE   H N N 55  
ARG HH11 H N N 56  
ARG HH12 H N N 57  
ARG HH21 H N N 58  
ARG HH22 H N N 59  
ARG HXT  H N N 60  
ASN N    N N N 61  
ASN CA   C N S 62  
ASN C    C N N 63  
ASN O    O N N 64  
ASN CB   C N N 65  
ASN CG   C N N 66  
ASN OD1  O N N 67  
ASN ND2  N N N 68  
ASN OXT  O N N 69  
ASN H    H N N 70  
ASN H2   H N N 71  
ASN HA   H N N 72  
ASN HB2  H N N 73  
ASN HB3  H N N 74  
ASN HD21 H N N 75  
ASN HD22 H N N 76  
ASN HXT  H N N 77  
ASP N    N N N 78  
ASP CA   C N S 79  
ASP C    C N N 80  
ASP O    O N N 81  
ASP CB   C N N 82  
ASP CG   C N N 83  
ASP OD1  O N N 84  
ASP OD2  O N N 85  
ASP OXT  O N N 86  
ASP H    H N N 87  
ASP H2   H N N 88  
ASP HA   H N N 89  
ASP HB2  H N N 90  
ASP HB3  H N N 91  
ASP HD2  H N N 92  
ASP HXT  H N N 93  
CYS N    N N N 94  
CYS CA   C N R 95  
CYS C    C N N 96  
CYS O    O N N 97  
CYS CB   C N N 98  
CYS SG   S N N 99  
CYS OXT  O N N 100 
CYS H    H N N 101 
CYS H2   H N N 102 
CYS HA   H N N 103 
CYS HB2  H N N 104 
CYS HB3  H N N 105 
CYS HG   H N N 106 
CYS HXT  H N N 107 
GLN N    N N N 108 
GLN CA   C N S 109 
GLN C    C N N 110 
GLN O    O N N 111 
GLN CB   C N N 112 
GLN CG   C N N 113 
GLN CD   C N N 114 
GLN OE1  O N N 115 
GLN NE2  N N N 116 
GLN OXT  O N N 117 
GLN H    H N N 118 
GLN H2   H N N 119 
GLN HA   H N N 120 
GLN HB2  H N N 121 
GLN HB3  H N N 122 
GLN HG2  H N N 123 
GLN HG3  H N N 124 
GLN HE21 H N N 125 
GLN HE22 H N N 126 
GLN HXT  H N N 127 
GLU N    N N N 128 
GLU CA   C N S 129 
GLU C    C N N 130 
GLU O    O N N 131 
GLU CB   C N N 132 
GLU CG   C N N 133 
GLU CD   C N N 134 
GLU OE1  O N N 135 
GLU OE2  O N N 136 
GLU OXT  O N N 137 
GLU H    H N N 138 
GLU H2   H N N 139 
GLU HA   H N N 140 
GLU HB2  H N N 141 
GLU HB3  H N N 142 
GLU HG2  H N N 143 
GLU HG3  H N N 144 
GLU HE2  H N N 145 
GLU HXT  H N N 146 
GLY N    N N N 147 
GLY CA   C N N 148 
GLY C    C N N 149 
GLY O    O N N 150 
GLY OXT  O N N 151 
GLY H    H N N 152 
GLY H2   H N N 153 
GLY HA2  H N N 154 
GLY HA3  H N N 155 
GLY HXT  H N N 156 
HIS N    N N N 157 
HIS CA   C N S 158 
HIS C    C N N 159 
HIS O    O N N 160 
HIS CB   C N N 161 
HIS CG   C Y N 162 
HIS ND1  N Y N 163 
HIS CD2  C Y N 164 
HIS CE1  C Y N 165 
HIS NE2  N Y N 166 
HIS OXT  O N N 167 
HIS H    H N N 168 
HIS H2   H N N 169 
HIS HA   H N N 170 
HIS HB2  H N N 171 
HIS HB3  H N N 172 
HIS HD1  H N N 173 
HIS HD2  H N N 174 
HIS HE1  H N N 175 
HIS HE2  H N N 176 
HIS HXT  H N N 177 
HOH O    O N N 178 
HOH H1   H N N 179 
HOH H2   H N N 180 
ILE N    N N N 181 
ILE CA   C N S 182 
ILE C    C N N 183 
ILE O    O N N 184 
ILE CB   C N S 185 
ILE CG1  C N N 186 
ILE CG2  C N N 187 
ILE CD1  C N N 188 
ILE OXT  O N N 189 
ILE H    H N N 190 
ILE H2   H N N 191 
ILE HA   H N N 192 
ILE HB   H N N 193 
ILE HG12 H N N 194 
ILE HG13 H N N 195 
ILE HG21 H N N 196 
ILE HG22 H N N 197 
ILE HG23 H N N 198 
ILE HD11 H N N 199 
ILE HD12 H N N 200 
ILE HD13 H N N 201 
ILE HXT  H N N 202 
LEU N    N N N 203 
LEU CA   C N S 204 
LEU C    C N N 205 
LEU O    O N N 206 
LEU CB   C N N 207 
LEU CG   C N N 208 
LEU CD1  C N N 209 
LEU CD2  C N N 210 
LEU OXT  O N N 211 
LEU H    H N N 212 
LEU H2   H N N 213 
LEU HA   H N N 214 
LEU HB2  H N N 215 
LEU HB3  H N N 216 
LEU HG   H N N 217 
LEU HD11 H N N 218 
LEU HD12 H N N 219 
LEU HD13 H N N 220 
LEU HD21 H N N 221 
LEU HD22 H N N 222 
LEU HD23 H N N 223 
LEU HXT  H N N 224 
LYS N    N N N 225 
LYS CA   C N S 226 
LYS C    C N N 227 
LYS O    O N N 228 
LYS CB   C N N 229 
LYS CG   C N N 230 
LYS CD   C N N 231 
LYS CE   C N N 232 
LYS NZ   N N N 233 
LYS OXT  O N N 234 
LYS H    H N N 235 
LYS H2   H N N 236 
LYS HA   H N N 237 
LYS HB2  H N N 238 
LYS HB3  H N N 239 
LYS HG2  H N N 240 
LYS HG3  H N N 241 
LYS HD2  H N N 242 
LYS HD3  H N N 243 
LYS HE2  H N N 244 
LYS HE3  H N N 245 
LYS HZ1  H N N 246 
LYS HZ2  H N N 247 
LYS HZ3  H N N 248 
LYS HXT  H N N 249 
MET N    N N N 250 
MET CA   C N S 251 
MET C    C N N 252 
MET O    O N N 253 
MET CB   C N N 254 
MET CG   C N N 255 
MET SD   S N N 256 
MET CE   C N N 257 
MET OXT  O N N 258 
MET H    H N N 259 
MET H2   H N N 260 
MET HA   H N N 261 
MET HB2  H N N 262 
MET HB3  H N N 263 
MET HG2  H N N 264 
MET HG3  H N N 265 
MET HE1  H N N 266 
MET HE2  H N N 267 
MET HE3  H N N 268 
MET HXT  H N N 269 
PHE N    N N N 270 
PHE CA   C N S 271 
PHE C    C N N 272 
PHE O    O N N 273 
PHE CB   C N N 274 
PHE CG   C Y N 275 
PHE CD1  C Y N 276 
PHE CD2  C Y N 277 
PHE CE1  C Y N 278 
PHE CE2  C Y N 279 
PHE CZ   C Y N 280 
PHE OXT  O N N 281 
PHE H    H N N 282 
PHE H2   H N N 283 
PHE HA   H N N 284 
PHE HB2  H N N 285 
PHE HB3  H N N 286 
PHE HD1  H N N 287 
PHE HD2  H N N 288 
PHE HE1  H N N 289 
PHE HE2  H N N 290 
PHE HZ   H N N 291 
PHE HXT  H N N 292 
PRO N    N N N 293 
PRO CA   C N S 294 
PRO C    C N N 295 
PRO O    O N N 296 
PRO CB   C N N 297 
PRO CG   C N N 298 
PRO CD   C N N 299 
PRO OXT  O N N 300 
PRO H    H N N 301 
PRO HA   H N N 302 
PRO HB2  H N N 303 
PRO HB3  H N N 304 
PRO HG2  H N N 305 
PRO HG3  H N N 306 
PRO HD2  H N N 307 
PRO HD3  H N N 308 
PRO HXT  H N N 309 
SER N    N N N 310 
SER CA   C N S 311 
SER C    C N N 312 
SER O    O N N 313 
SER CB   C N N 314 
SER OG   O N N 315 
SER OXT  O N N 316 
SER H    H N N 317 
SER H2   H N N 318 
SER HA   H N N 319 
SER HB2  H N N 320 
SER HB3  H N N 321 
SER HG   H N N 322 
SER HXT  H N N 323 
TBG N    N N N 324 
TBG CA   C N S 325 
TBG CB   C N N 326 
TBG CG1  C N N 327 
TBG CG2  C N N 328 
TBG CG3  C N N 329 
TBG C    C N N 330 
TBG O    O N N 331 
TBG OXT  O N N 332 
TBG H    H N N 333 
TBG H2   H N N 334 
TBG HA   H N N 335 
TBG HG11 H N N 336 
TBG HG12 H N N 337 
TBG HG13 H N N 338 
TBG HG21 H N N 339 
TBG HG22 H N N 340 
TBG HG23 H N N 341 
TBG HG31 H N N 342 
TBG HG32 H N N 343 
TBG HG33 H N N 344 
TBG HXT  H N N 345 
THR N    N N N 346 
THR CA   C N S 347 
THR C    C N N 348 
THR O    O N N 349 
THR CB   C N R 350 
THR OG1  O N N 351 
THR CG2  C N N 352 
THR OXT  O N N 353 
THR H    H N N 354 
THR H2   H N N 355 
THR HA   H N N 356 
THR HB   H N N 357 
THR HG1  H N N 358 
THR HG21 H N N 359 
THR HG22 H N N 360 
THR HG23 H N N 361 
THR HXT  H N N 362 
TRP N    N N N 363 
TRP CA   C N S 364 
TRP C    C N N 365 
TRP O    O N N 366 
TRP CB   C N N 367 
TRP CG   C Y N 368 
TRP CD1  C Y N 369 
TRP CD2  C Y N 370 
TRP NE1  N Y N 371 
TRP CE2  C Y N 372 
TRP CE3  C Y N 373 
TRP CZ2  C Y N 374 
TRP CZ3  C Y N 375 
TRP CH2  C Y N 376 
TRP OXT  O N N 377 
TRP H    H N N 378 
TRP H2   H N N 379 
TRP HA   H N N 380 
TRP HB2  H N N 381 
TRP HB3  H N N 382 
TRP HD1  H N N 383 
TRP HE1  H N N 384 
TRP HE3  H N N 385 
TRP HZ2  H N N 386 
TRP HZ3  H N N 387 
TRP HH2  H N N 388 
TRP HXT  H N N 389 
VAL N    N N N 390 
VAL CA   C N S 391 
VAL C    C N N 392 
VAL O    O N N 393 
VAL CB   C N N 394 
VAL CG1  C N N 395 
VAL CG2  C N N 396 
VAL OXT  O N N 397 
VAL H    H N N 398 
VAL H2   H N N 399 
VAL HA   H N N 400 
VAL HB   H N N 401 
VAL HG11 H N N 402 
VAL HG12 H N N 403 
VAL HG13 H N N 404 
VAL HG21 H N N 405 
VAL HG22 H N N 406 
VAL HG23 H N N 407 
VAL HXT  H N N 408 
# 
loop_
_chem_comp_bond.comp_id 
_chem_comp_bond.atom_id_1 
_chem_comp_bond.atom_id_2 
_chem_comp_bond.value_order 
_chem_comp_bond.pdbx_aromatic_flag 
_chem_comp_bond.pdbx_stereo_config 
_chem_comp_bond.pdbx_ordinal 
004 C   O    doub N N 1   
004 C   OXT  sing N N 2   
004 N   H    sing N N 3   
004 N   H2   sing N N 4   
004 CA  C    sing N N 5   
004 CA  N    sing N N 6   
004 CA  CB   sing N N 7   
004 CA  HA   sing N N 8   
004 CB  CG1  sing Y N 9   
004 CE  CD1  sing Y N 10  
004 CE  HE   sing N N 11  
004 CD1 HD1  sing N N 12  
004 CD2 CE   doub Y N 13  
004 CD2 HD2  sing N N 14  
004 CG1 CD1  doub Y N 15  
004 CG1 HG1  sing N N 16  
004 CG2 CB   doub Y N 17  
004 CG2 CD2  sing Y N 18  
004 CG2 HG2  sing N N 19  
004 OXT HXT  sing N N 20  
ALA N   CA   sing N N 21  
ALA N   H    sing N N 22  
ALA N   H2   sing N N 23  
ALA CA  C    sing N N 24  
ALA CA  CB   sing N N 25  
ALA CA  HA   sing N N 26  
ALA C   O    doub N N 27  
ALA C   OXT  sing N N 28  
ALA CB  HB1  sing N N 29  
ALA CB  HB2  sing N N 30  
ALA CB  HB3  sing N N 31  
ALA OXT HXT  sing N N 32  
ARG N   CA   sing N N 33  
ARG N   H    sing N N 34  
ARG N   H2   sing N N 35  
ARG CA  C    sing N N 36  
ARG CA  CB   sing N N 37  
ARG CA  HA   sing N N 38  
ARG C   O    doub N N 39  
ARG C   OXT  sing N N 40  
ARG CB  CG   sing N N 41  
ARG CB  HB2  sing N N 42  
ARG CB  HB3  sing N N 43  
ARG CG  CD   sing N N 44  
ARG CG  HG2  sing N N 45  
ARG CG  HG3  sing N N 46  
ARG CD  NE   sing N N 47  
ARG CD  HD2  sing N N 48  
ARG CD  HD3  sing N N 49  
ARG NE  CZ   sing N N 50  
ARG NE  HE   sing N N 51  
ARG CZ  NH1  sing N N 52  
ARG CZ  NH2  doub N N 53  
ARG NH1 HH11 sing N N 54  
ARG NH1 HH12 sing N N 55  
ARG NH2 HH21 sing N N 56  
ARG NH2 HH22 sing N N 57  
ARG OXT HXT  sing N N 58  
ASN N   CA   sing N N 59  
ASN N   H    sing N N 60  
ASN N   H2   sing N N 61  
ASN CA  C    sing N N 62  
ASN CA  CB   sing N N 63  
ASN CA  HA   sing N N 64  
ASN C   O    doub N N 65  
ASN C   OXT  sing N N 66  
ASN CB  CG   sing N N 67  
ASN CB  HB2  sing N N 68  
ASN CB  HB3  sing N N 69  
ASN CG  OD1  doub N N 70  
ASN CG  ND2  sing N N 71  
ASN ND2 HD21 sing N N 72  
ASN ND2 HD22 sing N N 73  
ASN OXT HXT  sing N N 74  
ASP N   CA   sing N N 75  
ASP N   H    sing N N 76  
ASP N   H2   sing N N 77  
ASP CA  C    sing N N 78  
ASP CA  CB   sing N N 79  
ASP CA  HA   sing N N 80  
ASP C   O    doub N N 81  
ASP C   OXT  sing N N 82  
ASP CB  CG   sing N N 83  
ASP CB  HB2  sing N N 84  
ASP CB  HB3  sing N N 85  
ASP CG  OD1  doub N N 86  
ASP CG  OD2  sing N N 87  
ASP OD2 HD2  sing N N 88  
ASP OXT HXT  sing N N 89  
CYS N   CA   sing N N 90  
CYS N   H    sing N N 91  
CYS N   H2   sing N N 92  
CYS CA  C    sing N N 93  
CYS CA  CB   sing N N 94  
CYS CA  HA   sing N N 95  
CYS C   O    doub N N 96  
CYS C   OXT  sing N N 97  
CYS CB  SG   sing N N 98  
CYS CB  HB2  sing N N 99  
CYS CB  HB3  sing N N 100 
CYS SG  HG   sing N N 101 
CYS OXT HXT  sing N N 102 
GLN N   CA   sing N N 103 
GLN N   H    sing N N 104 
GLN N   H2   sing N N 105 
GLN CA  C    sing N N 106 
GLN CA  CB   sing N N 107 
GLN CA  HA   sing N N 108 
GLN C   O    doub N N 109 
GLN C   OXT  sing N N 110 
GLN CB  CG   sing N N 111 
GLN CB  HB2  sing N N 112 
GLN CB  HB3  sing N N 113 
GLN CG  CD   sing N N 114 
GLN CG  HG2  sing N N 115 
GLN CG  HG3  sing N N 116 
GLN CD  OE1  doub N N 117 
GLN CD  NE2  sing N N 118 
GLN NE2 HE21 sing N N 119 
GLN NE2 HE22 sing N N 120 
GLN OXT HXT  sing N N 121 
GLU N   CA   sing N N 122 
GLU N   H    sing N N 123 
GLU N   H2   sing N N 124 
GLU CA  C    sing N N 125 
GLU CA  CB   sing N N 126 
GLU CA  HA   sing N N 127 
GLU C   O    doub N N 128 
GLU C   OXT  sing N N 129 
GLU CB  CG   sing N N 130 
GLU CB  HB2  sing N N 131 
GLU CB  HB3  sing N N 132 
GLU CG  CD   sing N N 133 
GLU CG  HG2  sing N N 134 
GLU CG  HG3  sing N N 135 
GLU CD  OE1  doub N N 136 
GLU CD  OE2  sing N N 137 
GLU OE2 HE2  sing N N 138 
GLU OXT HXT  sing N N 139 
GLY N   CA   sing N N 140 
GLY N   H    sing N N 141 
GLY N   H2   sing N N 142 
GLY CA  C    sing N N 143 
GLY CA  HA2  sing N N 144 
GLY CA  HA3  sing N N 145 
GLY C   O    doub N N 146 
GLY C   OXT  sing N N 147 
GLY OXT HXT  sing N N 148 
HIS N   CA   sing N N 149 
HIS N   H    sing N N 150 
HIS N   H2   sing N N 151 
HIS CA  C    sing N N 152 
HIS CA  CB   sing N N 153 
HIS CA  HA   sing N N 154 
HIS C   O    doub N N 155 
HIS C   OXT  sing N N 156 
HIS CB  CG   sing N N 157 
HIS CB  HB2  sing N N 158 
HIS CB  HB3  sing N N 159 
HIS CG  ND1  sing Y N 160 
HIS CG  CD2  doub Y N 161 
HIS ND1 CE1  doub Y N 162 
HIS ND1 HD1  sing N N 163 
HIS CD2 NE2  sing Y N 164 
HIS CD2 HD2  sing N N 165 
HIS CE1 NE2  sing Y N 166 
HIS CE1 HE1  sing N N 167 
HIS NE2 HE2  sing N N 168 
HIS OXT HXT  sing N N 169 
HOH O   H1   sing N N 170 
HOH O   H2   sing N N 171 
ILE N   CA   sing N N 172 
ILE N   H    sing N N 173 
ILE N   H2   sing N N 174 
ILE CA  C    sing N N 175 
ILE CA  CB   sing N N 176 
ILE CA  HA   sing N N 177 
ILE C   O    doub N N 178 
ILE C   OXT  sing N N 179 
ILE CB  CG1  sing N N 180 
ILE CB  CG2  sing N N 181 
ILE CB  HB   sing N N 182 
ILE CG1 CD1  sing N N 183 
ILE CG1 HG12 sing N N 184 
ILE CG1 HG13 sing N N 185 
ILE CG2 HG21 sing N N 186 
ILE CG2 HG22 sing N N 187 
ILE CG2 HG23 sing N N 188 
ILE CD1 HD11 sing N N 189 
ILE CD1 HD12 sing N N 190 
ILE CD1 HD13 sing N N 191 
ILE OXT HXT  sing N N 192 
LEU N   CA   sing N N 193 
LEU N   H    sing N N 194 
LEU N   H2   sing N N 195 
LEU CA  C    sing N N 196 
LEU CA  CB   sing N N 197 
LEU CA  HA   sing N N 198 
LEU C   O    doub N N 199 
LEU C   OXT  sing N N 200 
LEU CB  CG   sing N N 201 
LEU CB  HB2  sing N N 202 
LEU CB  HB3  sing N N 203 
LEU CG  CD1  sing N N 204 
LEU CG  CD2  sing N N 205 
LEU CG  HG   sing N N 206 
LEU CD1 HD11 sing N N 207 
LEU CD1 HD12 sing N N 208 
LEU CD1 HD13 sing N N 209 
LEU CD2 HD21 sing N N 210 
LEU CD2 HD22 sing N N 211 
LEU CD2 HD23 sing N N 212 
LEU OXT HXT  sing N N 213 
LYS N   CA   sing N N 214 
LYS N   H    sing N N 215 
LYS N   H2   sing N N 216 
LYS CA  C    sing N N 217 
LYS CA  CB   sing N N 218 
LYS CA  HA   sing N N 219 
LYS C   O    doub N N 220 
LYS C   OXT  sing N N 221 
LYS CB  CG   sing N N 222 
LYS CB  HB2  sing N N 223 
LYS CB  HB3  sing N N 224 
LYS CG  CD   sing N N 225 
LYS CG  HG2  sing N N 226 
LYS CG  HG3  sing N N 227 
LYS CD  CE   sing N N 228 
LYS CD  HD2  sing N N 229 
LYS CD  HD3  sing N N 230 
LYS CE  NZ   sing N N 231 
LYS CE  HE2  sing N N 232 
LYS CE  HE3  sing N N 233 
LYS NZ  HZ1  sing N N 234 
LYS NZ  HZ2  sing N N 235 
LYS NZ  HZ3  sing N N 236 
LYS OXT HXT  sing N N 237 
MET N   CA   sing N N 238 
MET N   H    sing N N 239 
MET N   H2   sing N N 240 
MET CA  C    sing N N 241 
MET CA  CB   sing N N 242 
MET CA  HA   sing N N 243 
MET C   O    doub N N 244 
MET C   OXT  sing N N 245 
MET CB  CG   sing N N 246 
MET CB  HB2  sing N N 247 
MET CB  HB3  sing N N 248 
MET CG  SD   sing N N 249 
MET CG  HG2  sing N N 250 
MET CG  HG3  sing N N 251 
MET SD  CE   sing N N 252 
MET CE  HE1  sing N N 253 
MET CE  HE2  sing N N 254 
MET CE  HE3  sing N N 255 
MET OXT HXT  sing N N 256 
PHE N   CA   sing N N 257 
PHE N   H    sing N N 258 
PHE N   H2   sing N N 259 
PHE CA  C    sing N N 260 
PHE CA  CB   sing N N 261 
PHE CA  HA   sing N N 262 
PHE C   O    doub N N 263 
PHE C   OXT  sing N N 264 
PHE CB  CG   sing N N 265 
PHE CB  HB2  sing N N 266 
PHE CB  HB3  sing N N 267 
PHE CG  CD1  doub Y N 268 
PHE CG  CD2  sing Y N 269 
PHE CD1 CE1  sing Y N 270 
PHE CD1 HD1  sing N N 271 
PHE CD2 CE2  doub Y N 272 
PHE CD2 HD2  sing N N 273 
PHE CE1 CZ   doub Y N 274 
PHE CE1 HE1  sing N N 275 
PHE CE2 CZ   sing Y N 276 
PHE CE2 HE2  sing N N 277 
PHE CZ  HZ   sing N N 278 
PHE OXT HXT  sing N N 279 
PRO N   CA   sing N N 280 
PRO N   CD   sing N N 281 
PRO N   H    sing N N 282 
PRO CA  C    sing N N 283 
PRO CA  CB   sing N N 284 
PRO CA  HA   sing N N 285 
PRO C   O    doub N N 286 
PRO C   OXT  sing N N 287 
PRO CB  CG   sing N N 288 
PRO CB  HB2  sing N N 289 
PRO CB  HB3  sing N N 290 
PRO CG  CD   sing N N 291 
PRO CG  HG2  sing N N 292 
PRO CG  HG3  sing N N 293 
PRO CD  HD2  sing N N 294 
PRO CD  HD3  sing N N 295 
PRO OXT HXT  sing N N 296 
SER N   CA   sing N N 297 
SER N   H    sing N N 298 
SER N   H2   sing N N 299 
SER CA  C    sing N N 300 
SER CA  CB   sing N N 301 
SER CA  HA   sing N N 302 
SER C   O    doub N N 303 
SER C   OXT  sing N N 304 
SER CB  OG   sing N N 305 
SER CB  HB2  sing N N 306 
SER CB  HB3  sing N N 307 
SER OG  HG   sing N N 308 
SER OXT HXT  sing N N 309 
TBG N   CA   sing N N 310 
TBG N   H    sing N N 311 
TBG N   H2   sing N N 312 
TBG CA  CB   sing N N 313 
TBG CA  C    sing N N 314 
TBG CA  HA   sing N N 315 
TBG CB  CG1  sing N N 316 
TBG CB  CG2  sing N N 317 
TBG CB  CG3  sing N N 318 
TBG CG1 HG11 sing N N 319 
TBG CG1 HG12 sing N N 320 
TBG CG1 HG13 sing N N 321 
TBG CG2 HG21 sing N N 322 
TBG CG2 HG22 sing N N 323 
TBG CG2 HG23 sing N N 324 
TBG CG3 HG31 sing N N 325 
TBG CG3 HG32 sing N N 326 
TBG CG3 HG33 sing N N 327 
TBG C   O    doub N N 328 
TBG C   OXT  sing N N 329 
TBG OXT HXT  sing N N 330 
THR N   CA   sing N N 331 
THR N   H    sing N N 332 
THR N   H2   sing N N 333 
THR CA  C    sing N N 334 
THR CA  CB   sing N N 335 
THR CA  HA   sing N N 336 
THR C   O    doub N N 337 
THR C   OXT  sing N N 338 
THR CB  OG1  sing N N 339 
THR CB  CG2  sing N N 340 
THR CB  HB   sing N N 341 
THR OG1 HG1  sing N N 342 
THR CG2 HG21 sing N N 343 
THR CG2 HG22 sing N N 344 
THR CG2 HG23 sing N N 345 
THR OXT HXT  sing N N 346 
TRP N   CA   sing N N 347 
TRP N   H    sing N N 348 
TRP N   H2   sing N N 349 
TRP CA  C    sing N N 350 
TRP CA  CB   sing N N 351 
TRP CA  HA   sing N N 352 
TRP C   O    doub N N 353 
TRP C   OXT  sing N N 354 
TRP CB  CG   sing N N 355 
TRP CB  HB2  sing N N 356 
TRP CB  HB3  sing N N 357 
TRP CG  CD1  doub Y N 358 
TRP CG  CD2  sing Y N 359 
TRP CD1 NE1  sing Y N 360 
TRP CD1 HD1  sing N N 361 
TRP CD2 CE2  doub Y N 362 
TRP CD2 CE3  sing Y N 363 
TRP NE1 CE2  sing Y N 364 
TRP NE1 HE1  sing N N 365 
TRP CE2 CZ2  sing Y N 366 
TRP CE3 CZ3  doub Y N 367 
TRP CE3 HE3  sing N N 368 
TRP CZ2 CH2  doub Y N 369 
TRP CZ2 HZ2  sing N N 370 
TRP CZ3 CH2  sing Y N 371 
TRP CZ3 HZ3  sing N N 372 
TRP CH2 HH2  sing N N 373 
TRP OXT HXT  sing N N 374 
VAL N   CA   sing N N 375 
VAL N   H    sing N N 376 
VAL N   H2   sing N N 377 
VAL CA  C    sing N N 378 
VAL CA  CB   sing N N 379 
VAL CA  HA   sing N N 380 
VAL C   O    doub N N 381 
VAL C   OXT  sing N N 382 
VAL CB  CG1  sing N N 383 
VAL CB  CG2  sing N N 384 
VAL CB  HB   sing N N 385 
VAL CG1 HG11 sing N N 386 
VAL CG1 HG12 sing N N 387 
VAL CG1 HG13 sing N N 388 
VAL CG2 HG21 sing N N 389 
VAL CG2 HG22 sing N N 390 
VAL CG2 HG23 sing N N 391 
VAL OXT HXT  sing N N 392 
# 
_pdbx_initial_refinement_model.id               1 
_pdbx_initial_refinement_model.entity_id_list   ? 
_pdbx_initial_refinement_model.type             'experimental model' 
_pdbx_initial_refinement_model.source_name      PDB 
_pdbx_initial_refinement_model.accession_code   1W9E 
_pdbx_initial_refinement_model.details          ? 
# 
_atom_sites.entry_id                    6AK2 
_atom_sites.fract_transf_matrix[1][1]   -0.00896921 
_atom_sites.fract_transf_matrix[1][2]   -0.00455352 
_atom_sites.fract_transf_matrix[1][3]   0.00291285 
_atom_sites.fract_transf_matrix[2][1]   -0.01160497 
_atom_sites.fract_transf_matrix[2][2]   0.00913688 
_atom_sites.fract_transf_matrix[2][3]   -0.02145069 
_atom_sites.fract_transf_matrix[3][1]   0.00392434 
_atom_sites.fract_transf_matrix[3][2]   -0.01494506 
_atom_sites.fract_transf_matrix[3][3]   -0.00848891 
_atom_sites.fract_transf_vector[1]      0.185961 
_atom_sites.fract_transf_vector[2]      0.226835 
_atom_sites.fract_transf_vector[3]      0.280920 
# 
loop_
_atom_type.symbol 
C 
H 
N 
O 
S 
# 
loop_
_atom_site.group_PDB 
_atom_site.id 
_atom_site.type_symbol 
_atom_site.label_atom_id 
_atom_site.label_alt_id 
_atom_site.label_comp_id 
_atom_site.label_asym_id 
_atom_site.label_entity_id 
_atom_site.label_seq_id 
_atom_site.pdbx_PDB_ins_code 
_atom_site.Cartn_x 
_atom_site.Cartn_y 
_atom_site.Cartn_z 
_atom_site.occupancy 
_atom_site.B_iso_or_equiv 
_atom_site.pdbx_formal_charge 
_atom_site.auth_seq_id 
_atom_site.auth_comp_id 
_atom_site.auth_asym_id 
_atom_site.auth_atom_id 
_atom_site.pdbx_PDB_model_num 
ATOM   1    N N    . GLY A 1 1  ? 2.390   -12.195 -11.917 1.00 32.56 ?  14  GLY A N    1 
ATOM   2    C CA   . GLY A 1 1  ? 2.164   -12.318 -10.488 1.00 36.81 ?  14  GLY A CA   1 
ATOM   3    C C    . GLY A 1 1  ? 2.939   -11.312 -9.655  1.00 33.57 ?  14  GLY A C    1 
ATOM   4    O O    . GLY A 1 1  ? 2.890   -11.345 -8.425  1.00 36.98 ?  14  GLY A O    1 
ATOM   5    N N    . ILE A 1 2  ? 3.657   -10.416 -10.322 1.00 28.19 ?  15  ILE A N    1 
ATOM   6    C CA   . ILE A 1 2  ? 4.393   -9.367  -9.626  1.00 28.73 ?  15  ILE A CA   1 
ATOM   7    C C    . ILE A 1 2  ? 3.404   -8.312  -9.146  1.00 29.95 ?  15  ILE A C    1 
ATOM   8    O O    . ILE A 1 2  ? 2.543   -7.860  -9.911  1.00 28.25 ?  15  ILE A O    1 
ATOM   9    C CB   . ILE A 1 2  ? 5.465   -8.751  -10.540 1.00 29.85 ?  15  ILE A CB   1 
ATOM   10   C CG1  . ILE A 1 2  ? 6.336   -9.837  -11.156 1.00 32.96 ?  15  ILE A CG1  1 
ATOM   11   C CG2  . ILE A 1 2  ? 6.360   -7.811  -9.752  1.00 25.78 ?  15  ILE A CG2  1 
ATOM   12   C CD1  . ILE A 1 2  ? 7.257   -10.458 -10.175 1.00 30.66 ?  15  ILE A CD1  1 
ATOM   13   N N    . ARG A 1 3  ? 3.506   -7.938  -7.870  1.00 23.74 ?  16  ARG A N    1 
ATOM   14   C CA   . ARG A 1 3  ? 2.701   -6.879  -7.273  1.00 23.51 ?  16  ARG A CA   1 
ATOM   15   C C    . ARG A 1 3  ? 3.605   -5.839  -6.627  1.00 22.69 ?  16  ARG A C    1 
ATOM   16   O O    . ARG A 1 3  ? 4.772   -6.100  -6.318  1.00 21.87 ?  16  ARG A O    1 
ATOM   17   C CB   . ARG A 1 3  ? 1.760   -7.405  -6.182  1.00 29.91 ?  16  ARG A CB   1 
ATOM   18   C CG   . ARG A 1 3  ? 0.854   -8.535  -6.562  1.00 33.48 ?  16  ARG A CG   1 
ATOM   19   C CD   . ARG A 1 3  ? 0.883   -9.588  -5.458  1.00 36.12 ?  16  ARG A CD   1 
ATOM   20   N NE   . ARG A 1 3  ? 1.540   -10.804 -5.927  1.00 41.14 ?  16  ARG A NE   1 
ATOM   21   C CZ   . ARG A 1 3  ? 2.018   -11.763 -5.139  1.00 37.14 ?  16  ARG A CZ   1 
ATOM   22   N NH1  . ARG A 1 3  ? 1.928   -11.660 -3.814  1.00 40.38 ?  16  ARG A NH1  1 
ATOM   23   N NH2  . ARG A 1 3  ? 2.593   -12.825 -5.682  1.00 42.06 ?  16  ARG A NH2  1 
ATOM   24   N N    . GLU A 1 4  ? 3.042   -4.665  -6.378  1.00 20.36 ?  17  GLU A N    1 
ATOM   25   C CA   . GLU A 1 4  ? 3.749   -3.616  -5.674  1.00 18.44 ?  17  GLU A CA   1 
ATOM   26   C C    . GLU A 1 4  ? 2.989   -3.300  -4.398  1.00 20.39 ?  17  GLU A C    1 
ATOM   27   O O    . GLU A 1 4  ? 1.757   -3.191  -4.415  1.00 20.14 ?  17  GLU A O    1 
ATOM   28   C CB   . GLU A 1 4  ? 3.886   -2.344  -6.519  1.00 22.77 ?  17  GLU A CB   1 
ATOM   29   C CG   . GLU A 1 4  ? 4.845   -1.340  -5.889  1.00 29.46 ?  17  GLU A CG   1 
ATOM   30   C CD   . GLU A 1 4  ? 4.867   0.001   -6.592  1.00 39.64 ?  17  GLU A CD   1 
ATOM   31   O OE1  . GLU A 1 4  ? 4.203   0.135   -7.637  1.00 40.32 ?  17  GLU A OE1  1 
ATOM   32   O OE2  . GLU A 1 4  ? 5.543   0.927   -6.088  1.00 46.97 ?  17  GLU A OE2  1 
ATOM   33   N N    . VAL A 1 5  ? 3.712   -3.155  -3.291  1.00 17.01 ?  18  VAL A N    1 
ATOM   34   C CA   . VAL A 1 5  ? 3.099   -2.662  -2.063  1.00 15.25 ?  18  VAL A CA   1 
ATOM   35   C C    . VAL A 1 5  ? 3.745   -1.341  -1.692  1.00 16.52 ?  18  VAL A C    1 
ATOM   36   O O    . VAL A 1 5  ? 4.953   -1.147  -1.850  1.00 16.46 ?  18  VAL A O    1 
ATOM   37   C CB   . VAL A 1 5  ? 3.175   -3.672  -0.895  1.00 18.52 ?  18  VAL A CB   1 
ATOM   38   C CG1  . VAL A 1 5  ? 2.372   -4.929  -1.233  1.00 21.54 ?  18  VAL A CG1  1 
ATOM   39   C CG2  . VAL A 1 5  ? 4.619   -4.021  -0.532  1.00 19.93 ?  18  VAL A CG2  1 
ATOM   40   N N    . ILE A 1 6  ? 2.930   -0.416  -1.202  1.00 16.12 ?  19  ILE A N    1 
ATOM   41   C CA   . ILE A 1 6  ? 3.413   0.893   -0.839  1.00 18.57 ?  19  ILE A CA   1 
ATOM   42   C C    . ILE A 1 6  ? 2.965   1.070   0.592   1.00 24.50 ?  19  ILE A C    1 
ATOM   43   O O    . ILE A 1 6  ? 1.760   1.157   0.861   1.00 19.63 ?  19  ILE A O    1 
ATOM   44   C CB   . ILE A 1 6  ? 2.867   1.996   -1.758  1.00 21.59 ?  19  ILE A CB   1 
ATOM   45   C CG1  . ILE A 1 6  ? 3.300   1.700   -3.204  1.00 22.76 ?  19  ILE A CG1  1 
ATOM   46   C CG2  . ILE A 1 6  ? 3.363   3.353   -1.317  1.00 23.38 ?  19  ILE A CG2  1 
ATOM   47   C CD1  . ILE A 1 6  ? 3.099   2.858   -4.152  1.00 32.57 ?  19  ILE A CD1  1 
ATOM   48   N N    . LEU A 1 7  ? 3.924   1.044   1.510   1.00 25.83 ?  20  LEU A N    1 
ATOM   49   C CA   . LEU A 1 7  ? 3.667   0.918   2.928   1.00 25.54 ?  20  LEU A CA   1 
ATOM   50   C C    . LEU A 1 7  ? 3.896   2.243   3.631   1.00 30.91 ?  20  LEU A C    1 
ATOM   51   O O    . LEU A 1 7  ? 4.717   3.065   3.209   1.00 29.18 ?  20  LEU A O    1 
ATOM   52   C CB   . LEU A 1 7  ? 4.569   -0.135  3.573   1.00 24.65 ?  20  LEU A CB   1 
ATOM   53   C CG   . LEU A 1 7  ? 4.482   -1.580  3.106   1.00 28.18 ?  20  LEU A CG   1 
ATOM   54   C CD1  . LEU A 1 7  ? 5.857   -2.042  2.701   1.00 31.02 ?  20  LEU A CD1  1 
ATOM   55   C CD2  . LEU A 1 7  ? 3.934   -2.458  4.228   1.00 28.35 ?  20  LEU A CD2  1 
ATOM   56   N N    . CYS A 1 8  ? 3.167   2.406   4.730   1.00 34.23 ?  21  CYS A N    1 
ATOM   57   C CA   . CYS A 1 8  ? 3.228   3.562   5.605   1.00 31.69 ?  21  CYS A CA   1 
ATOM   58   C C    . CYS A 1 8  ? 3.599   3.074   6.995   1.00 28.53 ?  21  CYS A C    1 
ATOM   59   O O    . CYS A 1 8  ? 3.003   2.113   7.491   1.00 28.88 ?  21  CYS A O    1 
ATOM   60   C CB   . CYS A 1 8  ? 1.878   4.274   5.634   1.00 29.63 ?  21  CYS A CB   1 
ATOM   61   S SG   . CYS A 1 8  ? 1.924   5.871   6.367   1.00 41.89 ?  21  CYS A SG   1 
ATOM   62   N N    . LYS A 1 9  ? 4.588   3.711   7.614   1.00 27.28 ?  22  LYS A N    1 
ATOM   63   C CA   . LYS A 1 9  ? 4.988   3.325   8.961   1.00 28.09 ?  22  LYS A CA   1 
ATOM   64   C C    . LYS A 1 9  ? 3.885   3.661   9.963   1.00 27.20 ?  22  LYS A C    1 
ATOM   65   O O    . LYS A 1 9  ? 3.111   4.610   9.779   1.00 25.82 ?  22  LYS A O    1 
ATOM   66   C CB   . LYS A 1 9  ? 6.281   4.030   9.360   1.00 28.23 ?  22  LYS A CB   1 
ATOM   67   C CG   . LYS A 1 9  ? 7.445   3.770   8.435   1.00 29.97 ?  22  LYS A CG   1 
ATOM   68   C CD   . LYS A 1 9  ? 8.692   4.514   8.898   1.00 35.46 ?  22  LYS A CD   1 
ATOM   69   C CE   . LYS A 1 9  ? 9.840   4.313   7.913   1.00 42.12 ?  22  LYS A CE   1 
ATOM   70   N NZ   . LYS A 1 9  ? 11.143  4.848   8.422   1.00 39.03 ?  22  LYS A NZ   1 
ATOM   71   N N    . ASP A 1 10 ? 3.814   2.880   11.041  1.00 22.64 ?  23  ASP A N    1 
ATOM   72   C CA   . ASP A 1 10 ? 2.806   3.168   12.057  1.00 30.06 ?  23  ASP A CA   1 
ATOM   73   C C    . ASP A 1 10 ? 3.274   4.304   12.964  1.00 25.83 ?  23  ASP A C    1 
ATOM   74   O O    . ASP A 1 10 ? 4.338   4.899   12.770  1.00 26.78 ?  23  ASP A O    1 
ATOM   75   C CB   . ASP A 1 10 ? 2.458   1.911   12.858  1.00 28.24 ?  23  ASP A CB   1 
ATOM   76   C CG   . ASP A 1 10 ? 3.593   1.432   13.756  1.00 29.71 ?  23  ASP A CG   1 
ATOM   77   O OD1  . ASP A 1 10 ? 4.558   2.190   14.004  1.00 30.21 ?  23  ASP A OD1  1 
ATOM   78   O OD2  . ASP A 1 10 ? 3.507   0.277   14.231  1.00 31.66 ?  23  ASP A OD2  1 
ATOM   79   N N    . GLN A 1 11 ? 2.463   4.608   13.983  1.00 31.62 ?  24  GLN A N    1 
ATOM   80   C CA   . GLN A 1 11 ? 2.733   5.765   14.829  1.00 30.96 ?  24  GLN A CA   1 
ATOM   81   C C    . GLN A 1 11 ? 4.060   5.654   15.565  1.00 32.73 ?  24  GLN A C    1 
ATOM   82   O O    . GLN A 1 11 ? 4.590   6.673   16.023  1.00 34.02 ?  24  GLN A O    1 
ATOM   83   C CB   . GLN A 1 11 ? 1.593   5.959   15.833  1.00 32.60 ?  24  GLN A CB   1 
ATOM   84   C CG   . GLN A 1 11 ? 1.359   4.748   16.725  1.00 32.31 ?  24  GLN A CG   1 
ATOM   85   C CD   . GLN A 1 11 ? 0.660   5.107   18.020  1.00 38.50 ?  24  GLN A CD   1 
ATOM   86   O OE1  . GLN A 1 11 ? -0.536  5.392   18.030  1.00 40.67 ?  24  GLN A OE1  1 
ATOM   87   N NE2  . GLN A 1 11 ? 1.407   5.096   19.124  1.00 35.22 ?  24  GLN A NE2  1 
ATOM   88   N N    . ASP A 1 12 ? 4.605   4.446   15.705  1.00 31.62 ?  25  ASP A N    1 
ATOM   89   C CA   . ASP A 1 12 ? 5.879   4.242   16.370  1.00 30.75 ?  25  ASP A CA   1 
ATOM   90   C C    . ASP A 1 12 ? 7.020   4.029   15.387  1.00 32.23 ?  25  ASP A C    1 
ATOM   91   O O    . ASP A 1 12 ? 8.128   3.686   15.809  1.00 33.55 ?  25  ASP A O    1 
ATOM   92   C CB   . ASP A 1 12 ? 5.793   3.056   17.337  1.00 33.55 ?  25  ASP A CB   1 
ATOM   93   C CG   . ASP A 1 12 ? 4.701   3.239   18.384  1.00 35.61 ?  25  ASP A CG   1 
ATOM   94   O OD1  . ASP A 1 12 ? 4.454   4.401   18.790  1.00 38.85 ?  25  ASP A OD1  1 
ATOM   95   O OD2  . ASP A 1 12 ? 4.082   2.230   18.789  1.00 33.41 ?  25  ASP A OD2  1 
ATOM   96   N N    . GLY A 1 13 ? 6.772   4.221   14.095  1.00 30.74 ?  26  GLY A N    1 
ATOM   97   C CA   . GLY A 1 13 ? 7.806   4.088   13.088  1.00 26.79 ?  26  GLY A CA   1 
ATOM   98   C C    . GLY A 1 13 ? 8.033   2.689   12.562  1.00 26.64 ?  26  GLY A C    1 
ATOM   99   O O    . GLY A 1 13 ? 9.084   2.438   11.966  1.00 31.75 ?  26  GLY A O    1 
ATOM   100  N N    . LYS A 1 14 ? 7.089   1.770   12.747  1.00 26.89 ?  27  LYS A N    1 
ATOM   101  C CA   . LYS A 1 14 ? 7.317   0.364   12.433  1.00 25.54 ?  27  LYS A CA   1 
ATOM   102  C C    . LYS A 1 14 ? 6.328   -0.132  11.387  1.00 22.72 ?  27  LYS A C    1 
ATOM   103  O O    . LYS A 1 14 ? 5.254   0.446   11.187  1.00 22.57 ?  27  LYS A O    1 
ATOM   104  C CB   . LYS A 1 14 ? 7.197   -0.518  13.684  1.00 26.85 ?  27  LYS A CB   1 
ATOM   105  C CG   . LYS A 1 14 ? 7.887   0.049   14.918  1.00 29.24 ?  27  LYS A CG   1 
ATOM   106  C CD   . LYS A 1 14 ? 9.389   0.020   14.781  1.00 31.52 ?  27  LYS A CD   1 
ATOM   107  C CE   . LYS A 1 14 ? 10.043  0.672   15.993  1.00 37.78 ?  27  LYS A CE   1 
ATOM   108  N NZ   . LYS A 1 14 ? 11.515  0.497   15.969  1.00 40.59 ?  27  LYS A NZ   1 
ATOM   109  N N    . ILE A 1 15 ? 6.709   -1.247  10.755  1.00 24.59 ?  28  ILE A N    1 
ATOM   110  C CA   . ILE A 1 15 ? 5.943   -1.858  9.680   1.00 20.59 ?  28  ILE A CA   1 
ATOM   111  C C    . ILE A 1 15 ? 5.386   -3.234  10.053  1.00 20.77 ?  28  ILE A C    1 
ATOM   112  O O    . ILE A 1 15 ? 4.388   -3.665  9.464   1.00 20.58 ?  28  ILE A O    1 
ATOM   113  C CB   . ILE A 1 15 ? 6.828   -1.955  8.416   1.00 27.66 ?  28  ILE A CB   1 
ATOM   114  C CG1  . ILE A 1 15 ? 7.061   -0.561  7.825   1.00 31.81 ?  28  ILE A CG1  1 
ATOM   115  C CG2  . ILE A 1 15 ? 6.215   -2.886  7.394   1.00 28.69 ?  28  ILE A CG2  1 
ATOM   116  C CD1  . ILE A 1 15 ? 5.800   0.138   7.433   1.00 31.09 ?  28  ILE A CD1  1 
ATOM   117  N N    . GLY A 1 16 ? 6.010   -3.949  10.987  1.00 18.43 ?  29  GLY A N    1 
ATOM   118  C CA   . GLY A 1 16 ? 5.513   -5.264  11.372  1.00 17.71 ?  29  GLY A CA   1 
ATOM   119  C C    . GLY A 1 16 ? 5.961   -6.393  10.470  1.00 19.62 ?  29  GLY A C    1 
ATOM   120  O O    . GLY A 1 16 ? 5.264   -7.410  10.351  1.00 19.02 ?  29  GLY A O    1 
ATOM   121  N N    . LEU A 1 17 ? 7.131   -6.269  9.868   1.00 18.66 ?  30  LEU A N    1 
ATOM   122  C CA   . LEU A 1 17 ? 7.592   -7.202  8.851   1.00 19.35 ?  30  LEU A CA   1 
ATOM   123  C C    . LEU A 1 17 ? 8.982   -7.716  9.210   1.00 19.56 ?  30  LEU A C    1 
ATOM   124  O O    . LEU A 1 17 ? 9.862   -6.937  9.581   1.00 22.32 ?  30  LEU A O    1 
ATOM   125  C CB   . LEU A 1 17 ? 7.604   -6.503  7.485   1.00 19.48 ?  30  LEU A CB   1 
ATOM   126  C CG   . LEU A 1 17 ? 8.124   -7.251  6.262   1.00 21.99 ?  30  LEU A CG   1 
ATOM   127  C CD1  . LEU A 1 17 ? 7.158   -8.364  5.900   1.00 19.33 ?  30  LEU A CD1  1 
ATOM   128  C CD2  . LEU A 1 17 ? 8.283   -6.269  5.112   1.00 23.08 ?  30  LEU A CD2  1 
ATOM   129  N N    . ARG A 1 18 ? 9.176   -9.028  9.106   1.00 16.85 ?  31  ARG A N    1 
ATOM   130  C CA   . ARG A 1 18 ? 10.486  -9.642  9.285   1.00 16.67 ?  31  ARG A CA   1 
ATOM   131  C C    . ARG A 1 18 ? 10.926  -10.236 7.954   1.00 15.58 ?  31  ARG A C    1 
ATOM   132  O O    . ARG A 1 18 ? 10.207  -11.051 7.367   1.00 17.00 ?  31  ARG A O    1 
ATOM   133  C CB   . ARG A 1 18 ? 10.453  -10.720 10.368  1.00 18.07 ?  31  ARG A CB   1 
ATOM   134  C CG   . ARG A 1 18 ? 11.765  -11.477 10.525  1.00 19.89 ?  31  ARG A CG   1 
ATOM   135  C CD   . ARG A 1 18 ? 11.702  -12.383 11.736  1.00 23.51 ?  31  ARG A CD   1 
ATOM   136  N NE   . ARG A 1 18 ? 11.836  -11.608 12.962  1.00 27.74 ?  31  ARG A NE   1 
ATOM   137  C CZ   . ARG A 1 18 ? 11.720  -12.115 14.187  1.00 34.11 ?  31  ARG A CZ   1 
ATOM   138  N NH1  . ARG A 1 18 ? 11.444  -13.402 14.355  1.00 35.14 ?  31  ARG A NH1  1 
ATOM   139  N NH2  . ARG A 1 18 ? 11.872  -11.332 15.247  1.00 35.00 ?  31  ARG A NH2  1 
ATOM   140  N N    . LEU A 1 19 ? 12.087  -9.814  7.479   1.00 13.51 ?  32  LEU A N    1 
ATOM   141  C CA   . LEU A 1 19 ? 12.647  -10.296 6.225   1.00 13.12 ?  32  LEU A CA   1 
ATOM   142  C C    . LEU A 1 19 ? 13.850  -11.182 6.500   1.00 18.72 ?  32  LEU A C    1 
ATOM   143  O O    . LEU A 1 19 ? 14.621  -10.934 7.429   1.00 19.88 ?  32  LEU A O    1 
ATOM   144  C CB   . LEU A 1 19 ? 13.078  -9.142  5.328   1.00 13.82 ?  32  LEU A CB   1 
ATOM   145  C CG   . LEU A 1 19 ? 11.958  -8.228  4.855   1.00 18.49 ?  32  LEU A CG   1 
ATOM   146  C CD1  . LEU A 1 19 ? 12.527  -7.184  3.916   1.00 25.07 ?  32  LEU A CD1  1 
ATOM   147  C CD2  . LEU A 1 19 ? 10.878  -9.044  4.176   1.00 18.72 ?  32  LEU A CD2  1 
ATOM   148  N N    . LYS A 1 20 ? 14.024  -12.173 5.632   1.00 18.52 ?  33  LYS A N    1 
ATOM   149  C CA   . LYS A 1 20 ? 15.067  -13.182 5.744   1.00 17.50 ?  33  LYS A CA   1 
ATOM   150  C C    . LYS A 1 20 ? 15.774  -13.303 4.405   1.00 18.98 ?  33  LYS A C    1 
ATOM   151  O O    . LYS A 1 20 ? 15.120  -13.468 3.371   1.00 17.70 ?  33  LYS A O    1 
ATOM   152  C CB   . LYS A 1 20 ? 14.478  -14.539 6.141   1.00 20.68 ?  33  LYS A CB   1 
ATOM   153  C CG   . LYS A 1 20 ? 15.446  -15.716 5.986   1.00 28.42 ?  33  LYS A CG   1 
ATOM   154  C CD   . LYS A 1 20 ? 16.408  -15.800 7.151   1.00 27.43 ?  33  LYS A CD   1 
ATOM   155  C CE   . LYS A 1 20 ? 17.246  -17.092 7.123   1.00 35.00 ?  33  LYS A CE   1 
ATOM   156  N NZ   . LYS A 1 20 ? 16.421  -18.325 7.311   1.00 44.04 ?  33  LYS A NZ   1 
ATOM   157  N N    . SER A 1 21 ? 17.102  -13.227 4.425   1.00 20.01 ?  34  SER A N    1 
ATOM   158  C CA   . SER A 1 21 ? 17.915  -13.512 3.249   1.00 19.58 ?  34  SER A CA   1 
ATOM   159  C C    . SER A 1 21 ? 18.279  -14.993 3.265   1.00 23.90 ?  34  SER A C    1 
ATOM   160  O O    . SER A 1 21 ? 18.900  -15.472 4.217   1.00 24.53 ?  34  SER A O    1 
ATOM   161  C CB   . SER A 1 21 ? 19.178  -12.648 3.225   1.00 24.64 ?  34  SER A CB   1 
ATOM   162  O OG   . SER A 1 21 ? 20.029  -13.007 2.139   1.00 28.02 ?  34  SER A OG   1 
ATOM   163  N N    . VAL A 1 22 ? 17.877  -15.714 2.224   1.00 23.09 ?  35  VAL A N    1 
ATOM   164  C CA   . VAL A 1 22 ? 18.187  -17.133 2.077   1.00 26.97 ?  35  VAL A CA   1 
ATOM   165  C C    . VAL A 1 22 ? 18.497  -17.379 0.615   1.00 35.80 ?  35  VAL A C    1 
ATOM   166  O O    . VAL A 1 22 ? 17.867  -16.796 -0.273  1.00 37.03 ?  35  VAL A O    1 
ATOM   167  C CB   . VAL A 1 22 ? 17.039  -18.053 2.541   1.00 32.41 ?  35  VAL A CB   1 
ATOM   168  C CG1  . VAL A 1 22 ? 16.776  -17.860 4.005   1.00 35.05 ?  35  VAL A CG1  1 
ATOM   169  C CG2  . VAL A 1 22 ? 15.791  -17.771 1.732   1.00 32.63 ?  35  VAL A CG2  1 
ATOM   170  N N    . ASP A 1 23 ? 19.456  -18.277 0.373   1.00 34.99 ?  36  ASP A N    1 
ATOM   171  C CA   . ASP A 1 23 ? 20.143  -18.402 -0.910  1.00 39.90 ?  36  ASP A CA   1 
ATOM   172  C C    . ASP A 1 23 ? 19.303  -17.895 -2.073  1.00 39.11 ?  36  ASP A C    1 
ATOM   173  O O    . ASP A 1 23 ? 18.213  -18.405 -2.355  1.00 39.78 ?  36  ASP A O    1 
ATOM   174  C CB   . ASP A 1 23 ? 20.586  -19.852 -1.153  1.00 46.37 ?  36  ASP A CB   1 
ATOM   175  C CG   . ASP A 1 23 ? 21.977  -20.135 -0.592  1.00 51.65 ?  36  ASP A CG   1 
ATOM   176  O OD1  . ASP A 1 23 ? 22.437  -19.361 0.282   1.00 47.93 ?  36  ASP A OD1  1 
ATOM   177  O OD2  . ASP A 1 23 ? 22.605  -21.129 -1.016  1.00 51.03 ?  36  ASP A OD2  1 
ATOM   178  N N    . ASN A 1 24 ? 19.808  -16.863 -2.730  1.00 35.86 ?  37  ASN A N    1 
ATOM   179  C CA   . ASN A 1 24 ? 19.167  -16.270 -3.892  1.00 45.16 ?  37  ASN A CA   1 
ATOM   180  C C    . ASN A 1 24 ? 17.771  -15.734 -3.556  1.00 39.56 ?  37  ASN A C    1 
ATOM   181  O O    . ASN A 1 24 ? 16.787  -16.021 -4.252  1.00 41.22 ?  37  ASN A O    1 
ATOM   182  C CB   . ASN A 1 24 ? 19.105  -17.273 -5.051  1.00 46.42 ?  37  ASN A CB   1 
ATOM   183  C CG   . ASN A 1 24 ? 20.418  -18.022 -5.259  1.00 50.48 ?  37  ASN A CG   1 
ATOM   184  O OD1  . ASN A 1 24 ? 21.503  -17.460 -5.110  1.00 49.57 ?  37  ASN A OD1  1 
ATOM   185  N ND2  . ASN A 1 24 ? 20.316  -19.302 -5.610  1.00 51.22 ?  37  ASN A ND2  1 
ATOM   186  N N    . GLY A 1 25 ? 17.678  -14.947 -2.488  1.00 31.46 ?  38  GLY A N    1 
ATOM   187  C CA   . GLY A 1 25 ? 16.499  -14.109 -2.393  1.00 24.79 ?  38  GLY A CA   1 
ATOM   188  C C    . GLY A 1 25 ? 16.284  -13.519 -1.022  1.00 23.29 ?  38  GLY A C    1 
ATOM   189  O O    . GLY A 1 25 ? 16.865  -13.942 -0.025  1.00 24.21 ?  38  GLY A O    1 
ATOM   190  N N    . ILE A 1 26 ? 15.441  -12.495 -0.996  1.00 19.83 ?  39  ILE A N    1 
ATOM   191  C CA   . ILE A 1 26 ? 14.913  -11.910 0.233   1.00 15.30 ?  39  ILE A CA   1 
ATOM   192  C C    . ILE A 1 26 ? 13.448  -12.298 0.323   1.00 17.08 ?  39  ILE A C    1 
ATOM   193  O O    . ILE A 1 26 ? 12.693  -12.098 -0.636  1.00 17.63 ?  39  ILE A O    1 
ATOM   194  C CB   . ILE A 1 26 ? 15.098  -10.386 0.233   1.00 17.18 ?  39  ILE A CB   1 
ATOM   195  C CG1  . ILE A 1 26 ? 16.590  -10.046 0.137   1.00 24.04 ?  39  ILE A CG1  1 
ATOM   196  C CG2  . ILE A 1 26 ? 14.536  -9.759  1.497   1.00 18.75 ?  39  ILE A CG2  1 
ATOM   197  C CD1  . ILE A 1 26 ? 16.886  -8.558  0.233   1.00 22.82 ?  39  ILE A CD1  1 
ATOM   198  N N    . PHE A 1 27 ? 13.053  -12.896 1.449   1.00 15.99 ?  40  PHE A N    1 
ATOM   199  C CA   . PHE A 1 27 ? 11.710  -13.423 1.622   1.00 16.66 ?  40  PHE A CA   1 
ATOM   200  C C    . PHE A 1 27 ? 11.085  -12.891 2.915   1.00 17.38 ?  40  PHE A C    1 
ATOM   201  O O    . PHE A 1 27 ? 11.779  -12.535 3.873   1.00 17.94 ?  40  PHE A O    1 
ATOM   202  C CB   . PHE A 1 27 ? 11.718  -14.957 1.634   1.00 18.68 ?  40  PHE A CB   1 
ATOM   203  C CG   . PHE A 1 27 ? 12.121  -15.567 0.311   1.00 21.28 ?  40  PHE A CG   1 
ATOM   204  C CD1  . PHE A 1 27 ? 13.461  -15.765 -0.003  1.00 23.36 ?  40  PHE A CD1  1 
ATOM   205  C CD2  . PHE A 1 27 ? 11.157  -15.924 -0.617  1.00 22.16 ?  40  PHE A CD2  1 
ATOM   206  C CE1  . PHE A 1 27 ? 13.831  -16.311 -1.232  1.00 27.35 ?  40  PHE A CE1  1 
ATOM   207  C CE2  . PHE A 1 27 ? 11.519  -16.476 -1.847  1.00 24.93 ?  40  PHE A CE2  1 
ATOM   208  C CZ   . PHE A 1 27 ? 12.862  -16.663 -2.149  1.00 25.23 ?  40  PHE A CZ   1 
ATOM   209  N N    . VAL A 1 28 ? 9.758   -12.863 2.926   1.00 14.22 ?  41  VAL A N    1 
ATOM   210  C CA   . VAL A 1 28 ? 8.981   -12.500 4.114   1.00 15.06 ?  41  VAL A CA   1 
ATOM   211  C C    . VAL A 1 28 ? 8.919   -13.714 5.030   1.00 15.71 ?  41  VAL A C    1 
ATOM   212  O O    . VAL A 1 28 ? 8.425   -14.774 4.633   1.00 17.30 ?  41  VAL A O    1 
ATOM   213  C CB   . VAL A 1 28 ? 7.569   -12.030 3.727   1.00 13.49 ?  41  VAL A CB   1 
ATOM   214  C CG1  . VAL A 1 28 ? 6.703   -11.795 4.990   1.00 17.69 ?  41  VAL A CG1  1 
ATOM   215  C CG2  . VAL A 1 28 ? 7.639   -10.772 2.868   1.00 14.13 ?  41  VAL A CG2  1 
ATOM   216  N N    . GLN A 1 29 ? 9.431   -13.566 6.252   1.00 15.52 ?  42  GLN A N    1 
ATOM   217  C CA   . GLN A 1 29 ? 9.450   -14.645 7.224   1.00 16.00 ?  42  GLN A CA   1 
ATOM   218  C C    . GLN A 1 29 ? 8.329   -14.570 8.241   1.00 19.65 ?  42  GLN A C    1 
ATOM   219  O O    . GLN A 1 29 ? 7.885   -15.616 8.719   1.00 19.17 ?  42  GLN A O    1 
ATOM   220  C CB   . GLN A 1 29 ? 10.781  -14.659 7.978   1.00 17.46 ?  42  GLN A CB   1 
ATOM   221  C CG   . GLN A 1 29 ? 10.996  -15.947 8.751   1.00 21.02 ?  42  GLN A CG   1 
ATOM   222  C CD   . GLN A 1 29 ? 12.369  -16.009 9.345   1.00 27.94 ?  42  GLN A CD   1 
ATOM   223  O OE1  . GLN A 1 29 ? 12.799  -15.081 10.021  1.00 31.77 ?  42  GLN A OE1  1 
ATOM   224  N NE2  . GLN A 1 29 ? 13.082  -17.094 9.079   1.00 29.36 ?  42  GLN A NE2  1 
ATOM   225  N N    . LEU A 1 30 ? 7.878   -13.364 8.591   1.00 14.94 ?  43  LEU A N    1 
ATOM   226  C CA   . LEU A 1 30 ? 6.838   -13.171 9.594   1.00 19.44 ?  43  LEU A CA   1 
ATOM   227  C C    . LEU A 1 30 ? 6.196   -11.821 9.325   1.00 16.59 ?  43  LEU A C    1 
ATOM   228  O O    . LEU A 1 30 ? 6.895   -10.847 9.023   1.00 17.86 ?  43  LEU A O    1 
ATOM   229  C CB   . LEU A 1 30 ? 7.417   -13.247 11.021  1.00 17.33 ?  43  LEU A CB   1 
ATOM   230  C CG   . LEU A 1 30 ? 6.490   -13.019 12.234  1.00 22.29 ?  43  LEU A CG   1 
ATOM   231  C CD1  . LEU A 1 30 ? 6.113   -11.561 12.387  1.00 27.25 ?  43  LEU A CD1  1 
ATOM   232  C CD2  . LEU A 1 30 ? 5.229   -13.863 12.153  1.00 26.22 ?  43  LEU A CD2  1 
ATOM   233  N N    . VAL A 1 31 ? 4.869   -11.777 9.367   1.00 15.89 ?  44  VAL A N    1 
ATOM   234  C CA   . VAL A 1 31 ? 4.123   -10.529 9.285   1.00 15.02 ?  44  VAL A CA   1 
ATOM   235  C C    . VAL A 1 31 ? 3.314   -10.436 10.571  1.00 16.69 ?  44  VAL A C    1 
ATOM   236  O O    . VAL A 1 31 ? 2.544   -11.350 10.880  1.00 19.28 ?  44  VAL A O    1 
ATOM   237  C CB   . VAL A 1 31 ? 3.211   -10.489 8.045   1.00 18.23 ?  44  VAL A CB   1 
ATOM   238  C CG1  . VAL A 1 31 ? 2.336   -9.233  8.059   1.00 20.23 ?  44  VAL A CG1  1 
ATOM   239  C CG2  . VAL A 1 31 ? 4.051   -10.588 6.731   1.00 17.81 ?  44  VAL A CG2  1 
ATOM   240  N N    . GLN A 1 32 ? 3.492   -9.356  11.335  1.00 18.68 ?  45  GLN A N    1 
ATOM   241  C CA   . GLN A 1 32 ? 2.669   -9.198  12.528  1.00 19.07 ?  45  GLN A CA   1 
ATOM   242  C C    . GLN A 1 32 ? 1.229   -8.902  12.129  1.00 18.64 ?  45  GLN A C    1 
ATOM   243  O O    . GLN A 1 32 ? 0.960   -8.083  11.248  1.00 18.18 ?  45  GLN A O    1 
ATOM   244  C CB   . GLN A 1 32 ? 3.194   -8.077  13.434  1.00 17.69 ?  45  GLN A CB   1 
ATOM   245  C CG   . GLN A 1 32 ? 4.590   -8.287  13.997  1.00 20.89 ?  45  GLN A CG   1 
ATOM   246  C CD   . GLN A 1 32 ? 5.079   -7.068  14.785  1.00 23.53 ?  45  GLN A CD   1 
ATOM   247  O OE1  . GLN A 1 32 ? 4.292   -6.207  15.160  1.00 32.00 ?  45  GLN A OE1  1 
ATOM   248  N NE2  . GLN A 1 32 ? 6.380   -7.002  15.029  1.00 33.01 ?  45  GLN A NE2  1 
ATOM   249  N N    . ALA A 1 33 ? 0.295   -9.596  12.763  1.00 18.40 ?  46  ALA A N    1 
ATOM   250  C CA   . ALA A 1 33 ? -1.112  -9.319  12.512  1.00 20.86 ?  46  ALA A CA   1 
ATOM   251  C C    . ALA A 1 33 ? -1.465  -7.877  12.899  1.00 22.94 ?  46  ALA A C    1 
ATOM   252  O O    . ALA A 1 33 ? -0.902  -7.312  13.837  1.00 19.99 ?  46  ALA A O    1 
ATOM   253  C CB   . ALA A 1 33 ? -1.973  -10.320 13.287  1.00 23.27 ?  46  ALA A CB   1 
ATOM   254  N N    . ASN A 1 34 ? -2.365  -7.266  12.125  1.00 25.19 ?  47  ASN A N    1 
ATOM   255  C CA   . ASN A 1 34 ? -2.855  -5.907  12.396  1.00 27.74 ?  47  ASN A CA   1 
ATOM   256  C C    . ASN A 1 34 ? -1.728  -4.873  12.325  1.00 30.18 ?  47  ASN A C    1 
ATOM   257  O O    . ASN A 1 34 ? -1.666  -3.942  13.127  1.00 33.67 ?  47  ASN A O    1 
ATOM   258  C CB   . ASN A 1 34 ? -3.567  -5.836  13.752  1.00 31.14 ?  47  ASN A CB   1 
ATOM   259  C CG   . ASN A 1 34 ? -4.240  -4.498  13.984  1.00 40.38 ?  47  ASN A CG   1 
ATOM   260  O OD1  . ASN A 1 34 ? -4.837  -3.934  13.070  1.00 42.98 ?  47  ASN A OD1  1 
ATOM   261  N ND2  . ASN A 1 34 ? -4.124  -3.970  15.203  1.00 43.68 ?  47  ASN A ND2  1 
ATOM   262  N N    . SER A 1 35 ? -0.824  -5.043  11.366  1.00 22.88 ?  48  SER A N    1 
ATOM   263  C CA   . SER A 1 35 ? 0.283   -4.123  11.118  1.00 20.48 ?  48  SER A CA   1 
ATOM   264  C C    . SER A 1 35 ? 0.167   -3.535  9.713   1.00 19.60 ?  48  SER A C    1 
ATOM   265  O O    . SER A 1 35 ? -0.632  -4.027  8.908   1.00 17.63 ?  48  SER A O    1 
ATOM   266  C CB   . SER A 1 35 ? 1.618   -4.857  11.245  1.00 19.86 ?  48  SER A CB   1 
ATOM   267  O OG   . SER A 1 35 ? 1.774   -5.738  10.133  1.00 17.28 ?  48  SER A OG   1 
ATOM   268  N N    . PRO A 1 36 ? 0.949   -2.500  9.376   1.00 17.85 ?  49  PRO A N    1 
ATOM   269  C CA   . PRO A 1 36 ? 0.934   -2.013  7.982   1.00 19.73 ?  49  PRO A CA   1 
ATOM   270  C C    . PRO A 1 36 ? 1.270   -3.102  6.982   1.00 16.37 ?  49  PRO A C    1 
ATOM   271  O O    . PRO A 1 36 ? 0.653   -3.181  5.910   1.00 16.64 ?  49  PRO A O    1 
ATOM   272  C CB   . PRO A 1 36 ? 1.983   -0.893  7.997   1.00 22.35 ?  49  PRO A CB   1 
ATOM   273  C CG   . PRO A 1 36 ? 1.954   -0.377  9.442   1.00 22.57 ?  49  PRO A CG   1 
ATOM   274  C CD   . PRO A 1 36 ? 1.721   -1.617  10.275  1.00 22.19 ?  49  PRO A CD   1 
ATOM   275  N N    . ALA A 1 37 ? 2.224   -3.970  7.325   1.00 17.17 ?  50  ALA A N    1 
ATOM   276  C CA   . ALA A 1 37 ? 2.562   -5.075  6.439   1.00 17.61 ?  50  ALA A CA   1 
ATOM   277  C C    . ALA A 1 37 ? 1.368   -5.990  6.206   1.00 18.16 ?  50  ALA A C    1 
ATOM   278  O O    . ALA A 1 37 ? 1.105   -6.399  5.072   1.00 18.95 ?  50  ALA A O    1 
ATOM   279  C CB   . ALA A 1 37 ? 3.743   -5.863  7.010   1.00 17.83 ?  50  ALA A CB   1 
ATOM   280  N N    . SER A 1 38 ? 0.633   -6.345  7.263   1.00 15.75 ?  51  SER A N    1 
ATOM   281  C CA   . SER A 1 38 ? -0.513  -7.218  7.050   1.00 18.53 ?  51  SER A CA   1 
ATOM   282  C C    . SER A 1 38 ? -1.615  -6.498  6.276   1.00 21.29 ?  51  SER A C    1 
ATOM   283  O O    . SER A 1 38 ? -2.362  -7.138  5.527   1.00 25.18 ?  51  SER A O    1 
ATOM   284  C CB   . SER A 1 38 ? -1.035  -7.758  8.390   1.00 21.59 ?  51  SER A CB   1 
ATOM   285  O OG   . SER A 1 38 ? -1.622  -6.720  9.152   1.00 26.18 ?  51  SER A OG   1 
ATOM   286  N N    . LEU A 1 39 ? -1.681  -5.166  6.372   1.00 20.30 ?  52  LEU A N    1 
ATOM   287  C CA   . LEU A 1 39 ? -2.758  -4.429  5.713   1.00 27.57 ?  52  LEU A CA   1 
ATOM   288  C C    . LEU A 1 39 ? -2.584  -4.371  4.206   1.00 23.22 ?  52  LEU A C    1 
ATOM   289  O O    . LEU A 1 39 ? -3.578  -4.216  3.488   1.00 27.33 ?  52  LEU A O    1 
ATOM   290  C CB   . LEU A 1 39 ? -2.854  -3.005  6.252   1.00 23.50 ?  52  LEU A CB   1 
ATOM   291  C CG   . LEU A 1 39 ? -3.232  -2.775  7.705   1.00 30.86 ?  52  LEU A CG   1 
ATOM   292  C CD1  . LEU A 1 39 ? -3.158  -1.287  7.978   1.00 29.02 ?  52  LEU A CD1  1 
ATOM   293  C CD2  . LEU A 1 39 ? -4.622  -3.307  7.991   1.00 33.66 ?  52  LEU A CD2  1 
ATOM   294  N N    . VAL A 1 40 ? -1.348  -4.461  3.708   1.00 20.43 ?  53  VAL A N    1 
ATOM   295  C CA   . VAL A 1 40 ? -1.103  -4.521  2.267   1.00 22.36 ?  53  VAL A CA   1 
ATOM   296  C C    . VAL A 1 40 ? -0.966  -5.968  1.802   1.00 24.26 ?  53  VAL A C    1 
ATOM   297  O O    . VAL A 1 40 ? -0.529  -6.231  0.676   1.00 25.29 ?  53  VAL A O    1 
ATOM   298  C CB   . VAL A 1 40 ? 0.145   -3.706  1.855   1.00 21.18 ?  53  VAL A CB   1 
ATOM   299  C CG1  . VAL A 1 40 ? -0.082  -2.226  2.097   1.00 24.70 ?  53  VAL A CG1  1 
ATOM   300  C CG2  . VAL A 1 40 ? 1.426   -4.211  2.573   1.00 18.74 ?  53  VAL A CG2  1 
ATOM   301  N N    . GLY A 1 41 ? -1.323  -6.921  2.658   1.00 19.65 ?  54  GLY A N    1 
ATOM   302  C CA   . GLY A 1 41 ? -1.403  -8.298  2.202   1.00 20.88 ?  54  GLY A CA   1 
ATOM   303  C C    . GLY A 1 41 ? -0.098  -9.061  2.100   1.00 22.19 ?  54  GLY A C    1 
ATOM   304  O O    . GLY A 1 41 ? -0.059  -10.107 1.443   1.00 23.12 ?  54  GLY A O    1 
ATOM   305  N N    . LEU A 1 42 ? 0.973   -8.591  2.733   1.00 20.84 ?  55  LEU A N    1 
ATOM   306  C CA   . LEU A 1 42 ? 2.205   -9.382  2.779   1.00 18.13 ?  55  LEU A CA   1 
ATOM   307  C C    . LEU A 1 42 ? 2.004   -10.658 3.589   1.00 21.29 ?  55  LEU A C    1 
ATOM   308  O O    . LEU A 1 42 ? 1.308   -10.656 4.604   1.00 20.69 ?  55  LEU A O    1 
ATOM   309  C CB   . LEU A 1 42 ? 3.342   -8.562  3.390   1.00 18.00 ?  55  LEU A CB   1 
ATOM   310  C CG   . LEU A 1 42 ? 3.817   -7.416  2.501   1.00 20.24 ?  55  LEU A CG   1 
ATOM   311  C CD1  . LEU A 1 42 ? 4.769   -6.509  3.245   1.00 18.86 ?  55  LEU A CD1  1 
ATOM   312  C CD2  . LEU A 1 42 ? 4.492   -7.992  1.240   1.00 20.20 ?  55  LEU A CD2  1 
ATOM   313  N N    . ARG A 1 43 ? 2.646   -11.749 3.153   1.00 18.82 ?  56  ARG A N    1 
ATOM   314  C CA   . ARG A 1 43 ? 2.482   -13.054 3.789   1.00 19.70 ?  56  ARG A CA   1 
ATOM   315  C C    . ARG A 1 43 ? 3.798   -13.816 3.798   1.00 19.72 ?  56  ARG A C    1 
ATOM   316  O O    . ARG A 1 43 ? 4.652   -13.619 2.927   1.00 16.80 ?  56  ARG A O    1 
ATOM   317  C CB   . ARG A 1 43 ? 1.462   -13.949 3.068   1.00 24.16 ?  56  ARG A CB   1 
ATOM   318  C CG   . ARG A 1 43 ? 0.032   -13.489 3.114   1.00 29.66 ?  56  ARG A CG   1 
ATOM   319  C CD   . ARG A 1 43 ? -0.879  -14.608 2.621   1.00 34.17 ?  56  ARG A CD   1 
ATOM   320  N NE   . ARG A 1 43 ? -0.628  -14.961 1.221   1.00 33.99 ?  56  ARG A NE   1 
ATOM   321  C CZ   . ARG A 1 43 ? -1.282  -15.920 0.576   1.00 36.53 ?  56  ARG A CZ   1 
ATOM   322  N NH1  . ARG A 1 43 ? -2.215  -16.619 1.215   1.00 34.78 ?  56  ARG A NH1  1 
ATOM   323  N NH2  . ARG A 1 43 ? -1.009  -16.183 -0.697  1.00 38.32 ?  56  ARG A NH2  1 
ATOM   324  N N    . PHE A 1 44 ? 3.921   -14.729 4.767   1.00 18.83 ?  57  PHE A N    1 
ATOM   325  C CA   . PHE A 1 44 ? 5.027   -15.690 4.793   1.00 16.46 ?  57  PHE A CA   1 
ATOM   326  C C    . PHE A 1 44 ? 5.230   -16.322 3.423   1.00 19.44 ?  57  PHE A C    1 
ATOM   327  O O    . PHE A 1 44 ? 4.275   -16.786 2.792   1.00 21.47 ?  57  PHE A O    1 
ATOM   328  C CB   . PHE A 1 44 ? 4.746   -16.782 5.835   1.00 20.15 ?  57  PHE A CB   1 
ATOM   329  C CG   . PHE A 1 44 ? 5.745   -17.903 5.812   1.00 21.13 ?  57  PHE A CG   1 
ATOM   330  C CD1  . PHE A 1 44 ? 6.893   -17.837 6.580   1.00 23.53 ?  57  PHE A CD1  1 
ATOM   331  C CD2  . PHE A 1 44 ? 5.552   -18.998 4.984   1.00 22.06 ?  57  PHE A CD2  1 
ATOM   332  C CE1  . PHE A 1 44 ? 7.829   -18.870 6.555   1.00 23.46 ?  57  PHE A CE1  1 
ATOM   333  C CE2  . PHE A 1 44 ? 6.480   -20.028 4.936   1.00 29.49 ?  57  PHE A CE2  1 
ATOM   334  C CZ   . PHE A 1 44 ? 7.622   -19.962 5.721   1.00 27.81 ?  57  PHE A CZ   1 
ATOM   335  N N    . GLY A 1 45 ? 6.481   -16.327 2.962   1.00 18.63 ?  58  GLY A N    1 
ATOM   336  C CA   . GLY A 1 45 ? 6.837   -16.915 1.684   1.00 20.79 ?  58  GLY A CA   1 
ATOM   337  C C    . GLY A 1 45 ? 6.872   -15.960 0.509   1.00 22.94 ?  58  GLY A C    1 
ATOM   338  O O    . GLY A 1 45 ? 7.368   -16.347 -0.560  1.00 20.77 ?  58  GLY A O    1 
ATOM   339  N N    . ASP A 1 46 ? 6.333   -14.747 0.657   1.00 19.34 ?  59  ASP A N    1 
ATOM   340  C CA   . ASP A 1 46 ? 6.446   -13.735 -0.388  1.00 19.86 ?  59  ASP A CA   1 
ATOM   341  C C    . ASP A 1 46 ? 7.914   -13.410 -0.642  1.00 18.69 ?  59  ASP A C    1 
ATOM   342  O O    . ASP A 1 46 ? 8.709   -13.274 0.287   1.00 17.19 ?  59  ASP A O    1 
ATOM   343  C CB   . ASP A 1 46 ? 5.698   -12.445 0.017   1.00 16.12 ?  59  ASP A CB   1 
ATOM   344  C CG   . ASP A 1 46 ? 4.179   -12.552 -0.136  1.00 21.03 ?  59  ASP A CG   1 
ATOM   345  O OD1  . ASP A 1 46 ? 3.688   -13.485 -0.802  1.00 23.06 ?  59  ASP A OD1  1 
ATOM   346  O OD2  . ASP A 1 46 ? 3.463   -11.674 0.392   1.00 19.11 ?  59  ASP A OD2  1 
ATOM   347  N N    . GLN A 1 47 ? 8.281   -13.275 -1.907  1.00 19.38 ?  60  GLN A N    1 
ATOM   348  C CA   . GLN A 1 47 ? 9.636   -12.886 -2.263  1.00 19.45 ?  60  GLN A CA   1 
ATOM   349  C C    . GLN A 1 47 ? 9.676   -11.390 -2.532  1.00 17.95 ?  60  GLN A C    1 
ATOM   350  O O    . GLN A 1 47 ? 8.834   -10.867 -3.273  1.00 21.17 ?  60  GLN A O    1 
ATOM   351  C CB   . GLN A 1 47 ? 10.128  -13.652 -3.496  1.00 22.59 ?  60  GLN A CB   1 
ATOM   352  C CG   . GLN A 1 47 ? 11.619  -13.481 -3.712  1.00 20.27 ?  60  GLN A CG   1 
ATOM   353  C CD   . GLN A 1 47 ? 12.121  -14.239 -4.927  1.00 30.01 ?  60  GLN A CD   1 
ATOM   354  O OE1  . GLN A 1 47 ? 11.379  -15.003 -5.546  1.00 28.37 ?  60  GLN A OE1  1 
ATOM   355  N NE2  . GLN A 1 47 ? 13.397  -14.034 -5.269  1.00 30.03 ?  60  GLN A NE2  1 
ATOM   356  N N    . VAL A 1 48 ? 10.635  -10.703 -1.924  1.00 16.10 ?  61  VAL A N    1 
ATOM   357  C CA   . VAL A 1 48 ? 10.832  -9.278  -2.160  1.00 17.11 ?  61  VAL A CA   1 
ATOM   358  C C    . VAL A 1 48 ? 11.850  -9.139  -3.287  1.00 18.18 ?  61  VAL A C    1 
ATOM   359  O O    . VAL A 1 48 ? 13.028  -9.472  -3.120  1.00 20.50 ?  61  VAL A O    1 
ATOM   360  C CB   . VAL A 1 48 ? 11.293  -8.543  -0.893  1.00 20.25 ?  61  VAL A CB   1 
ATOM   361  C CG1  . VAL A 1 48 ? 11.341  -7.011  -1.140  1.00 16.84 ?  61  VAL A CG1  1 
ATOM   362  C CG2  . VAL A 1 48 ? 10.371  -8.879  0.286   1.00 17.27 ?  61  VAL A CG2  1 
ATOM   363  N N    . LEU A 1 49 ? 11.389  -8.646  -4.438  1.00 17.24 ?  62  LEU A N    1 
ATOM   364  C CA   . LEU A 1 49 ? 12.221  -8.486  -5.628  1.00 19.29 ?  62  LEU A CA   1 
ATOM   365  C C    . LEU A 1 49 ? 12.879  -7.113  -5.705  1.00 21.16 ?  62  LEU A C    1 
ATOM   366  O O    . LEU A 1 49 ? 13.997  -6.992  -6.218  1.00 22.15 ?  62  LEU A O    1 
ATOM   367  C CB   . LEU A 1 49 ? 11.380  -8.706  -6.889  1.00 20.69 ?  62  LEU A CB   1 
ATOM   368  C CG   . LEU A 1 49 ? 10.734  -10.072 -7.133  1.00 21.37 ?  62  LEU A CG   1 
ATOM   369  C CD1  . LEU A 1 49 ? 9.919   -10.072 -8.425  1.00 27.67 ?  62  LEU A CD1  1 
ATOM   370  C CD2  . LEU A 1 49 ? 11.797  -11.163 -7.185  1.00 26.50 ?  62  LEU A CD2  1 
ATOM   371  N N    . GLN A 1 50 ? 12.209  -6.077  -5.214  1.00 20.18 ?  63  GLN A N    1 
ATOM   372  C CA   . GLN A 1 50 ? 12.747  -4.729  -5.233  1.00 18.24 ?  63  GLN A CA   1 
ATOM   373  C C    . GLN A 1 50 ? 12.351  -4.031  -3.948  1.00 20.25 ?  63  GLN A C    1 
ATOM   374  O O    . GLN A 1 50 ? 11.277  -4.282  -3.395  1.00 19.31 ?  63  GLN A O    1 
ATOM   375  C CB   . GLN A 1 50 ? 12.229  -3.905  -6.426  1.00 20.90 ?  63  GLN A CB   1 
ATOM   376  C CG   . GLN A 1 50 ? 12.597  -4.462  -7.785  1.00 23.99 ?  63  GLN A CG   1 
ATOM   377  C CD   . GLN A 1 50 ? 12.049  -3.602  -8.913  1.00 26.84 ?  63  GLN A CD   1 
ATOM   378  O OE1  . GLN A 1 50 ? 11.007  -2.974  -8.770  1.00 25.00 ?  63  GLN A OE1  1 
ATOM   379  N NE2  . GLN A 1 50 ? 12.759  -3.563  -10.031 1.00 30.90 ?  63  GLN A NE2  1 
ATOM   380  N N    . ILE A 1 51 ? 13.220  -3.147  -3.482  1.00 18.24 ?  64  ILE A N    1 
ATOM   381  C CA   . ILE A 1 51 ? 12.909  -2.276  -2.358  1.00 20.06 ?  64  ILE A CA   1 
ATOM   382  C C    . ILE A 1 51 ? 13.146  -0.848  -2.827  1.00 26.12 ?  64  ILE A C    1 
ATOM   383  O O    . ILE A 1 51 ? 14.251  -0.510  -3.274  1.00 25.68 ?  64  ILE A O    1 
ATOM   384  C CB   . ILE A 1 51 ? 13.743  -2.616  -1.112  1.00 22.27 ?  64  ILE A CB   1 
ATOM   385  C CG1  . ILE A 1 51 ? 13.446  -4.047  -0.665  1.00 23.09 ?  64  ILE A CG1  1 
ATOM   386  C CG2  . ILE A 1 51 ? 13.448  -1.637  0.039   1.00 25.99 ?  64  ILE A CG2  1 
ATOM   387  C CD1  . ILE A 1 51 ? 14.314  -4.520  0.459   1.00 25.67 ?  64  ILE A CD1  1 
ATOM   388  N N    . ASN A 1 52 ? 12.094  -0.028  -2.782  1.00 26.50 ?  65  ASN A N    1 
ATOM   389  C CA   . ASN A 1 52 ? 12.144  1.347   -3.282  1.00 28.04 ?  65  ASN A CA   1 
ATOM   390  C C    . ASN A 1 52 ? 12.678  1.394   -4.716  1.00 30.69 ?  65  ASN A C    1 
ATOM   391  O O    . ASN A 1 52 ? 13.485  2.252   -5.076  1.00 33.78 ?  65  ASN A O    1 
ATOM   392  C CB   . ASN A 1 52 ? 12.962  2.233   -2.342  1.00 29.05 ?  65  ASN A CB   1 
ATOM   393  C CG   . ASN A 1 52 ? 12.301  2.388   -0.964  1.00 32.92 ?  65  ASN A CG   1 
ATOM   394  O OD1  . ASN A 1 52 ? 11.078  2.316   -0.836  1.00 31.22 ?  65  ASN A OD1  1 
ATOM   395  N ND2  . ASN A 1 52 ? 13.113  2.592   0.066   1.00 34.65 ?  65  ASN A ND2  1 
ATOM   396  N N    . GLY A 1 53 ? 12.215  0.454   -5.543  1.00 28.74 ?  66  GLY A N    1 
ATOM   397  C CA   . GLY A 1 53 ? 12.537  0.412   -6.956  1.00 28.13 ?  66  GLY A CA   1 
ATOM   398  C C    . GLY A 1 53 ? 13.915  -0.107  -7.314  1.00 29.97 ?  66  GLY A C    1 
ATOM   399  O O    . GLY A 1 53 ? 14.260  -0.115  -8.507  1.00 32.31 ?  66  GLY A O    1 
ATOM   400  N N    . GLU A 1 54 ? 14.713  -0.530  -6.334  1.00 25.78 ?  67  GLU A N    1 
ATOM   401  C CA   . GLU A 1 54 ? 16.024  -1.129  -6.571  1.00 27.11 ?  67  GLU A CA   1 
ATOM   402  C C    . GLU A 1 54 ? 15.949  -2.639  -6.384  1.00 27.43 ?  67  GLU A C    1 
ATOM   403  O O    . GLU A 1 54 ? 15.439  -3.111  -5.362  1.00 23.32 ?  67  GLU A O    1 
ATOM   404  C CB   . GLU A 1 54 ? 17.069  -0.571  -5.604  1.00 32.05 ?  67  GLU A CB   1 
ATOM   405  C CG   . GLU A 1 54 ? 17.107  0.933   -5.448  1.00 33.32 ?  67  GLU A CG   1 
ATOM   406  C CD   . GLU A 1 54 ? 17.715  1.337   -4.118  1.00 42.95 ?  67  GLU A CD   1 
ATOM   407  O OE1  . GLU A 1 54 ? 16.944  1.688   -3.189  1.00 47.08 ?  67  GLU A OE1  1 
ATOM   408  O OE2  . GLU A 1 54 ? 18.957  1.275   -3.989  1.00 42.02 ?  67  GLU A OE2  1 
ATOM   409  N N    . ASN A 1 55 ? 16.508  -3.391  -7.330  1.00 26.51 ?  68  ASN A N    1 
ATOM   410  C CA   . ASN A 1 55 ? 16.590  -4.838  -7.171  1.00 27.51 ?  68  ASN A CA   1 
ATOM   411  C C    . ASN A 1 55 ? 17.452  -5.189  -5.963  1.00 26.59 ?  68  ASN A C    1 
ATOM   412  O O    . ASN A 1 55 ? 18.585  -4.719  -5.839  1.00 25.13 ?  68  ASN A O    1 
ATOM   413  C CB   . ASN A 1 55 ? 17.163  -5.471  -8.435  1.00 29.74 ?  68  ASN A CB   1 
ATOM   414  C CG   . ASN A 1 55 ? 16.401  -5.061  -9.668  1.00 37.21 ?  68  ASN A CG   1 
ATOM   415  O OD1  . ASN A 1 55 ? 15.203  -5.328  -9.784  1.00 37.21 ?  68  ASN A OD1  1 
ATOM   416  N ND2  . ASN A 1 55 ? 17.085  -4.404  -10.601 1.00 45.37 ?  68  ASN A ND2  1 
ATOM   417  N N    . CYS A 1 56 ? 16.918  -6.037  -5.077  1.00 21.96 ?  69  CYS A N    1 
ATOM   418  C CA   . CYS A 1 56 ? 17.564  -6.335  -3.809  1.00 22.40 ?  69  CYS A CA   1 
ATOM   419  C C    . CYS A 1 56 ? 18.076  -7.765  -3.722  1.00 21.38 ?  69  CYS A C    1 
ATOM   420  O O    . CYS A 1 56 ? 18.480  -8.196  -2.643  1.00 20.20 ?  69  CYS A O    1 
ATOM   421  C CB   . CYS A 1 56 ? 16.613  -6.052  -2.641  1.00 24.32 ?  69  CYS A CB   1 
ATOM   422  S SG   . CYS A 1 56 ? 14.993  -6.869  -2.763  1.00 21.53 ?  69  CYS A SG   1 
ATOM   423  N N    . ALA A 1 57 ? 18.083  -8.511  -4.826  1.00 25.41 ?  70  ALA A N    1 
ATOM   424  C CA   . ALA A 1 57 ? 18.692  -9.834  -4.791  1.00 27.04 ?  70  ALA A CA   1 
ATOM   425  C C    . ALA A 1 57 ? 20.130  -9.720  -4.296  1.00 21.24 ?  70  ALA A C    1 
ATOM   426  O O    . ALA A 1 57 ? 20.884  -8.848  -4.740  1.00 23.21 ?  70  ALA A O    1 
ATOM   427  C CB   . ALA A 1 57 ? 18.653  -10.470 -6.185  1.00 28.89 ?  70  ALA A CB   1 
ATOM   428  N N    . GLY A 1 58 ? 20.507  -10.595 -3.364  1.00 26.02 ?  71  GLY A N    1 
ATOM   429  C CA   . GLY A 1 58 ? 21.889  -10.649 -2.918  1.00 24.07 ?  71  GLY A CA   1 
ATOM   430  C C    . GLY A 1 58 ? 22.350  -9.502  -2.043  1.00 23.34 ?  71  GLY A C    1 
ATOM   431  O O    . GLY A 1 58 ? 23.543  -9.443  -1.716  1.00 21.32 ?  71  GLY A O    1 
ATOM   432  N N    . TRP A 1 59 ? 21.455  -8.597  -1.630  1.00 19.23 ?  72  TRP A N    1 
ATOM   433  C CA   . TRP A 1 59 ? 21.869  -7.500  -0.761  1.00 17.09 ?  72  TRP A CA   1 
ATOM   434  C C    . TRP A 1 59 ? 22.439  -7.995  0.560   1.00 20.48 ?  72  TRP A C    1 
ATOM   435  O O    . TRP A 1 59 ? 21.943  -8.952  1.164   1.00 20.24 ?  72  TRP A O    1 
ATOM   436  C CB   . TRP A 1 59 ? 20.700  -6.563  -0.460  1.00 18.53 ?  72  TRP A CB   1 
ATOM   437  C CG   . TRP A 1 59 ? 20.443  -5.548  -1.499  1.00 22.40 ?  72  TRP A CG   1 
ATOM   438  C CD1  . TRP A 1 59 ? 21.044  -5.432  -2.722  1.00 23.33 ?  72  TRP A CD1  1 
ATOM   439  C CD2  . TRP A 1 59 ? 19.498  -4.486  -1.410  1.00 21.65 ?  72  TRP A CD2  1 
ATOM   440  N NE1  . TRP A 1 59 ? 20.529  -4.345  -3.397  1.00 24.93 ?  72  TRP A NE1  1 
ATOM   441  C CE2  . TRP A 1 59 ? 19.569  -3.757  -2.615  1.00 24.18 ?  72  TRP A CE2  1 
ATOM   442  C CE3  . TRP A 1 59 ? 18.596  -4.079  -0.424  1.00 24.14 ?  72  TRP A CE3  1 
ATOM   443  C CZ2  . TRP A 1 59 ? 18.763  -2.641  -2.861  1.00 26.51 ?  72  TRP A CZ2  1 
ATOM   444  C CZ3  . TRP A 1 59 ? 17.797  -2.971  -0.666  1.00 22.50 ?  72  TRP A CZ3  1 
ATOM   445  C CH2  . TRP A 1 59 ? 17.889  -2.266  -1.877  1.00 26.01 ?  72  TRP A CH2  1 
ATOM   446  N N    . SER A 1 60 ? 23.468  -7.299  1.031   1.00 19.53 ?  73  SER A N    1 
ATOM   447  C CA   . SER A 1 60 ? 23.982  -7.509  2.370   1.00 23.84 ?  73  SER A CA   1 
ATOM   448  C C    . SER A 1 60 ? 23.002  -6.944  3.404   1.00 21.69 ?  73  SER A C    1 
ATOM   449  O O    . SER A 1 60 ? 22.072  -6.199  3.085   1.00 22.65 ?  73  SER A O    1 
ATOM   450  C CB   . SER A 1 60 ? 25.337  -6.831  2.527   1.00 24.31 ?  73  SER A CB   1 
ATOM   451  O OG   . SER A 1 60 ? 25.156  -5.419  2.580   1.00 23.14 ?  73  SER A OG   1 
ATOM   452  N N    . SER A 1 61 ? 23.228  -7.319  4.664   1.00 23.61 ?  74  SER A N    1 
ATOM   453  C CA   . SER A 1 61 ? 22.473  -6.725  5.760   1.00 27.78 ?  74  SER A CA   1 
ATOM   454  C C    . SER A 1 61 ? 22.711  -5.219  5.844   1.00 27.38 ?  74  SER A C    1 
ATOM   455  O O    . SER A 1 61 ? 21.771  -4.439  6.051   1.00 28.18 ?  74  SER A O    1 
ATOM   456  C CB   . SER A 1 61 ? 22.866  -7.414  7.073   1.00 27.51 ?  74  SER A CB   1 
ATOM   457  O OG   . SER A 1 61 ? 22.064  -6.945  8.139   1.00 38.22 ?  74  SER A OG   1 
ATOM   458  N N    . ASP A 1 62 ? 23.968  -4.792  5.684   1.00 30.72 ?  75  ASP A N    1 
ATOM   459  C CA   . ASP A 1 62 ? 24.293  -3.369  5.740   1.00 31.70 ?  75  ASP A CA   1 
ATOM   460  C C    . ASP A 1 62 ? 23.509  -2.590  4.697   1.00 30.64 ?  75  ASP A C    1 
ATOM   461  O O    . ASP A 1 62 ? 22.917  -1.550  4.999   1.00 31.56 ?  75  ASP A O    1 
ATOM   462  C CB   . ASP A 1 62 ? 25.796  -3.160  5.532   1.00 35.61 ?  75  ASP A CB   1 
ATOM   463  C CG   . ASP A 1 62 ? 26.631  -3.668  6.690   1.00 44.58 ?  75  ASP A CG   1 
ATOM   464  O OD1  . ASP A 1 62 ? 26.074  -3.850  7.793   1.00 47.22 ?  75  ASP A OD1  1 
ATOM   465  O OD2  . ASP A 1 62 ? 27.852  -3.878  6.495   1.00 45.78 ?  75  ASP A OD2  1 
ATOM   466  N N    . LYS A 1 63 ? 23.501  -3.081  3.453   1.00 25.54 ?  76  LYS A N    1 
ATOM   467  C CA   . LYS A 1 63 ? 22.733  -2.434  2.398   1.00 24.93 ?  76  LYS A CA   1 
ATOM   468  C C    . LYS A 1 63 ? 21.252  -2.357  2.758   1.00 25.67 ?  76  LYS A C    1 
ATOM   469  O O    . LYS A 1 63 ? 20.618  -1.312  2.597   1.00 24.69 ?  76  LYS A O    1 
ATOM   470  C CB   . LYS A 1 63 ? 22.927  -3.187  1.078   1.00 23.38 ?  76  LYS A CB   1 
ATOM   471  C CG   . LYS A 1 63 ? 22.057  -2.684  -0.066  1.00 23.51 ?  76  LYS A CG   1 
ATOM   472  C CD   . LYS A 1 63 ? 22.479  -1.296  -0.520  1.00 24.00 ?  76  LYS A CD   1 
ATOM   473  C CE   . LYS A 1 63 ? 21.651  -0.835  -1.712  1.00 28.29 ?  76  LYS A CE   1 
ATOM   474  N NZ   . LYS A 1 63 ? 22.039  0.535   -2.163  1.00 30.95 ?  76  LYS A NZ   1 
ATOM   475  N N    . ALA A 1 64 ? 20.678  -3.468  3.226   1.00 25.46 ?  77  ALA A N    1 
ATOM   476  C CA   . ALA A 1 64 ? 19.266  -3.467  3.601   1.00 29.85 ?  77  ALA A CA   1 
ATOM   477  C C    . ALA A 1 64 ? 19.008  -2.476  4.731   1.00 27.05 ?  77  ALA A C    1 
ATOM   478  O O    . ALA A 1 64 ? 18.065  -1.680  4.673   1.00 34.40 ?  77  ALA A O    1 
ATOM   479  C CB   . ALA A 1 64 ? 18.830  -4.876  4.010   1.00 24.88 ?  77  ALA A CB   1 
ATOM   480  N N    . HIS A 1 65 ? 19.837  -2.527  5.774   1.00 32.66 ?  78  HIS A N    1 
ATOM   481  C CA   . HIS A 1 65 ? 19.727  -1.581  6.881   1.00 33.72 ?  78  HIS A CA   1 
ATOM   482  C C    . HIS A 1 65 ? 19.756  -0.146  6.377   1.00 36.64 ?  78  HIS A C    1 
ATOM   483  O O    . HIS A 1 65 ? 18.930  0.683   6.774   1.00 41.44 ?  78  HIS A O    1 
ATOM   484  C CB   . HIS A 1 65 ? 20.862  -1.809  7.884   1.00 36.24 ?  78  HIS A CB   1 
ATOM   485  C CG   . HIS A 1 65 ? 20.493  -2.673  9.048   1.00 43.77 ?  78  HIS A CG   1 
ATOM   486  N ND1  . HIS A 1 65 ? 19.621  -2.263  10.035  1.00 48.84 ?  78  HIS A ND1  1 
ATOM   487  C CD2  . HIS A 1 65 ? 20.905  -3.914  9.405   1.00 47.68 ?  78  HIS A CD2  1 
ATOM   488  C CE1  . HIS A 1 65 ? 19.502  -3.219  10.940  1.00 49.94 ?  78  HIS A CE1  1 
ATOM   489  N NE2  . HIS A 1 65 ? 20.269  -4.231  10.582  1.00 47.13 ?  78  HIS A NE2  1 
ATOM   490  N N    . LYS A 1 66 ? 20.725  0.168   5.512   1.00 33.31 ?  79  LYS A N    1 
ATOM   491  C CA   . LYS A 1 66 ? 20.822  1.511   4.951   1.00 33.85 ?  79  LYS A CA   1 
ATOM   492  C C    . LYS A 1 66 ? 19.528  1.899   4.264   1.00 37.21 ?  79  LYS A C    1 
ATOM   493  O O    . LYS A 1 66 ? 18.985  2.983   4.499   1.00 42.17 ?  79  LYS A O    1 
ATOM   494  C CB   . LYS A 1 66 ? 21.983  1.591   3.960   1.00 38.35 ?  79  LYS A CB   1 
ATOM   495  C CG   . LYS A 1 66 ? 22.732  2.906   3.964   1.00 43.17 ?  79  LYS A CG   1 
ATOM   496  C CD   . LYS A 1 66 ? 23.925  2.823   4.910   1.00 49.26 ?  79  LYS A CD   1 
ATOM   497  C CE   . LYS A 1 66 ? 24.786  1.593   4.600   1.00 51.35 ?  79  LYS A CE   1 
ATOM   498  N NZ   . LYS A 1 66 ? 26.023  1.511   5.437   1.00 49.72 ?  79  LYS A NZ   1 
ATOM   499  N N    . VAL A 1 67 ? 19.016  1.017   3.408   1.00 34.58 ?  80  VAL A N    1 
ATOM   500  C CA   . VAL A 1 67 ? 17.824  1.339   2.636   1.00 39.51 ?  80  VAL A CA   1 
ATOM   501  C C    . VAL A 1 67 ? 16.582  1.373   3.528   1.00 37.19 ?  80  VAL A C    1 
ATOM   502  O O    . VAL A 1 67 ? 15.705  2.225   3.354   1.00 46.02 ?  80  VAL A O    1 
ATOM   503  C CB   . VAL A 1 67 ? 17.667  0.341   1.479   1.00 35.66 ?  80  VAL A CB   1 
ATOM   504  C CG1  . VAL A 1 67 ? 16.376  0.600   0.740   1.00 37.87 ?  80  VAL A CG1  1 
ATOM   505  C CG2  . VAL A 1 67 ? 18.861  0.434   0.531   1.00 36.78 ?  80  VAL A CG2  1 
ATOM   506  N N    . LEU A 1 68 ? 16.484  0.453   4.493   1.00 41.91 ?  81  LEU A N    1 
ATOM   507  C CA   . LEU A 1 68 ? 15.241  0.233   5.228   1.00 37.53 ?  81  LEU A CA   1 
ATOM   508  C C    . LEU A 1 68 ? 15.218  0.848   6.620   1.00 47.21 ?  81  LEU A C    1 
ATOM   509  O O    . LEU A 1 68 ? 14.127  1.066   7.161   1.00 48.19 ?  81  LEU A O    1 
ATOM   510  C CB   . LEU A 1 68 ? 14.962  -1.269  5.361   1.00 36.56 ?  81  LEU A CB   1 
ATOM   511  C CG   . LEU A 1 68 ? 14.467  -1.985  4.115   1.00 36.98 ?  81  LEU A CG   1 
ATOM   512  C CD1  . LEU A 1 68 ? 14.486  -3.494  4.333   1.00 34.45 ?  81  LEU A CD1  1 
ATOM   513  C CD2  . LEU A 1 68 ? 13.069  -1.497  3.745   1.00 34.12 ?  81  LEU A CD2  1 
ATOM   514  N N    . LYS A 1 69 ? 16.374  1.115   7.221   1.00 46.15 ?  82  LYS A N    1 
ATOM   515  C CA   . LYS A 1 69 ? 16.462  1.662   8.572   1.00 51.04 ?  82  LYS A CA   1 
ATOM   516  C C    . LYS A 1 69 ? 17.406  2.862   8.598   1.00 54.20 ?  82  LYS A C    1 
ATOM   517  O O    . LYS A 1 69 ? 18.195  3.047   9.530   1.00 59.84 ?  82  LYS A O    1 
ATOM   518  C CB   . LYS A 1 69 ? 16.894  0.573   9.556   1.00 49.00 ?  82  LYS A CB   1 
ATOM   519  C CG   . LYS A 1 69 ? 17.256  1.040   10.957  1.00 54.50 ?  82  LYS A CG   1 
ATOM   520  C CD   . LYS A 1 69 ? 18.633  0.509   11.348  1.00 55.45 ?  82  LYS A CD   1 
ATOM   521  C CE   . LYS A 1 69 ? 19.677  0.830   10.279  1.00 48.83 ?  82  LYS A CE   1 
ATOM   522  N NZ   . LYS A 1 69 ? 20.992  0.197   10.563  1.00 47.45 ?  82  LYS A NZ   1 
ATOM   523  N N    . GLN A 1 70 ? 17.339  3.702   7.573   1.00 52.07 ?  83  GLN A N    1 
ATOM   524  C CA   . GLN A 1 70 ? 18.223  4.859   7.490   1.00 56.52 ?  83  GLN A CA   1 
ATOM   525  C C    . GLN A 1 70 ? 17.998  5.838   8.641   1.00 65.79 ?  83  GLN A C    1 
ATOM   526  O O    . GLN A 1 70 ? 17.433  5.484   9.678   1.00 68.47 ?  83  GLN A O    1 
ATOM   527  C CB   . GLN A 1 70 ? 18.032  5.570   6.157   1.00 55.59 ?  83  GLN A CB   1 
ATOM   528  C CG   . GLN A 1 70 ? 16.585  5.757   5.767   1.00 59.05 ?  83  GLN A CG   1 
ATOM   529  C CD   . GLN A 1 70 ? 16.443  6.448   4.432   1.00 60.23 ?  83  GLN A CD   1 
ATOM   530  O OE1  . GLN A 1 70 ? 17.063  7.484   4.191   1.00 65.92 ?  83  GLN A OE1  1 
ATOM   531  N NE2  . GLN A 1 70 ? 15.636  5.873   3.546   1.00 60.21 ?  83  GLN A NE2  1 
ATOM   532  N N    . GLU A 1 74 ? 8.595   8.507   5.363   1.00 50.25 ?  87  GLU A N    1 
ATOM   533  C CA   . GLU A 1 74 ? 8.081   7.321   6.033   1.00 45.20 ?  87  GLU A CA   1 
ATOM   534  C C    . GLU A 1 74 ? 7.282   6.459   5.069   1.00 42.86 ?  87  GLU A C    1 
ATOM   535  O O    . GLU A 1 74 ? 6.315   5.794   5.467   1.00 39.23 ?  87  GLU A O    1 
ATOM   536  C CB   . GLU A 1 74 ? 7.202   7.698   7.226   1.00 48.92 ?  87  GLU A CB   1 
ATOM   537  C CG   . GLU A 1 74 ? 5.815   8.182   6.851   1.00 42.31 ?  87  GLU A CG   1 
ATOM   538  C CD   . GLU A 1 74 ? 5.760   9.683   6.655   1.00 56.05 ?  87  GLU A CD   1 
ATOM   539  O OE1  . GLU A 1 74 ? 6.426   10.195  5.726   1.00 61.61 ?  87  GLU A OE1  1 
ATOM   540  O OE2  . GLU A 1 74 ? 5.056   10.355  7.440   1.00 61.95 ?  87  GLU A OE2  1 
ATOM   541  N N    . LYS A 1 75 ? 7.680   6.495   3.800   1.00 36.14 ?  88  LYS A N    1 
ATOM   542  C CA   . LYS A 1 75 ? 7.120   5.636   2.767   1.00 37.14 ?  88  LYS A CA   1 
ATOM   543  C C    . LYS A 1 75 ? 8.157   4.593   2.376   1.00 33.81 ?  88  LYS A C    1 
ATOM   544  O O    . LYS A 1 75 ? 9.333   4.921   2.192   1.00 35.33 ?  88  LYS A O    1 
ATOM   545  C CB   . LYS A 1 75 ? 6.704   6.445   1.538   1.00 33.09 ?  88  LYS A CB   1 
ATOM   546  C CG   . LYS A 1 75 ? 5.903   5.646   0.532   1.00 37.85 ?  88  LYS A CG   1 
ATOM   547  C CD   . LYS A 1 75 ? 5.610   6.451   -0.725  1.00 35.31 ?  88  LYS A CD   1 
ATOM   548  C CE   . LYS A 1 75 ? 6.792   6.448   -1.685  1.00 36.63 ?  88  LYS A CE   1 
ATOM   549  N NZ   . LYS A 1 75 ? 6.419   7.041   -3.001  1.00 38.59 ?  88  LYS A NZ   1 
ATOM   550  N N    . ILE A 1 76 ? 7.727   3.343   2.267   1.00 27.37 ?  89  ILE A N    1 
ATOM   551  C CA   . ILE A 1 76 ? 8.567   2.266   1.753   1.00 27.97 ?  89  ILE A CA   1 
ATOM   552  C C    . ILE A 1 76 ? 7.774   1.555   0.667   1.00 26.01 ?  89  ILE A C    1 
ATOM   553  O O    . ILE A 1 76 ? 6.589   1.259   0.860   1.00 24.31 ?  89  ILE A O    1 
ATOM   554  C CB   . ILE A 1 76 ? 8.985   1.266   2.850   1.00 30.91 ?  89  ILE A CB   1 
ATOM   555  C CG1  . ILE A 1 76 ? 9.822   1.945   3.943   1.00 33.73 ?  89  ILE A CG1  1 
ATOM   556  C CG2  . ILE A 1 76 ? 9.772   0.105   2.237   1.00 34.46 ?  89  ILE A CG2  1 
ATOM   557  C CD1  . ILE A 1 76 ? 9.026   2.817   4.898   1.00 38.76 ?  89  ILE A CD1  1 
ATOM   558  N N    . THR A 1 77 ? 8.409   1.293   -0.474  1.00 22.83 ?  90  THR A N    1 
ATOM   559  C CA   . THR A 1 77 ? 7.784   0.498   -1.518  1.00 18.67 ?  90  THR A CA   1 
ATOM   560  C C    . THR A 1 77 ? 8.562   -0.804  -1.690  1.00 21.19 ?  90  THR A C    1 
ATOM   561  O O    . THR A 1 77 ? 9.774   -0.855  -1.473  1.00 21.21 ?  90  THR A O    1 
ATOM   562  C CB   . THR A 1 77 ? 7.699   1.247   -2.858  1.00 27.95 ?  90  THR A CB   1 
ATOM   563  O OG1  . THR A 1 77 ? 8.994   1.328   -3.470  1.00 31.31 ?  90  THR A OG1  1 
ATOM   564  C CG2  . THR A 1 77 ? 7.133   2.644   -2.670  1.00 25.06 ?  90  THR A CG2  1 
ATOM   565  N N    . MET A 1 78 ? 7.849   -1.860  -2.057  1.00 17.56 ?  91  MET A N    1 
ATOM   566  C CA   . MET A 1 78 ? 8.472   -3.143  -2.364  1.00 18.85 ?  91  MET A CA   1 
ATOM   567  C C    . MET A 1 78 ? 7.770   -3.775  -3.551  1.00 22.09 ?  91  MET A C    1 
ATOM   568  O O    . MET A 1 78 ? 6.545   -3.708  -3.670  1.00 18.67 ?  91  MET A O    1 
ATOM   569  C CB   . MET A 1 78 ? 8.405   -4.110  -1.177  1.00 17.93 ?  91  MET A CB   1 
ATOM   570  C CG   . MET A 1 78 ? 9.202   -3.669  0.027   1.00 19.69 ?  91  MET A CG   1 
ATOM   571  S SD   . MET A 1 78 ? 9.087   -4.907  1.337   1.00 28.33 ?  91  MET A SD   1 
ATOM   572  C CE   . MET A 1 78 ? 10.082  -4.116  2.595   1.00 34.44 ?  91  MET A CE   1 
ATOM   573  N N    . THR A 1 79 ? 8.547   -4.409  -4.419  1.00 17.24 ?  92  THR A N    1 
ATOM   574  C CA   . THR A 1 79 ? 7.995   -5.242  -5.474  1.00 15.13 ?  92  THR A CA   1 
ATOM   575  C C    . THR A 1 79 ? 8.032   -6.692  -5.013  1.00 17.92 ?  92  THR A C    1 
ATOM   576  O O    . THR A 1 79 ? 9.087   -7.185  -4.591  1.00 16.13 ?  92  THR A O    1 
ATOM   577  C CB   . THR A 1 79 ? 8.784   -5.056  -6.767  1.00 20.37 ?  92  THR A CB   1 
ATOM   578  O OG1  . THR A 1 79 ? 8.808   -3.661  -7.082  1.00 21.58 ?  92  THR A OG1  1 
ATOM   579  C CG2  . THR A 1 79 ? 8.121   -5.836  -7.913  1.00 21.73 ?  92  THR A CG2  1 
ATOM   580  N N    . ILE A 1 80 ? 6.879   -7.360  -5.083  1.00 16.40 ?  93  ILE A N    1 
ATOM   581  C CA   . ILE A 1 80 ? 6.662   -8.671  -4.476  1.00 17.29 ?  93  ILE A CA   1 
ATOM   582  C C    . ILE A 1 80 ? 6.288   -9.685  -5.551  1.00 22.59 ?  93  ILE A C    1 
ATOM   583  O O    . ILE A 1 80 ? 5.522   -9.379  -6.472  1.00 24.59 ?  93  ILE A O    1 
ATOM   584  C CB   . ILE A 1 80 ? 5.545   -8.615  -3.413  1.00 24.41 ?  93  ILE A CB   1 
ATOM   585  C CG1  . ILE A 1 80 ? 5.877   -7.592  -2.332  1.00 25.09 ?  93  ILE A CG1  1 
ATOM   586  C CG2  . ILE A 1 80 ? 5.313   -9.989  -2.815  1.00 28.91 ?  93  ILE A CG2  1 
ATOM   587  C CD1  . ILE A 1 80 ? 7.133   -7.905  -1.584  1.00 21.17 ?  93  ILE A CD1  1 
ATOM   588  N N    . ARG A 1 81 ? 6.799   -10.905 -5.411  1.00 22.09 ?  94  ARG A N    1 
ATOM   589  C CA   . ARG A 1 81 ? 6.347   -12.023 -6.230  1.00 27.66 ?  94  ARG A CA   1 
ATOM   590  C C    . ARG A 1 81 ? 5.640   -13.074 -5.373  1.00 33.04 ?  94  ARG A C    1 
ATOM   591  O O    . ARG A 1 81 ? 6.141   -13.466 -4.304  1.00 35.01 ?  94  ARG A O    1 
ATOM   592  C CB   . ARG A 1 81 ? 7.520   -12.656 -6.962  1.00 30.51 ?  94  ARG A CB   1 
ATOM   593  C CG   . ARG A 1 81 ? 7.105   -13.786 -7.877  1.00 37.09 ?  94  ARG A CG   1 
ATOM   594  C CD   . ARG A 1 81 ? 8.111   -13.940 -8.986  1.00 34.68 ?  94  ARG A CD   1 
ATOM   595  N NE   . ARG A 1 81 ? 9.418   -14.313 -8.460  1.00 42.03 ?  94  ARG A NE   1 
ATOM   596  C CZ   . ARG A 1 81 ? 10.474  -14.594 -9.217  1.00 42.86 ?  94  ARG A CZ   1 
ATOM   597  N NH1  . ARG A 1 81 ? 11.626  -14.928 -8.652  1.00 43.54 ?  94  ARG A NH1  1 
ATOM   598  N NH2  . ARG A 1 81 ? 10.375  -14.538 -10.537 1.00 46.50 ?  94  ARG A NH2  1 
ATOM   599  N N    . GLY B 1 1  ? -0.462  -5.584  -13.292 1.00 40.96 ?  14  GLY B N    1 
ATOM   600  C CA   . GLY B 1 1  ? 0.239   -5.323  -12.045 1.00 30.10 ?  14  GLY B CA   1 
ATOM   601  C C    . GLY B 1 1  ? -0.620  -4.661  -10.971 1.00 25.03 ?  14  GLY B C    1 
ATOM   602  O O    . GLY B 1 1  ? -0.962  -3.480  -11.065 1.00 30.32 ?  14  GLY B O    1 
ATOM   603  N N    . ILE B 1 2  ? -0.961  -5.424  -9.943  1.00 23.52 ?  15  ILE B N    1 
ATOM   604  C CA   . ILE B 1 2  ? -1.720  -4.903  -8.810  1.00 21.98 ?  15  ILE B CA   1 
ATOM   605  C C    . ILE B 1 2  ? -0.796  -4.104  -7.905  1.00 24.33 ?  15  ILE B C    1 
ATOM   606  O O    . ILE B 1 2  ? 0.370   -4.467  -7.709  1.00 19.20 ?  15  ILE B O    1 
ATOM   607  C CB   . ILE B 1 2  ? -2.374  -6.060  -8.042  1.00 25.68 ?  15  ILE B CB   1 
ATOM   608  C CG1  . ILE B 1 2  ? -3.383  -6.796  -8.938  1.00 30.40 ?  15  ILE B CG1  1 
ATOM   609  C CG2  . ILE B 1 2  ? -3.002  -5.550  -6.747  1.00 27.87 ?  15  ILE B CG2  1 
ATOM   610  C CD1  . ILE B 1 2  ? -4.697  -6.065  -9.101  1.00 31.35 ?  15  ILE B CD1  1 
ATOM   611  N N    . ARG B 1 3  ? -1.313  -3.018  -7.333  1.00 19.25 ?  16  ARG B N    1 
ATOM   612  C CA   . ARG B 1 3  ? -0.615  -2.285  -6.295  1.00 18.48 ?  16  ARG B CA   1 
ATOM   613  C C    . ARG B 1 3  ? -1.509  -2.230  -5.067  1.00 19.48 ?  16  ARG B C    1 
ATOM   614  O O    . ARG B 1 3  ? -2.722  -2.046  -5.180  1.00 20.06 ?  16  ARG B O    1 
ATOM   615  C CB   . ARG B 1 3  ? -0.240  -0.863  -6.726  1.00 20.62 ?  16  ARG B CB   1 
ATOM   616  C CG   . ARG B 1 3  ? 0.732   -0.784  -7.889  1.00 27.73 ?  16  ARG B CG   1 
ATOM   617  C CD   . ARG B 1 3  ? 0.125   -0.025  -9.052  1.00 27.46 ?  16  ARG B CD   1 
ATOM   618  N NE   . ARG B 1 3  ? -0.175  1.372   -8.726  1.00 32.91 ?  16  ARG B NE   1 
ATOM   619  C CZ   . ARG B 1 3  ? -0.890  2.182   -9.508  1.00 31.14 ?  16  ARG B CZ   1 
ATOM   620  N NH1  . ARG B 1 3  ? -1.386  1.731   -10.663 1.00 31.59 ?  16  ARG B NH1  1 
ATOM   621  N NH2  . ARG B 1 3  ? -1.117  3.441   -9.144  1.00 27.65 ?  16  ARG B NH2  1 
ATOM   622  N N    . GLU B 1 4  ? -0.905  -2.434  -3.905  1.00 15.45 ?  17  GLU B N    1 
ATOM   623  C CA   . GLU B 1 4  ? -1.571  -2.285  -2.618  1.00 20.99 ?  17  GLU B CA   1 
ATOM   624  C C    . GLU B 1 4  ? -0.927  -1.110  -1.899  1.00 19.69 ?  17  GLU B C    1 
ATOM   625  O O    . GLU B 1 4  ? 0.271   -1.156  -1.605  1.00 17.12 ?  17  GLU B O    1 
ATOM   626  C CB   . GLU B 1 4  ? -1.414  -3.556  -1.784  1.00 26.20 ?  17  GLU B CB   1 
ATOM   627  C CG   . GLU B 1 4  ? -2.311  -4.707  -2.158  1.00 30.95 ?  17  GLU B CG   1 
ATOM   628  C CD   . GLU B 1 4  ? -3.612  -4.648  -1.405  1.00 32.95 ?  17  GLU B CD   1 
ATOM   629  O OE1  . GLU B 1 4  ? -4.490  -3.872  -1.825  1.00 35.06 ?  17  GLU B OE1  1 
ATOM   630  O OE2  . GLU B 1 4  ? -3.747  -5.346  -0.373  1.00 39.52 ?  17  GLU B OE2  1 
ATOM   631  N N    . VAL B 1 5  ? -1.714  -0.072  -1.589  1.00 19.06 ?  18  VAL B N    1 
ATOM   632  C CA   . VAL B 1 5  ? -1.168  1.156   -1.024  1.00 19.57 ?  18  VAL B CA   1 
ATOM   633  C C    . VAL B 1 5  ? -1.880  1.479   0.281   1.00 23.08 ?  18  VAL B C    1 
ATOM   634  O O    . VAL B 1 5  ? -3.082  1.226   0.429   1.00 18.78 ?  18  VAL B O    1 
ATOM   635  C CB   . VAL B 1 5  ? -1.275  2.355   -1.994  1.00 22.83 ?  18  VAL B CB   1 
ATOM   636  C CG1  . VAL B 1 5  ? -0.661  2.000   -3.349  1.00 23.78 ?  18  VAL B CG1  1 
ATOM   637  C CG2  . VAL B 1 5  ? -2.717  2.799   -2.159  1.00 19.35 ?  18  VAL B CG2  1 
ATOM   638  N N    . ILE B 1 6  ? -1.130  2.014   1.233   1.00 19.08 ?  19  ILE B N    1 
ATOM   639  C CA   . ILE B 1 6  ? -1.705  2.598   2.438   1.00 20.01 ?  19  ILE B CA   1 
ATOM   640  C C    . ILE B 1 6  ? -1.706  4.106   2.246   1.00 25.11 ?  19  ILE B C    1 
ATOM   641  O O    . ILE B 1 6  ? -0.655  4.708   1.998   1.00 31.28 ?  19  ILE B O    1 
ATOM   642  C CB   . ILE B 1 6  ? -0.934  2.191   3.703   1.00 22.37 ?  19  ILE B CB   1 
ATOM   643  C CG1  . ILE B 1 6  ? -0.977  0.676   3.899   1.00 20.15 ?  19  ILE B CG1  1 
ATOM   644  C CG2  . ILE B 1 6  ? -1.539  2.900   4.937   1.00 25.86 ?  19  ILE B CG2  1 
ATOM   645  C CD1  . ILE B 1 6  ? -0.011  0.174   4.933   1.00 26.08 ?  19  ILE B CD1  1 
ATOM   646  N N    . LEU B 1 7  ? -2.885  4.709   2.335   1.00 22.40 ?  20  LEU B N    1 
ATOM   647  C CA   . LEU B 1 7  ? -3.055  6.155   2.271   1.00 28.59 ?  20  LEU B CA   1 
ATOM   648  C C    . LEU B 1 7  ? -3.122  6.699   3.689   1.00 27.15 ?  20  LEU B C    1 
ATOM   649  O O    . LEU B 1 7  ? -3.793  6.114   4.546   1.00 27.48 ?  20  LEU B O    1 
ATOM   650  C CB   . LEU B 1 7  ? -4.331  6.525   1.514   1.00 27.16 ?  20  LEU B CB   1 
ATOM   651  C CG   . LEU B 1 7  ? -4.410  6.044   0.062   1.00 29.04 ?  20  LEU B CG   1 
ATOM   652  C CD1  . LEU B 1 7  ? -5.852  6.017   -0.409  1.00 29.28 ?  20  LEU B CD1  1 
ATOM   653  C CD2  . LEU B 1 7  ? -3.578  6.948   -0.819  1.00 29.50 ?  20  LEU B CD2  1 
ATOM   654  N N    . CYS B 1 8  ? -2.410  7.791   3.943   1.00 22.50 ?  21  CYS B N    1 
ATOM   655  C CA   . CYS B 1 8  ? -2.484  8.478   5.229   1.00 25.32 ?  21  CYS B CA   1 
ATOM   656  C C    . CYS B 1 8  ? -3.122  9.839   4.997   1.00 24.56 ?  21  CYS B C    1 
ATOM   657  O O    . CYS B 1 8  ? -2.563  10.664  4.264   1.00 24.87 ?  21  CYS B O    1 
ATOM   658  C CB   . CYS B 1 8  ? -1.104  8.649   5.860   1.00 28.21 ?  21  CYS B CB   1 
ATOM   659  S SG   . CYS B 1 8  ? -1.191  9.421   7.500   1.00 40.52 ?  21  CYS B SG   1 
ATOM   660  N N    . LYS B 1 9  ? -4.282  10.064  5.607   1.00 22.27 ?  22  LYS B N    1 
ATOM   661  C CA   . LYS B 1 9  ? -4.957  11.348  5.477   1.00 19.91 ?  22  LYS B CA   1 
ATOM   662  C C    . LYS B 1 9  ? -4.049  12.476  5.967   1.00 24.24 ?  22  LYS B C    1 
ATOM   663  O O    . LYS B 1 9  ? -3.277  12.314  6.918   1.00 24.39 ?  22  LYS B O    1 
ATOM   664  C CB   . LYS B 1 9  ? -6.260  11.348  6.272   1.00 21.91 ?  22  LYS B CB   1 
ATOM   665  C CG   . LYS B 1 9  ? -7.238  10.228  5.924   1.00 23.90 ?  22  LYS B CG   1 
ATOM   666  C CD   . LYS B 1 9  ? -8.500  10.353  6.756   1.00 26.73 ?  22  LYS B CD   1 
ATOM   667  C CE   . LYS B 1 9  ? -9.436  9.177   6.586   1.00 33.46 ?  22  LYS B CE   1 
ATOM   668  N NZ   . LYS B 1 9  ? -10.616 9.332   7.507   1.00 34.95 ?  22  LYS B NZ   1 
ATOM   669  N N    . ASP B 1 10 ? -4.140  13.635  5.319   1.00 23.17 ?  23  ASP B N    1 
ATOM   670  C CA   . ASP B 1 10 ? -3.303  14.746  5.751   1.00 21.42 ?  23  ASP B CA   1 
ATOM   671  C C    . ASP B 1 10 ? -3.918  15.329  7.022   1.00 23.39 ?  23  ASP B C    1 
ATOM   672  O O    . ASP B 1 10 ? -4.901  14.813  7.561   1.00 19.71 ?  23  ASP B O    1 
ATOM   673  C CB   . ASP B 1 10 ? -3.123  15.791  4.646   1.00 20.60 ?  23  ASP B CB   1 
ATOM   674  C CG   . ASP B 1 10 ? -4.427  16.474  4.226   1.00 25.05 ?  23  ASP B CG   1 
ATOM   675  O OD1  . ASP B 1 10 ? -5.456  16.392  4.935   1.00 24.59 ?  23  ASP B OD1  1 
ATOM   676  O OD2  . ASP B 1 10 ? -4.410  17.121  3.152   1.00 28.43 ?  23  ASP B OD2  1 
ATOM   677  N N    . GLN B 1 11 ? -3.338  16.419  7.513   1.00 23.00 ?  24  GLN B N    1 
ATOM   678  C CA   . GLN B 1 11 ? -3.793  16.959  8.790   1.00 23.01 ?  24  GLN B CA   1 
ATOM   679  C C    . GLN B 1 11 ? -5.229  17.468  8.722   1.00 24.77 ?  24  GLN B C    1 
ATOM   680  O O    . GLN B 1 11 ? -5.861  17.649  9.770   1.00 24.36 ?  24  GLN B O    1 
ATOM   681  C CB   . GLN B 1 11 ? -2.833  18.062  9.239   1.00 23.18 ?  24  GLN B CB   1 
ATOM   682  C CG   . GLN B 1 11 ? -2.927  19.340  8.428   1.00 26.36 ?  24  GLN B CG   1 
ATOM   683  C CD   . GLN B 1 11 ? -1.800  20.297  8.757   1.00 36.58 ?  24  GLN B CD   1 
ATOM   684  O OE1  . GLN B 1 11 ? -0.648  20.061  8.384   1.00 40.49 ?  24  GLN B OE1  1 
ATOM   685  N NE2  . GLN B 1 11 ? -2.119  21.375  9.482   1.00 31.65 ?  24  GLN B NE2  1 
ATOM   686  N N    . ASP B 1 12 ? -5.766  17.697  7.525   1.00 23.61 ?  25  ASP B N    1 
ATOM   687  C CA   . ASP B 1 12 ? -7.159  18.096  7.352   1.00 26.81 ?  25  ASP B CA   1 
ATOM   688  C C    . ASP B 1 12 ? -8.082  16.921  7.059   1.00 23.89 ?  25  ASP B C    1 
ATOM   689  O O    . ASP B 1 12 ? -9.250  17.140  6.723   1.00 25.07 ?  25  ASP B O    1 
ATOM   690  C CB   . ASP B 1 12 ? -7.275  19.139  6.240   1.00 26.01 ?  25  ASP B CB   1 
ATOM   691  C CG   . ASP B 1 12 ? -6.485  20.399  6.549   1.00 33.52 ?  25  ASP B CG   1 
ATOM   692  O OD1  . ASP B 1 12 ? -6.655  20.950  7.658   1.00 34.23 ?  25  ASP B OD1  1 
ATOM   693  O OD2  . ASP B 1 12 ? -5.678  20.830  5.701   1.00 38.56 ?  25  ASP B OD2  1 
ATOM   694  N N    . GLY B 1 13 ? -7.590  15.691  7.187   1.00 21.40 ?  26  GLY B N    1 
ATOM   695  C CA   . GLY B 1 13 ? -8.394  14.510  6.929   1.00 22.56 ?  26  GLY B CA   1 
ATOM   696  C C    . GLY B 1 13 ? -8.626  14.212  5.465   1.00 24.71 ?  26  GLY B C    1 
ATOM   697  O O    . GLY B 1 13 ? -9.510  13.416  5.142   1.00 23.54 ?  26  GLY B O    1 
ATOM   698  N N    . LYS B 1 14 ? -7.852  14.818  4.570   1.00 23.21 ?  27  LYS B N    1 
ATOM   699  C CA   . LYS B 1 14 ? -8.055  14.673  3.132   1.00 23.99 ?  27  LYS B CA   1 
ATOM   700  C C    . LYS B 1 14 ? -6.974  13.793  2.518   1.00 21.85 ?  27  LYS B C    1 
ATOM   701  O O    . LYS B 1 14 ? -5.854  13.697  3.021   1.00 19.87 ?  27  LYS B O    1 
ATOM   702  C CB   . LYS B 1 14 ? -8.062  16.044  2.445   1.00 25.40 ?  27  LYS B CB   1 
ATOM   703  C CG   . LYS B 1 14 ? -9.234  16.940  2.837   1.00 29.88 ?  27  LYS B CG   1 
ATOM   704  C CD   . LYS B 1 14 ? -10.547 16.172  2.767   1.00 31.59 ?  27  LYS B CD   1 
ATOM   705  C CE   . LYS B 1 14 ? -11.752 17.098  2.849   1.00 41.54 ?  27  LYS B CE   1 
ATOM   706  N NZ   . LYS B 1 14 ? -11.697 17.975  4.040   1.00 37.51 ?  27  LYS B NZ   1 
ATOM   707  N N    . ILE B 1 15 ? -7.298  13.161  1.393   1.00 26.60 ?  28  ILE B N    1 
ATOM   708  C CA   . ILE B 1 15 ? -6.284  12.400  0.677   1.00 22.18 ?  28  ILE B CA   1 
ATOM   709  C C    . ILE B 1 15 ? -6.006  12.945  -0.721  1.00 24.31 ?  28  ILE B C    1 
ATOM   710  O O    . ILE B 1 15 ? -4.937  12.649  -1.276  1.00 20.56 ?  28  ILE B O    1 
ATOM   711  C CB   . ILE B 1 15 ? -6.622  10.893  0.619   1.00 29.61 ?  28  ILE B CB   1 
ATOM   712  C CG1  . ILE B 1 15 ? -7.907  10.624  -0.148  1.00 29.14 ?  28  ILE B CG1  1 
ATOM   713  C CG2  . ILE B 1 15 ? -6.716  10.294  2.039   1.00 26.48 ?  28  ILE B CG2  1 
ATOM   714  C CD1  . ILE B 1 15 ? -8.080  9.136   -0.472  1.00 32.23 ?  28  ILE B CD1  1 
ATOM   715  N N    . GLY B 1 16 ? -6.888  13.760  -1.294  1.00 24.57 ?  29  GLY B N    1 
ATOM   716  C CA   . GLY B 1 16 ? -6.562  14.461  -2.520  1.00 24.80 ?  29  GLY B CA   1 
ATOM   717  C C    . GLY B 1 16 ? -6.959  13.683  -3.755  1.00 19.99 ?  29  GLY B C    1 
ATOM   718  O O    . GLY B 1 16 ? -6.253  13.718  -4.766  1.00 21.83 ?  29  GLY B O    1 
ATOM   719  N N    . LEU B 1 17 ? -8.115  13.025  -3.700  1.00 19.30 ?  30  LEU B N    1 
ATOM   720  C CA   . LEU B 1 17 ? -8.533  12.089  -4.734  1.00 20.79 ?  30  LEU B CA   1 
ATOM   721  C C    . LEU B 1 17 ? -9.992  12.311  -5.126  1.00 22.46 ?  30  LEU B C    1 
ATOM   722  O O    . LEU B 1 17 ? -10.870 12.419  -4.265  1.00 22.20 ?  30  LEU B O    1 
ATOM   723  C CB   . LEU B 1 17 ? -8.319  10.659  -4.217  1.00 26.65 ?  30  LEU B CB   1 
ATOM   724  C CG   . LEU B 1 17 ? -8.244  9.449   -5.128  1.00 28.03 ?  30  LEU B CG   1 
ATOM   725  C CD1  . LEU B 1 17 ? -7.128  9.620   -6.137  1.00 24.58 ?  30  LEU B CD1  1 
ATOM   726  C CD2  . LEU B 1 17 ? -8.006  8.209   -4.265  1.00 25.97 ?  30  LEU B CD2  1 
ATOM   727  N N    . ARG B 1 18 ? -10.255 12.386  -6.424  1.00 19.69 ?  31  ARG B N    1 
ATOM   728  C CA   . ARG B 1 18 ? -11.612 12.317  -6.952  1.00 20.13 ?  31  ARG B CA   1 
ATOM   729  C C    . ARG B 1 18 ? -11.816 10.925  -7.544  1.00 21.17 ?  31  ARG B C    1 
ATOM   730  O O    . ARG B 1 18 ? -11.037 10.490  -8.403  1.00 19.24 ?  31  ARG B O    1 
ATOM   731  C CB   . ARG B 1 18 ? -11.847 13.404  -8.006  1.00 23.31 ?  31  ARG B CB   1 
ATOM   732  C CG   . ARG B 1 18 ? -13.216 13.379  -8.683  1.00 19.79 ?  31  ARG B CG   1 
ATOM   733  C CD   . ARG B 1 18 ? -13.442 14.677  -9.477  1.00 26.14 ?  31  ARG B CD   1 
ATOM   734  N NE   . ARG B 1 18 ? -13.870 15.757  -8.590  1.00 24.17 ?  31  ARG B NE   1 
ATOM   735  C CZ   . ARG B 1 18 ? -13.763 17.054  -8.870  1.00 31.51 ?  31  ARG B CZ   1 
ATOM   736  N NH1  . ARG B 1 18 ? -14.184 17.963  -7.991  1.00 29.25 ?  31  ARG B NH1  1 
ATOM   737  N NH2  . ARG B 1 18 ? -13.239 17.444  -10.028 1.00 30.40 ?  31  ARG B NH2  1 
ATOM   738  N N    . LEU B 1 19 ? -12.828 10.216  -7.054  1.00 17.17 ?  32  LEU B N    1 
ATOM   739  C CA   . LEU B 1 19 ? -13.160 8.884   -7.528  1.00 20.01 ?  32  LEU B CA   1 
ATOM   740  C C    . LEU B 1 19 ? -14.489 8.917   -8.271  1.00 18.89 ?  32  LEU B C    1 
ATOM   741  O O    . LEU B 1 19 ? -15.405 9.669   -7.905  1.00 17.55 ?  32  LEU B O    1 
ATOM   742  C CB   . LEU B 1 19 ? -13.228 7.880   -6.369  1.00 19.61 ?  32  LEU B CB   1 
ATOM   743  C CG   . LEU B 1 19 ? -11.918 7.576   -5.629  1.00 24.07 ?  32  LEU B CG   1 
ATOM   744  C CD1  . LEU B 1 19 ? -12.168 6.595   -4.484  1.00 25.99 ?  32  LEU B CD1  1 
ATOM   745  C CD2  . LEU B 1 19 ? -10.851 7.021   -6.581  1.00 19.64 ?  32  LEU B CD2  1 
ATOM   746  N N    . LYS B 1 20 ? -14.581 8.115   -9.327  1.00 18.91 ?  33  LYS B N    1 
ATOM   747  C CA   . LYS B 1 20 ? -15.794 8.014   -10.123 1.00 18.66 ?  33  LYS B CA   1 
ATOM   748  C C    . LYS B 1 20 ? -16.207 6.555   -10.257 1.00 20.76 ?  33  LYS B C    1 
ATOM   749  O O    . LYS B 1 20 ? -15.408 5.712   -10.689 1.00 21.48 ?  33  LYS B O    1 
ATOM   750  C CB   . LYS B 1 20 ? -15.584 8.633   -11.510 1.00 21.87 ?  33  LYS B CB   1 
ATOM   751  C CG   . LYS B 1 20 ? -16.845 8.698   -12.348 1.00 28.07 ?  33  LYS B CG   1 
ATOM   752  C CD   . LYS B 1 20 ? -16.634 9.568   -13.600 1.00 35.26 ?  33  LYS B CD   1 
ATOM   753  C CE   . LYS B 1 20 ? -17.971 9.986   -14.223 1.00 37.86 ?  33  LYS B CE   1 
ATOM   754  N NZ   . LYS B 1 20 ? -17.785 10.947  -15.357 1.00 44.98 ?  33  LYS B NZ   1 
ATOM   755  N N    . SER B 1 21 ? -17.459 6.268   -9.919  1.00 17.14 ?  34  SER B N    1 
ATOM   756  C CA   . SER B 1 21 ? -18.034 4.937   -10.066 1.00 17.34 ?  34  SER B CA   1 
ATOM   757  C C    . SER B 1 21 ? -18.959 4.935   -11.273 1.00 23.16 ?  34  SER B C    1 
ATOM   758  O O    . SER B 1 21 ? -19.937 5.689   -11.311 1.00 18.28 ?  34  SER B O    1 
ATOM   759  C CB   . SER B 1 21 ? -18.793 4.514   -8.808  1.00 19.30 ?  34  SER B CB   1 
ATOM   760  O OG   . SER B 1 21 ? -19.412 3.245   -9.000  1.00 17.17 ?  34  SER B OG   1 
ATOM   761  N N    . VAL B 1 22 ? -18.636 4.101   -12.262 1.00 18.59 ?  35  VAL B N    1 
ATOM   762  C CA   . VAL B 1 22 ? -19.394 3.995   -13.491 1.00 20.44 ?  35  VAL B CA   1 
ATOM   763  C C    . VAL B 1 22 ? -19.671 2.521   -13.761 1.00 22.64 ?  35  VAL B C    1 
ATOM   764  O O    . VAL B 1 22 ? -19.276 1.645   -12.991 1.00 23.17 ?  35  VAL B O    1 
ATOM   765  C CB   . VAL B 1 22 ? -18.676 4.663   -14.684 1.00 18.38 ?  35  VAL B CB   1 
ATOM   766  C CG1  . VAL B 1 22 ? -18.520 6.173   -14.443 1.00 22.89 ?  35  VAL B CG1  1 
ATOM   767  C CG2  . VAL B 1 22 ? -17.318 3.994   -14.950 1.00 21.69 ?  35  VAL B CG2  1 
ATOM   768  N N    . ASP B 1 23 ? -20.339 2.262   -14.888 1.00 21.25 ?  36  ASP B N    1 
ATOM   769  C CA   . ASP B 1 23 ? -20.818 0.919   -15.194 1.00 26.95 ?  36  ASP B CA   1 
ATOM   770  C C    . ASP B 1 23 ? -19.704 -0.115  -15.132 1.00 25.09 ?  36  ASP B C    1 
ATOM   771  O O    . ASP B 1 23 ? -19.896 -1.222  -14.612 1.00 26.74 ?  36  ASP B O    1 
ATOM   772  C CB   . ASP B 1 23 ? -21.466 0.898   -16.579 1.00 35.43 ?  36  ASP B CB   1 
ATOM   773  C CG   . ASP B 1 23 ? -22.959 1.031   -16.521 1.00 44.79 ?  36  ASP B CG   1 
ATOM   774  O OD1  . ASP B 1 23 ? -23.444 1.915   -15.789 1.00 49.73 ?  36  ASP B OD1  1 
ATOM   775  O OD2  . ASP B 1 23 ? -23.649 0.249   -17.213 1.00 53.11 ?  36  ASP B OD2  1 
ATOM   776  N N    . ASN B 1 24 ? -18.523 0.216   -15.645 1.00 21.24 ?  37  ASN B N    1 
ATOM   777  C CA   . ASN B 1 24 ? -17.480 -0.797  -15.730 1.00 22.66 ?  37  ASN B CA   1 
ATOM   778  C C    . ASN B 1 24 ? -16.353 -0.602  -14.721 1.00 25.82 ?  37  ASN B C    1 
ATOM   779  O O    . ASN B 1 24 ? -15.259 -1.146  -14.922 1.00 22.74 ?  37  ASN B O    1 
ATOM   780  C CB   . ASN B 1 24 ? -16.929 -0.892  -17.159 1.00 23.63 ?  37  ASN B CB   1 
ATOM   781  C CG   . ASN B 1 24 ? -16.239 0.380   -17.639 1.00 23.34 ?  37  ASN B CG   1 
ATOM   782  O OD1  . ASN B 1 24 ? -16.490 1.487   -17.157 1.00 17.52 ?  37  ASN B OD1  1 
ATOM   783  N ND2  . ASN B 1 24 ? -15.380 0.219   -18.645 1.00 24.07 ?  37  ASN B ND2  1 
ATOM   784  N N    . GLY B 1 25 ? -16.603 0.095   -13.623 1.00 20.35 ?  38  GLY B N    1 
ATOM   785  C CA   . GLY B 1 25 ? -15.680 0.069   -12.502 1.00 25.11 ?  38  GLY B CA   1 
ATOM   786  C C    . GLY B 1 25 ? -15.600 1.405   -11.791 1.00 20.46 ?  38  GLY B C    1 
ATOM   787  O O    . GLY B 1 25 ? -16.280 2.366   -12.132 1.00 18.20 ?  38  GLY B O    1 
ATOM   788  N N    . ILE B 1 26 ? -14.739 1.437   -10.774 1.00 19.07 ?  39  ILE B N    1 
ATOM   789  C CA   . ILE B 1 26 ? -14.444 2.639   -9.994  1.00 16.49 ?  39  ILE B CA   1 
ATOM   790  C C    . ILE B 1 26 ? -13.044 3.106   -10.369 1.00 16.62 ?  39  ILE B C    1 
ATOM   791  O O    . ILE B 1 26 ? -12.067 2.354   -10.232 1.00 17.28 ?  39  ILE B O    1 
ATOM   792  C CB   . ILE B 1 26 ? -14.551 2.368   -8.490  1.00 18.35 ?  39  ILE B CB   1 
ATOM   793  C CG1  . ILE B 1 26 ? -15.980 1.927   -8.152  1.00 22.75 ?  39  ILE B CG1  1 
ATOM   794  C CG2  . ILE B 1 26 ? -14.145 3.613   -7.706  1.00 19.10 ?  39  ILE B CG2  1 
ATOM   795  C CD1  . ILE B 1 26 ? -16.158 1.328   -6.761  1.00 26.64 ?  39  ILE B CD1  1 
ATOM   796  N N    . PHE B 1 27 ? -12.940 4.344   -10.838 1.00 14.01 ?  40  PHE B N    1 
ATOM   797  C CA   . PHE B 1 27 ? -11.694 4.839   -11.404 1.00 15.52 ?  40  PHE B CA   1 
ATOM   798  C C    . PHE B 1 27 ? -11.250 6.113   -10.700 1.00 15.88 ?  40  PHE B C    1 
ATOM   799  O O    . PHE B 1 27 ? -12.077 6.932   -10.285 1.00 16.43 ?  40  PHE B O    1 
ATOM   800  C CB   . PHE B 1 27 ? -11.846 5.112   -12.930 1.00 18.38 ?  40  PHE B CB   1 
ATOM   801  C CG   . PHE B 1 27 ? -12.173 3.869   -13.739 1.00 17.42 ?  40  PHE B CG   1 
ATOM   802  C CD1  . PHE B 1 27 ? -11.169 3.038   -14.201 1.00 19.63 ?  40  PHE B CD1  1 
ATOM   803  C CD2  . PHE B 1 27 ? -13.495 3.540   -14.015 1.00 16.23 ?  40  PHE B CD2  1 
ATOM   804  C CE1  . PHE B 1 27 ? -11.473 1.889   -14.937 1.00 18.59 ?  40  PHE B CE1  1 
ATOM   805  C CE2  . PHE B 1 27 ? -13.820 2.405   -14.737 1.00 19.01 ?  40  PHE B CE2  1 
ATOM   806  C CZ   . PHE B 1 27 ? -12.800 1.571   -15.211 1.00 18.95 ?  40  PHE B CZ   1 
ATOM   807  N N    . VAL B 1 28 ? -9.935  6.283   -10.599 1.00 15.37 ?  41  VAL B N    1 
ATOM   808  C CA   . VAL B 1 28 ? -9.361  7.567   -10.210 1.00 19.54 ?  41  VAL B CA   1 
ATOM   809  C C    . VAL B 1 28 ? -9.611  8.580   -11.317 1.00 20.03 ?  41  VAL B C    1 
ATOM   810  O O    . VAL B 1 28 ? -9.213  8.375   -12.469 1.00 16.71 ?  41  VAL B O    1 
ATOM   811  C CB   . VAL B 1 28 ? -7.863  7.436   -9.922  1.00 17.61 ?  41  VAL B CB   1 
ATOM   812  C CG1  . VAL B 1 28 ? -7.267  8.838   -9.698  1.00 18.98 ?  41  VAL B CG1  1 
ATOM   813  C CG2  . VAL B 1 28 ? -7.653  6.574   -8.714  1.00 19.93 ?  41  VAL B CG2  1 
ATOM   814  N N    . GLN B 1 29 ? -10.272 9.685   -10.967 1.00 16.85 ?  42  GLN B N    1 
ATOM   815  C CA   . GLN B 1 29 ? -10.590 10.752  -11.904 1.00 20.96 ?  42  GLN B CA   1 
ATOM   816  C C    . GLN B 1 29 ? -9.618  11.921  -11.815 1.00 23.19 ?  42  GLN B C    1 
ATOM   817  O O    . GLN B 1 29 ? -9.278  12.510  -12.842 1.00 24.88 ?  42  GLN B O    1 
ATOM   818  C CB   . GLN B 1 29 ? -12.020 11.241  -11.656 1.00 23.62 ?  42  GLN B CB   1 
ATOM   819  C CG   . GLN B 1 29 ? -12.433 12.459  -12.455 1.00 24.23 ?  42  GLN B CG   1 
ATOM   820  C CD   . GLN B 1 29 ? -12.552 12.186  -13.942 1.00 31.32 ?  42  GLN B CD   1 
ATOM   821  O OE1  . GLN B 1 29 ? -12.514 11.031  -14.390 1.00 29.66 ?  42  GLN B OE1  1 
ATOM   822  N NE2  . GLN B 1 29 ? -12.692 13.255  -14.720 1.00 32.70 ?  42  GLN B NE2  1 
ATOM   823  N N    . LEU B 1 30 ? -9.152  12.261  -10.614 1.00 19.91 ?  43  LEU B N    1 
ATOM   824  C CA   . LEU B 1 30 ? -8.246  13.387  -10.425 1.00 19.56 ?  43  LEU B CA   1 
ATOM   825  C C    . LEU B 1 30 ? -7.421  13.150  -9.169  1.00 21.56 ?  43  LEU B C    1 
ATOM   826  O O    . LEU B 1 30 ? -7.955  12.694  -8.153  1.00 19.83 ?  43  LEU B O    1 
ATOM   827  C CB   . LEU B 1 30 ? -9.037  14.703  -10.312 1.00 26.42 ?  43  LEU B CB   1 
ATOM   828  C CG   . LEU B 1 30 ? -8.316  16.014  -10.628 1.00 31.08 ?  43  LEU B CG   1 
ATOM   829  C CD1  . LEU B 1 30 ? -7.785  15.981  -12.050 1.00 31.97 ?  43  LEU B CD1  1 
ATOM   830  C CD2  . LEU B 1 30 ? -9.261  17.191  -10.466 1.00 32.80 ?  43  LEU B CD2  1 
ATOM   831  N N    . VAL B 1 31 ? -6.124  13.460  -9.244  1.00 19.77 ?  44  VAL B N    1 
ATOM   832  C CA   . VAL B 1 31 ? -5.199  13.347  -8.118  1.00 23.14 ?  44  VAL B CA   1 
ATOM   833  C C    . VAL B 1 31 ? -4.591  14.724  -7.878  1.00 29.49 ?  44  VAL B C    1 
ATOM   834  O O    . VAL B 1 31 ? -3.919  15.271  -8.759  1.00 26.47 ?  44  VAL B O    1 
ATOM   835  C CB   . VAL B 1 31 ? -4.102  12.304  -8.387  1.00 20.62 ?  44  VAL B CB   1 
ATOM   836  C CG1  . VAL B 1 31 ? -3.093  12.232  -7.222  1.00 23.08 ?  44  VAL B CG1  1 
ATOM   837  C CG2  . VAL B 1 31 ? -4.737  10.943  -8.658  1.00 19.09 ?  44  VAL B CG2  1 
ATOM   838  N N    . GLN B 1 32 ? -4.825  15.282  -6.692  1.00 22.69 ?  45  GLN B N    1 
ATOM   839  C CA   . GLN B 1 32 ? -4.279  16.597  -6.382  1.00 28.66 ?  45  GLN B CA   1 
ATOM   840  C C    . GLN B 1 32 ? -2.769  16.521  -6.206  1.00 30.59 ?  45  GLN B C    1 
ATOM   841  O O    . GLN B 1 32 ? -2.242  15.541  -5.674  1.00 27.87 ?  45  GLN B O    1 
ATOM   842  C CB   . GLN B 1 32 ? -4.927  17.151  -5.122  1.00 28.31 ?  45  GLN B CB   1 
ATOM   843  C CG   . GLN B 1 32 ? -6.330  17.658  -5.329  1.00 34.74 ?  45  GLN B CG   1 
ATOM   844  C CD   . GLN B 1 32 ? -6.859  18.365  -4.116  1.00 38.32 ?  45  GLN B CD   1 
ATOM   845  O OE1  . GLN B 1 32 ? -6.500  18.034  -2.981  1.00 40.37 ?  45  GLN B OE1  1 
ATOM   846  N NE2  . GLN B 1 32 ? -7.718  19.352  -4.337  1.00 37.30 ?  45  GLN B NE2  1 
ATOM   847  N N    . ALA B 1 33 ? -2.067  17.561  -6.659  1.00 28.22 ?  46  ALA B N    1 
ATOM   848  C CA   . ALA B 1 33 ? -0.621  17.589  -6.502  1.00 31.92 ?  46  ALA B CA   1 
ATOM   849  C C    . ALA B 1 33 ? -0.249  17.661  -5.026  1.00 32.09 ?  46  ALA B C    1 
ATOM   850  O O    . ALA B 1 33 ? -0.977  18.231  -4.211  1.00 32.05 ?  46  ALA B O    1 
ATOM   851  C CB   . ALA B 1 33 ? -0.013  18.775  -7.254  1.00 42.04 ?  46  ALA B CB   1 
ATOM   852  N N    . ASN B 1 34 ? 0.884   17.044  -4.685  1.00 35.19 ?  47  ASN B N    1 
ATOM   853  C CA   . ASN B 1 34 ? 1.441   17.101  -3.331  1.00 39.65 ?  47  ASN B CA   1 
ATOM   854  C C    . ASN B 1 34 ? 0.402   16.693  -2.290  1.00 35.96 ?  47  ASN B C    1 
ATOM   855  O O    . ASN B 1 34 ? 0.202   17.356  -1.271  1.00 36.51 ?  47  ASN B O    1 
ATOM   856  C CB   . ASN B 1 34 ? 1.998   18.492  -3.033  1.00 41.70 ?  47  ASN B CB   1 
ATOM   857  C CG   . ASN B 1 34 ? 3.158   18.850  -3.933  1.00 40.69 ?  47  ASN B CG   1 
ATOM   858  O OD1  . ASN B 1 34 ? 4.093   18.067  -4.098  1.00 47.77 ?  47  ASN B OD1  1 
ATOM   859  N ND2  . ASN B 1 34 ? 3.092   20.024  -4.545  1.00 47.13 ?  47  ASN B ND2  1 
ATOM   860  N N    . SER B 1 35 ? -0.261  15.578  -2.557  1.00 31.03 ?  48  SER B N    1 
ATOM   861  C CA   . SER B 1 35 ? -1.306  15.038  -1.709  1.00 27.66 ?  48  SER B CA   1 
ATOM   862  C C    . SER B 1 35 ? -0.912  13.653  -1.216  1.00 22.77 ?  48  SER B C    1 
ATOM   863  O O    . SER B 1 35 ? -0.014  13.016  -1.781  1.00 23.39 ?  48  SER B O    1 
ATOM   864  C CB   . SER B 1 35 ? -2.631  14.954  -2.483  1.00 26.02 ?  48  SER B CB   1 
ATOM   865  O OG   . SER B 1 35 ? -2.519  14.017  -3.547  1.00 22.61 ?  48  SER B OG   1 
ATOM   866  N N    . PRO B 1 36 ? -1.574  13.144  -0.172  1.00 19.87 ?  49  PRO B N    1 
ATOM   867  C CA   . PRO B 1 36 ? -1.398  11.719  0.162   1.00 22.30 ?  49  PRO B CA   1 
ATOM   868  C C    . PRO B 1 36 ? -1.571  10.787  -1.034  1.00 20.57 ?  49  PRO B C    1 
ATOM   869  O O    . PRO B 1 36 ? -0.863  9.777   -1.135  1.00 18.53 ?  49  PRO B O    1 
ATOM   870  C CB   . PRO B 1 36 ? -2.473  11.481  1.223   1.00 22.30 ?  49  PRO B CB   1 
ATOM   871  C CG   . PRO B 1 36 ? -2.616  12.826  1.900   1.00 23.10 ?  49  PRO B CG   1 
ATOM   872  C CD   . PRO B 1 36 ? -2.397  13.859  0.827   1.00 22.25 ?  49  PRO B CD   1 
ATOM   873  N N    . ALA B 1 37 ? -2.498  11.103  -1.943  1.00 19.93 ?  50  ALA B N    1 
ATOM   874  C CA   . ALA B 1 37 ? -2.740  10.220  -3.086  1.00 19.84 ?  50  ALA B CA   1 
ATOM   875  C C    . ALA B 1 37 ? -1.601  10.279  -4.099  1.00 21.84 ?  50  ALA B C    1 
ATOM   876  O O    . ALA B 1 37 ? -1.210  9.246   -4.664  1.00 21.35 ?  50  ALA B O    1 
ATOM   877  C CB   . ALA B 1 37 ? -4.071  10.573  -3.752  1.00 17.90 ?  50  ALA B CB   1 
ATOM   878  N N    . SER B 1 38 ? -1.045  11.465  -4.352  1.00 17.62 ?  51  SER B N    1 
ATOM   879  C CA   . SER B 1 38 ? 0.075   11.505  -5.287  1.00 25.91 ?  51  SER B CA   1 
ATOM   880  C C    . SER B 1 38 ? 1.331   10.891  -4.670  1.00 25.74 ?  51  SER B C    1 
ATOM   881  O O    . SER B 1 38 ? 2.146   10.305  -5.389  1.00 21.58 ?  51  SER B O    1 
ATOM   882  C CB   . SER B 1 38 ? 0.332   12.939  -5.771  1.00 26.92 ?  51  SER B CB   1 
ATOM   883  O OG   . SER B 1 38 ? 0.890   13.771  -4.765  1.00 29.59 ?  51  SER B OG   1 
ATOM   884  N N    . LEU B 1 39 ? 1.477   10.964  -3.343  1.00 25.68 ?  52  LEU B N    1 
ATOM   885  C CA   . LEU B 1 39 ? 2.650   10.394  -2.687  1.00 25.52 ?  52  LEU B CA   1 
ATOM   886  C C    . LEU B 1 39 ? 2.728   8.877   -2.848  1.00 26.54 ?  52  LEU B C    1 
ATOM   887  O O    . LEU B 1 39 ? 3.830   8.322   -2.909  1.00 31.10 ?  52  LEU B O    1 
ATOM   888  C CB   . LEU B 1 39 ? 2.650   10.752  -1.196  1.00 24.49 ?  52  LEU B CB   1 
ATOM   889  C CG   . LEU B 1 39 ? 3.667   9.954   -0.379  1.00 31.64 ?  52  LEU B CG   1 
ATOM   890  C CD1  . LEU B 1 39 ? 5.078   10.208  -0.899  1.00 38.72 ?  52  LEU B CD1  1 
ATOM   891  C CD2  . LEU B 1 39 ? 3.575   10.254  1.118   1.00 35.02 ?  52  LEU B CD2  1 
ATOM   892  N N    . VAL B 1 40 ? 1.587   8.186   -2.905  1.00 22.76 ?  53  VAL B N    1 
ATOM   893  C CA   . VAL B 1 40 ? 1.606   6.737   -3.090  1.00 24.93 ?  53  VAL B CA   1 
ATOM   894  C C    . VAL B 1 40 ? 1.416   6.375   -4.565  1.00 26.28 ?  53  VAL B C    1 
ATOM   895  O O    . VAL B 1 40 ? 1.183   5.209   -4.911  1.00 24.16 ?  53  VAL B O    1 
ATOM   896  C CB   . VAL B 1 40 ? 0.551   6.042   -2.209  1.00 22.30 ?  53  VAL B CB   1 
ATOM   897  C CG1  . VAL B 1 40 ? 0.832   6.310   -0.722  1.00 24.66 ?  53  VAL B CG1  1 
ATOM   898  C CG2  . VAL B 1 40 ? -0.852  6.460   -2.591  1.00 22.63 ?  53  VAL B CG2  1 
ATOM   899  N N    . GLY B 1 41 ? 1.524   7.362   -5.445  1.00 25.09 ?  54  GLY B N    1 
ATOM   900  C CA   . GLY B 1 41 ? 1.583   7.055   -6.867  1.00 25.18 ?  54  GLY B CA   1 
ATOM   901  C C    . GLY B 1 41 ? 0.258   6.798   -7.547  1.00 23.28 ?  54  GLY B C    1 
ATOM   902  O O    . GLY B 1 41 ? 0.235   6.199   -8.626  1.00 23.56 ?  54  GLY B O    1 
ATOM   903  N N    . LEU B 1 42 ? -0.856  7.235   -6.966  1.00 20.62 ?  55  LEU B N    1 
ATOM   904  C CA   . LEU B 1 42 ? -2.118  7.124   -7.685  1.00 20.18 ?  55  LEU B CA   1 
ATOM   905  C C    . LEU B 1 42 ? -2.133  8.094   -8.860  1.00 21.64 ?  55  LEU B C    1 
ATOM   906  O O    . LEU B 1 42 ? -1.544  9.178   -8.810  1.00 19.04 ?  55  LEU B O    1 
ATOM   907  C CB   . LEU B 1 42 ? -3.296  7.387   -6.751  1.00 21.06 ?  55  LEU B CB   1 
ATOM   908  C CG   . LEU B 1 42 ? -3.480  6.314   -5.666  1.00 23.11 ?  55  LEU B CG   1 
ATOM   909  C CD1  . LEU B 1 42 ? -4.607  6.711   -4.753  1.00 23.23 ?  55  LEU B CD1  1 
ATOM   910  C CD2  . LEU B 1 42 ? -3.775  4.955   -6.293  1.00 26.08 ?  55  LEU B CD2  1 
ATOM   911  N N    . ARG B 1 43 ? -2.802  7.683   -9.938  1.00 21.94 ?  56  ARG B N    1 
ATOM   912  C CA   . ARG B 1 43 ? -2.807  8.438   -11.182 1.00 21.70 ?  56  ARG B CA   1 
ATOM   913  C C    . ARG B 1 43 ? -4.174  8.320   -11.835 1.00 21.84 ?  56  ARG B C    1 
ATOM   914  O O    . ARG B 1 43 ? -4.881  7.322   -11.651 1.00 19.34 ?  56  ARG B O    1 
ATOM   915  C CB   . ARG B 1 43 ? -1.743  7.909   -12.158 1.00 22.85 ?  56  ARG B CB   1 
ATOM   916  C CG   . ARG B 1 43 ? -0.320  8.072   -11.677 1.00 25.11 ?  56  ARG B CG   1 
ATOM   917  C CD   . ARG B 1 43 ? 0.407   9.055   -12.555 1.00 40.35 ?  56  ARG B CD   1 
ATOM   918  N NE   . ARG B 1 43 ? 0.660   8.491   -13.877 1.00 39.17 ?  56  ARG B NE   1 
ATOM   919  C CZ   . ARG B 1 43 ? 1.098   9.193   -14.915 1.00 45.06 ?  56  ARG B CZ   1 
ATOM   920  N NH1  . ARG B 1 43 ? 1.309   8.594   -16.077 1.00 43.59 ?  56  ARG B NH1  1 
ATOM   921  N NH2  . ARG B 1 43 ? 1.320   10.494  -14.788 1.00 50.44 ?  56  ARG B NH2  1 
ATOM   922  N N    . PHE B 1 44 ? -4.519  9.324   -12.641 1.00 19.80 ?  57  PHE B N    1 
ATOM   923  C CA   . PHE B 1 44 ? -5.743  9.236   -13.424 1.00 20.12 ?  57  PHE B CA   1 
ATOM   924  C C    . PHE B 1 44 ? -5.812  7.906   -14.159 1.00 19.33 ?  57  PHE B C    1 
ATOM   925  O O    . PHE B 1 44 ? -4.834  7.464   -14.769 1.00 20.12 ?  57  PHE B O    1 
ATOM   926  C CB   . PHE B 1 44 ? -5.843  10.367  -14.452 1.00 24.39 ?  57  PHE B CB   1 
ATOM   927  C CG   . PHE B 1 44 ? -6.933  10.128  -15.455 1.00 23.15 ?  57  PHE B CG   1 
ATOM   928  C CD1  . PHE B 1 44 ? -8.258  10.325  -15.109 1.00 19.68 ?  57  PHE B CD1  1 
ATOM   929  C CD2  . PHE B 1 44 ? -6.641  9.603   -16.711 1.00 26.58 ?  57  PHE B CD2  1 
ATOM   930  C CE1  . PHE B 1 44 ? -9.269  10.060  -16.008 1.00 22.27 ?  57  PHE B CE1  1 
ATOM   931  C CE2  . PHE B 1 44 ? -7.649  9.338   -17.612 1.00 26.42 ?  57  PHE B CE2  1 
ATOM   932  C CZ   . PHE B 1 44 ? -8.948  9.556   -17.273 1.00 23.20 ?  57  PHE B CZ   1 
ATOM   933  N N    . GLY B 1 45 ? -6.985  7.276   -14.116 1.00 17.52 ?  58  GLY B N    1 
ATOM   934  C CA   . GLY B 1 45 ? -7.216  6.045   -14.832 1.00 20.96 ?  58  GLY B CA   1 
ATOM   935  C C    . GLY B 1 45 ? -6.977  4.778   -14.042 1.00 23.18 ?  58  GLY B C    1 
ATOM   936  O O    . GLY B 1 45 ? -7.440  3.709   -14.468 1.00 21.27 ?  58  GLY B O    1 
ATOM   937  N N    . ASP B 1 46 ? -6.270  4.858   -12.907 1.00 19.43 ?  59  ASP B N    1 
ATOM   938  C CA   . ASP B 1 46 ? -6.175  3.709   -12.019 1.00 22.27 ?  59  ASP B CA   1 
ATOM   939  C C    . ASP B 1 46 ? -7.572  3.224   -11.662 1.00 22.93 ?  59  ASP B C    1 
ATOM   940  O O    . ASP B 1 46 ? -8.494  4.023   -11.466 1.00 20.90 ?  59  ASP B O    1 
ATOM   941  C CB   . ASP B 1 46 ? -5.416  4.056   -10.732 1.00 19.05 ?  59  ASP B CB   1 
ATOM   942  C CG   . ASP B 1 46 ? -3.926  4.183   -10.938 1.00 27.16 ?  59  ASP B CG   1 
ATOM   943  O OD1  . ASP B 1 46 ? -3.387  3.576   -11.900 1.00 24.79 ?  59  ASP B OD1  1 
ATOM   944  O OD2  . ASP B 1 46 ? -3.291  4.890   -10.121 1.00 24.12 ?  59  ASP B OD2  1 
ATOM   945  N N    . GLN B 1 47 ? -7.724  1.907   -11.580 1.00 20.69 ?  60  GLN B N    1 
ATOM   946  C CA   . GLN B 1 47 ? -8.986  1.294   -11.188 1.00 21.98 ?  60  GLN B CA   1 
ATOM   947  C C    . GLN B 1 47 ? -8.887  0.788   -9.754  1.00 21.23 ?  60  GLN B C    1 
ATOM   948  O O    . GLN B 1 47 ? -7.938  0.073   -9.402  1.00 19.00 ?  60  GLN B O    1 
ATOM   949  C CB   . GLN B 1 47 ? -9.354  0.146   -12.134 1.00 23.64 ?  60  GLN B CB   1 
ATOM   950  C CG   . GLN B 1 47 ? -10.668 -0.503  -11.764 1.00 21.19 ?  60  GLN B CG   1 
ATOM   951  C CD   . GLN B 1 47 ? -11.091 -1.594  -12.717 1.00 29.77 ?  60  GLN B CD   1 
ATOM   952  O OE1  . GLN B 1 47 ? -10.489 -1.790  -13.776 1.00 34.72 ?  60  GLN B OE1  1 
ATOM   953  N NE2  . GLN B 1 47 ? -12.137 -2.322  -12.341 1.00 30.37 ?  60  GLN B NE2  1 
ATOM   954  N N    . VAL B 1 48 ? -9.868  1.145   -8.933  1.00 18.20 ?  61  VAL B N    1 
ATOM   955  C CA   . VAL B 1 48 ? -9.879  0.761   -7.529  1.00 18.69 ?  61  VAL B CA   1 
ATOM   956  C C    . VAL B 1 48 ? -10.659 -0.541  -7.392  1.00 24.47 ?  61  VAL B C    1 
ATOM   957  O O    . VAL B 1 48 ? -11.851 -0.599  -7.717  1.00 23.26 ?  61  VAL B O    1 
ATOM   958  C CB   . VAL B 1 48 ? -10.490 1.865   -6.656  1.00 22.68 ?  61  VAL B CB   1 
ATOM   959  C CG1  . VAL B 1 48 ? -10.401 1.478   -5.176  1.00 20.44 ?  61  VAL B CG1  1 
ATOM   960  C CG2  . VAL B 1 48 ? -9.792  3.201   -6.921  1.00 23.57 ?  61  VAL B CG2  1 
ATOM   961  N N    . LEU B 1 49 ? -9.990  -1.582  -6.892  1.00 19.93 ?  62  LEU B N    1 
ATOM   962  C CA   . LEU B 1 49 ? -10.592 -2.901  -6.701  1.00 20.55 ?  62  LEU B CA   1 
ATOM   963  C C    . LEU B 1 49 ? -11.067 -3.146  -5.279  1.00 24.22 ?  62  LEU B C    1 
ATOM   964  O O    . LEU B 1 49 ? -12.092 -3.803  -5.074  1.00 24.96 ?  62  LEU B O    1 
ATOM   965  C CB   . LEU B 1 49 ? -9.588  -3.995  -7.057  1.00 18.39 ?  62  LEU B CB   1 
ATOM   966  C CG   . LEU B 1 49 ? -9.422  -4.368  -8.527  1.00 25.15 ?  62  LEU B CG   1 
ATOM   967  C CD1  . LEU B 1 49 ? -9.264  -3.151  -9.395  1.00 29.86 ?  62  LEU B CD1  1 
ATOM   968  C CD2  . LEU B 1 49 ? -8.215  -5.298  -8.680  1.00 21.63 ?  62  LEU B CD2  1 
ATOM   969  N N    . GLN B 1 50 ? -10.302 -2.695  -4.295  1.00 19.13 ?  63  GLN B N    1 
ATOM   970  C CA   . GLN B 1 50 ? -10.641 -2.905  -2.898  1.00 22.84 ?  63  GLN B CA   1 
ATOM   971  C C    . GLN B 1 50 ? -10.292 -1.659  -2.107  1.00 21.35 ?  63  GLN B C    1 
ATOM   972  O O    . GLN B 1 50 ? -9.382  -0.907  -2.475  1.00 19.90 ?  63  GLN B O    1 
ATOM   973  C CB   . GLN B 1 50 ? -9.892  -4.115  -2.314  1.00 22.25 ?  63  GLN B CB   1 
ATOM   974  C CG   . GLN B 1 50 ? -10.021 -5.387  -3.143  1.00 28.85 ?  63  GLN B CG   1 
ATOM   975  C CD   . GLN B 1 50 ? -9.202  -6.549  -2.570  1.00 33.58 ?  63  GLN B CD   1 
ATOM   976  O OE1  . GLN B 1 50 ? -9.642  -7.704  -2.578  1.00 39.20 ?  63  GLN B OE1  1 
ATOM   977  N NE2  . GLN B 1 50 ? -8.006  -6.246  -2.083  1.00 26.44 ?  63  GLN B NE2  1 
ATOM   978  N N    . ILE B 1 51 ? -11.026 -1.455  -1.015  1.00 20.23 ?  64  ILE B N    1 
ATOM   979  C CA   . ILE B 1 51 ? -10.773 -0.394  -0.050  1.00 23.18 ?  64  ILE B CA   1 
ATOM   980  C C    . ILE B 1 51 ? -10.768 -1.044  1.327   1.00 24.47 ?  64  ILE B C    1 
ATOM   981  O O    . ILE B 1 51 ? -11.740 -1.707  1.705   1.00 24.66 ?  64  ILE B O    1 
ATOM   982  C CB   . ILE B 1 51 ? -11.832 0.723   -0.139  1.00 24.42 ?  64  ILE B CB   1 
ATOM   983  C CG1  . ILE B 1 51 ? -11.674 1.476   -1.464  1.00 23.46 ?  64  ILE B CG1  1 
ATOM   984  C CG2  . ILE B 1 51 ? -11.726 1.673   1.039   1.00 27.38 ?  64  ILE B CG2  1 
ATOM   985  C CD1  . ILE B 1 51 ? -12.884 2.330   -1.813  1.00 27.90 ?  64  ILE B CD1  1 
ATOM   986  N N    . ASN B 1 52 ? -9.668  -0.886  2.059   1.00 23.08 ?  65  ASN B N    1 
ATOM   987  C CA   . ASN B 1 52 ? -9.514  -1.541  3.358   1.00 25.18 ?  65  ASN B CA   1 
ATOM   988  C C    . ASN B 1 52 ? -9.746  -3.051  3.252   1.00 28.14 ?  65  ASN B C    1 
ATOM   989  O O    . ASN B 1 52 ? -10.371 -3.670  4.116   1.00 29.41 ?  65  ASN B O    1 
ATOM   990  C CB   . ASN B 1 52 ? -10.442 -0.906  4.397   1.00 25.07 ?  65  ASN B CB   1 
ATOM   991  C CG   . ASN B 1 52 ? -9.971  0.470   4.823   1.00 31.05 ?  65  ASN B CG   1 
ATOM   992  O OD1  . ASN B 1 52 ? -8.800  0.810   4.645   1.00 31.01 ?  65  ASN B OD1  1 
ATOM   993  N ND2  . ASN B 1 52 ? -10.873 1.266   5.403   1.00 25.27 ?  65  ASN B ND2  1 
ATOM   994  N N    . GLY B 1 53 ? -9.227  -3.650  2.180   1.00 28.63 ?  66  GLY B N    1 
ATOM   995  C CA   . GLY B 1 53 ? -9.318  -5.081  1.951   1.00 30.08 ?  66  GLY B CA   1 
ATOM   996  C C    . GLY B 1 53 ? -10.670 -5.590  1.501   1.00 32.05 ?  66  GLY B C    1 
ATOM   997  O O    . GLY B 1 53 ? -10.792 -6.785  1.202   1.00 31.10 ?  66  GLY B O    1 
ATOM   998  N N    . GLU B 1 54 ? -11.683 -4.729  1.439   1.00 26.14 ?  67  GLU B N    1 
ATOM   999  C CA   . GLU B 1 54 ? -13.039 -5.097  1.041   1.00 32.48 ?  67  GLU B CA   1 
ATOM   1000 C C    . GLU B 1 54 ? -13.236 -4.775  -0.439  1.00 33.12 ?  67  GLU B C    1 
ATOM   1001 O O    . GLU B 1 54 ? -12.975 -3.644  -0.867  1.00 24.42 ?  67  GLU B O    1 
ATOM   1002 C CB   . GLU B 1 54 ? -14.053 -4.341  1.914   1.00 29.98 ?  67  GLU B CB   1 
ATOM   1003 C CG   . GLU B 1 54 ? -15.543 -4.653  1.694   1.00 35.60 ?  67  GLU B CG   1 
ATOM   1004 C CD   . GLU B 1 54 ? -16.486 -3.797  2.566   1.00 37.61 ?  67  GLU B CD   1 
ATOM   1005 O OE1  . GLU B 1 54 ? -17.723 -3.935  2.430   1.00 41.86 ?  67  GLU B OE1  1 
ATOM   1006 O OE2  . GLU B 1 54 ? -16.005 -2.982  3.386   1.00 35.56 ?  67  GLU B OE2  1 
ATOM   1007 N N    . ASN B 1 55 ? -13.670 -5.768  -1.225  1.00 28.08 ?  68  ASN B N    1 
ATOM   1008 C CA   . ASN B 1 55 ? -14.025 -5.498  -2.615  1.00 29.59 ?  68  ASN B CA   1 
ATOM   1009 C C    . ASN B 1 55 ? -15.088 -4.408  -2.668  1.00 30.02 ?  68  ASN B C    1 
ATOM   1010 O O    . ASN B 1 55 ? -16.102 -4.471  -1.962  1.00 27.82 ?  68  ASN B O    1 
ATOM   1011 C CB   . ASN B 1 55 ? -14.544 -6.762  -3.311  1.00 29.74 ?  68  ASN B CB   1 
ATOM   1012 C CG   . ASN B 1 55 ? -13.445 -7.735  -3.664  1.00 33.52 ?  68  ASN B CG   1 
ATOM   1013 O OD1  . ASN B 1 55 ? -12.659 -7.498  -4.581  1.00 35.94 ?  68  ASN B OD1  1 
ATOM   1014 N ND2  . ASN B 1 55 ? -13.396 -8.848  -2.951  1.00 36.58 ?  68  ASN B ND2  1 
ATOM   1015 N N    . CYS B 1 56 ? -14.868 -3.398  -3.503  1.00 27.34 ?  69  CYS B N    1 
ATOM   1016 C CA   . CYS B 1 56 ? -15.808 -2.286  -3.550  1.00 26.69 ?  69  CYS B CA   1 
ATOM   1017 C C    . CYS B 1 56 ? -16.741 -2.358  -4.752  1.00 29.90 ?  69  CYS B C    1 
ATOM   1018 O O    . CYS B 1 56 ? -17.494 -1.408  -5.004  1.00 30.37 ?  69  CYS B O    1 
ATOM   1019 C CB   . CYS B 1 56 ? -15.067 -0.942  -3.497  1.00 28.70 ?  69  CYS B CB   1 
ATOM   1020 S SG   . CYS B 1 56 ? -13.593 -0.771  -4.470  1.00 35.90 ?  69  CYS B SG   1 
ATOM   1021 N N    . ALA B 1 57 ? -16.760 -3.485  -5.456  1.00 28.65 ?  70  ALA B N    1 
ATOM   1022 C CA   . ALA B 1 57 ? -17.615 -3.620  -6.633  1.00 35.17 ?  70  ALA B CA   1 
ATOM   1023 C C    . ALA B 1 57 ? -19.075 -3.392  -6.262  1.00 33.71 ?  70  ALA B C    1 
ATOM   1024 O O    . ALA B 1 57 ? -19.622 -4.081  -5.393  1.00 34.67 ?  70  ALA B O    1 
ATOM   1025 C CB   . ALA B 1 57 ? -17.432 -4.998  -7.263  1.00 35.76 ?  70  ALA B CB   1 
ATOM   1026 N N    . GLY B 1 58 ? -19.706 -2.415  -6.913  1.00 34.62 ?  71  GLY B N    1 
ATOM   1027 C CA   . GLY B 1 58 ? -21.103 -2.136  -6.660  1.00 33.98 ?  71  GLY B CA   1 
ATOM   1028 C C    . GLY B 1 58 ? -21.405 -1.369  -5.391  1.00 32.39 ?  71  GLY B C    1 
ATOM   1029 O O    . GLY B 1 58 ? -22.576 -1.290  -5.002  1.00 36.96 ?  71  GLY B O    1 
ATOM   1030 N N    . TRP B 1 59 ? -20.399 -0.809  -4.725  1.00 28.21 ?  72  TRP B N    1 
ATOM   1031 C CA   . TRP B 1 59 ? -20.651 -0.012  -3.533  1.00 24.09 ?  72  TRP B CA   1 
ATOM   1032 C C    . TRP B 1 59 ? -21.580 1.148   -3.860  1.00 23.00 ?  72  TRP B C    1 
ATOM   1033 O O    . TRP B 1 59 ? -21.509 1.730   -4.943  1.00 22.64 ?  72  TRP B O    1 
ATOM   1034 C CB   . TRP B 1 59 ? -19.349 0.545   -2.968  1.00 26.13 ?  72  TRP B CB   1 
ATOM   1035 C CG   . TRP B 1 59 ? -18.623 -0.373  -2.046  1.00 28.42 ?  72  TRP B CG   1 
ATOM   1036 C CD1  . TRP B 1 59 ? -18.845 -1.706  -1.873  1.00 28.18 ?  72  TRP B CD1  1 
ATOM   1037 C CD2  . TRP B 1 59 ? -17.555 -0.021  -1.163  1.00 28.22 ?  72  TRP B CD2  1 
ATOM   1038 N NE1  . TRP B 1 59 ? -17.972 -2.209  -0.941  1.00 29.40 ?  72  TRP B NE1  1 
ATOM   1039 C CE2  . TRP B 1 59 ? -17.169 -1.193  -0.490  1.00 30.77 ?  72  TRP B CE2  1 
ATOM   1040 C CE3  . TRP B 1 59 ? -16.880 1.174   -0.884  1.00 26.89 ?  72  TRP B CE3  1 
ATOM   1041 C CZ2  . TRP B 1 59 ? -16.143 -1.208  0.454   1.00 30.88 ?  72  TRP B CZ2  1 
ATOM   1042 C CZ3  . TRP B 1 59 ? -15.864 1.159   0.051   1.00 25.07 ?  72  TRP B CZ3  1 
ATOM   1043 C CH2  . TRP B 1 59 ? -15.503 -0.024  0.708   1.00 28.69 ?  72  TRP B CH2  1 
ATOM   1044 N N    . SER B 1 60 ? -22.435 1.497   -2.901  1.00 28.62 ?  73  SER B N    1 
ATOM   1045 C CA   . SER B 1 60 ? -23.283 2.670   -3.042  1.00 29.08 ?  73  SER B CA   1 
ATOM   1046 C C    . SER B 1 60 ? -22.480 3.930   -2.742  1.00 25.37 ?  73  SER B C    1 
ATOM   1047 O O    . SER B 1 60 ? -21.401 3.888   -2.147  1.00 26.47 ?  73  SER B O    1 
ATOM   1048 C CB   . SER B 1 60 ? -24.491 2.584   -2.103  1.00 24.42 ?  73  SER B CB   1 
ATOM   1049 O OG   . SER B 1 60 ? -24.083 2.734   -0.754  1.00 26.50 ?  73  SER B OG   1 
ATOM   1050 N N    . SER B 1 61 ? -23.038 5.078   -3.139  1.00 28.07 ?  74  SER B N    1 
ATOM   1051 C CA   . SER B 1 61 ? -22.477 6.356   -2.717  1.00 24.84 ?  74  SER B CA   1 
ATOM   1052 C C    . SER B 1 61 ? -22.381 6.441   -1.191  1.00 24.39 ?  74  SER B C    1 
ATOM   1053 O O    . SER B 1 61 ? -21.348 6.844   -0.637  1.00 27.00 ?  74  SER B O    1 
ATOM   1054 C CB   . SER B 1 61 ? -23.332 7.500   -3.275  1.00 25.25 ?  74  SER B CB   1 
ATOM   1055 O OG   . SER B 1 61 ? -22.675 8.739   -3.087  1.00 31.75 ?  74  SER B OG   1 
ATOM   1056 N N    . ASP B 1 62 ? -23.441 6.045   -0.493  1.00 27.89 ?  75  ASP B N    1 
ATOM   1057 C CA   . ASP B 1 62 ? -23.455 6.179   0.966   1.00 29.74 ?  75  ASP B CA   1 
ATOM   1058 C C    . ASP B 1 62 ? -22.422 5.272   1.630   1.00 29.12 ?  75  ASP B C    1 
ATOM   1059 O O    . ASP B 1 62 ? -21.771 5.669   2.609   1.00 30.48 ?  75  ASP B O    1 
ATOM   1060 C CB   . ASP B 1 62 ? -24.857 5.889   1.498   1.00 33.52 ?  75  ASP B CB   1 
ATOM   1061 C CG   . ASP B 1 62 ? -25.829 7.032   1.229   1.00 40.52 ?  75  ASP B CG   1 
ATOM   1062 O OD1  . ASP B 1 62 ? -25.370 8.192   1.113   1.00 39.82 ?  75  ASP B OD1  1 
ATOM   1063 O OD2  . ASP B 1 62 ? -27.049 6.774   1.131   1.00 48.05 ?  75  ASP B OD2  1 
ATOM   1064 N N    . LYS B 1 63 ? -22.262 4.048   1.122   1.00 27.31 ?  76  LYS B N    1 
ATOM   1065 C CA   . LYS B 1 63 ? -21.240 3.151   1.656   1.00 25.89 ?  76  LYS B CA   1 
ATOM   1066 C C    . LYS B 1 63 ? -19.852 3.723   1.437   1.00 26.64 ?  76  LYS B C    1 
ATOM   1067 O O    . LYS B 1 63 ? -19.010 3.717   2.348   1.00 25.91 ?  76  LYS B O    1 
ATOM   1068 C CB   . LYS B 1 63 ? -21.346 1.772   1.003   1.00 27.38 ?  76  LYS B CB   1 
ATOM   1069 C CG   . LYS B 1 63 ? -20.355 0.758   1.572   1.00 30.88 ?  76  LYS B CG   1 
ATOM   1070 C CD   . LYS B 1 63 ? -20.407 -0.568  0.827   1.00 36.33 ?  76  LYS B CD   1 
ATOM   1071 C CE   . LYS B 1 63 ? -21.729 -1.297  1.036   1.00 38.13 ?  76  LYS B CE   1 
ATOM   1072 N NZ   . LYS B 1 63 ? -21.705 -2.668  0.425   1.00 38.76 ?  76  LYS B NZ   1 
ATOM   1073 N N    . ALA B 1 64 ? -19.582 4.202   0.219   1.00 22.85 ?  77  ALA B N    1 
ATOM   1074 C CA   . ALA B 1 64 ? -18.311 4.860   -0.040  1.00 21.28 ?  77  ALA B CA   1 
ATOM   1075 C C    . ALA B 1 64 ? -18.103 6.032   0.909   1.00 24.19 ?  77  ALA B C    1 
ATOM   1076 O O    . ALA B 1 64 ? -17.020 6.192   1.481   1.00 25.80 ?  77  ALA B O    1 
ATOM   1077 C CB   . ALA B 1 64 ? -18.256 5.313   -1.503  1.00 25.58 ?  77  ALA B CB   1 
ATOM   1078 N N    . HIS B 1 65 ? -19.140 6.848   1.110   1.00 26.89 ?  78  HIS B N    1 
ATOM   1079 C CA   . HIS B 1 65 ? -19.022 7.971   2.037   1.00 30.47 ?  78  HIS B CA   1 
ATOM   1080 C C    . HIS B 1 65 ? -18.645 7.495   3.433   1.00 30.43 ?  78  HIS B C    1 
ATOM   1081 O O    . HIS B 1 65 ? -17.751 8.059   4.077   1.00 32.10 ?  78  HIS B O    1 
ATOM   1082 C CB   . HIS B 1 65 ? -20.334 8.763   2.076   1.00 32.07 ?  78  HIS B CB   1 
ATOM   1083 C CG   . HIS B 1 65 ? -20.421 9.844   1.042   1.00 36.65 ?  78  HIS B CG   1 
ATOM   1084 N ND1  . HIS B 1 65 ? -20.832 9.610   -0.254  1.00 35.27 ?  78  HIS B ND1  1 
ATOM   1085 C CD2  . HIS B 1 65 ? -20.139 11.168  1.114   1.00 38.17 ?  78  HIS B CD2  1 
ATOM   1086 C CE1  . HIS B 1 65 ? -20.802 10.741  -0.934  1.00 34.55 ?  78  HIS B CE1  1 
ATOM   1087 N NE2  . HIS B 1 65 ? -20.388 11.703  -0.127  1.00 38.08 ?  78  HIS B NE2  1 
ATOM   1088 N N    . LYS B 1 66 ? -19.324 6.454   3.918   1.00 29.71 ?  79  LYS B N    1 
ATOM   1089 C CA   . LYS B 1 66 ? -19.086 5.973   5.277   1.00 31.94 ?  79  LYS B CA   1 
ATOM   1090 C C    . LYS B 1 66 ? -17.638 5.521   5.468   1.00 32.73 ?  79  LYS B C    1 
ATOM   1091 O O    . LYS B 1 66 ? -16.989 5.878   6.458   1.00 28.30 ?  79  LYS B O    1 
ATOM   1092 C CB   . LYS B 1 66 ? -20.059 4.836   5.600   1.00 35.88 ?  79  LYS B CB   1 
ATOM   1093 C CG   . LYS B 1 66 ? -19.947 4.311   7.035   1.00 40.11 ?  79  LYS B CG   1 
ATOM   1094 C CD   . LYS B 1 66 ? -21.074 3.330   7.378   1.00 47.15 ?  79  LYS B CD   1 
ATOM   1095 C CE   . LYS B 1 66 ? -20.888 1.980   6.687   1.00 52.75 ?  79  LYS B CE   1 
ATOM   1096 N NZ   . LYS B 1 66 ? -21.917 0.978   7.105   1.00 53.82 ?  79  LYS B NZ   1 
ATOM   1097 N N    . VAL B 1 67 ? -17.107 4.747   4.518   1.00 27.02 ?  80  VAL B N    1 
ATOM   1098 C CA   . VAL B 1 67 ? -15.785 4.147   4.696   1.00 26.55 ?  80  VAL B CA   1 
ATOM   1099 C C    . VAL B 1 67 ? -14.681 5.194   4.569   1.00 28.06 ?  80  VAL B C    1 
ATOM   1100 O O    . VAL B 1 67 ? -13.733 5.220   5.366   1.00 31.06 ?  80  VAL B O    1 
ATOM   1101 C CB   . VAL B 1 67 ? -15.587 3.004   3.683   1.00 28.09 ?  80  VAL B CB   1 
ATOM   1102 C CG1  . VAL B 1 67 ? -14.189 2.398   3.834   1.00 25.73 ?  80  VAL B CG1  1 
ATOM   1103 C CG2  . VAL B 1 67 ? -16.669 1.949   3.861   1.00 27.53 ?  80  VAL B CG2  1 
ATOM   1104 N N    . LEU B 1 68 ? -14.782 6.071   3.571   1.00 28.81 ?  81  LEU B N    1 
ATOM   1105 C CA   . LEU B 1 68 ? -13.685 6.954   3.195   1.00 27.88 ?  81  LEU B CA   1 
ATOM   1106 C C    . LEU B 1 68 ? -13.628 8.253   3.982   1.00 33.05 ?  81  LEU B C    1 
ATOM   1107 O O    . LEU B 1 68 ? -12.560 8.873   4.032   1.00 33.93 ?  81  LEU B O    1 
ATOM   1108 C CB   . LEU B 1 68 ? -13.779 7.284   1.702   1.00 28.22 ?  81  LEU B CB   1 
ATOM   1109 C CG   . LEU B 1 68 ? -13.537 6.081   0.784   1.00 25.61 ?  81  LEU B CG   1 
ATOM   1110 C CD1  . LEU B 1 68 ? -13.804 6.437   -0.684  1.00 25.69 ?  81  LEU B CD1  1 
ATOM   1111 C CD2  . LEU B 1 68 ? -12.114 5.593   0.969   1.00 27.02 ?  81  LEU B CD2  1 
ATOM   1112 N N    . LYS B 1 69 ? -14.731 8.678   4.598   1.00 31.76 ?  82  LYS B N    1 
ATOM   1113 C CA   . LYS B 1 69 ? -14.768 9.977   5.272   1.00 32.40 ?  82  LYS B CA   1 
ATOM   1114 C C    . LYS B 1 69 ? -15.208 9.908   6.731   1.00 39.74 ?  82  LYS B C    1 
ATOM   1115 O O    . LYS B 1 69 ? -14.578 10.509  7.613   1.00 33.28 ?  82  LYS B O    1 
ATOM   1116 C CB   . LYS B 1 69 ? -15.694 10.925  4.515   1.00 34.29 ?  82  LYS B CB   1 
ATOM   1117 C CG   . LYS B 1 69 ? -15.159 11.342  3.154   1.00 35.20 ?  82  LYS B CG   1 
ATOM   1118 C CD   . LYS B 1 69 ? -16.187 12.188  2.422   1.00 38.62 ?  82  LYS B CD   1 
ATOM   1119 C CE   . LYS B 1 69 ? -15.544 12.998  1.322   1.00 34.98 ?  82  LYS B CE   1 
ATOM   1120 N NZ   . LYS B 1 69 ? -16.541 13.889  0.664   1.00 39.44 ?  82  LYS B NZ   1 
ATOM   1121 N N    . GLN B 1 70 ? -16.298 9.190   6.998   1.00 34.11 ?  83  GLN B N    1 
ATOM   1122 C CA   . GLN B 1 70 ? -16.919 9.280   8.313   1.00 35.84 ?  83  GLN B CA   1 
ATOM   1123 C C    . GLN B 1 70 ? -16.228 8.378   9.327   1.00 34.86 ?  83  GLN B C    1 
ATOM   1124 O O    . GLN B 1 70 ? -16.009 8.783   10.479  1.00 31.35 ?  83  GLN B O    1 
ATOM   1125 C CB   . GLN B 1 70 ? -18.405 8.938   8.200   1.00 39.68 ?  83  GLN B CB   1 
ATOM   1126 C CG   . GLN B 1 70 ? -19.162 9.895   7.297   1.00 38.68 ?  83  GLN B CG   1 
ATOM   1127 C CD   . GLN B 1 70 ? -20.426 9.288   6.720   1.00 42.93 ?  83  GLN B CD   1 
ATOM   1128 O OE1  . GLN B 1 70 ? -20.971 8.326   7.266   1.00 44.48 ?  83  GLN B OE1  1 
ATOM   1129 N NE2  . GLN B 1 70 ? -20.897 9.846   5.609   1.00 44.71 ?  83  GLN B NE2  1 
ATOM   1130 N N    . ALA B 1 71 ? -15.868 7.168   8.911   1.00 29.22 ?  84  ALA B N    1 
ATOM   1131 C CA   . ALA B 1 71 ? -15.302 6.197   9.831   1.00 31.80 ?  84  ALA B CA   1 
ATOM   1132 C C    . ALA B 1 71 ? -14.044 6.750   10.494  1.00 32.36 ?  84  ALA B C    1 
ATOM   1133 O O    . ALA B 1 71 ? -13.271 7.499   9.889   1.00 32.30 ?  84  ALA B O    1 
ATOM   1134 C CB   . ALA B 1 71 ? -14.982 4.893   9.089   1.00 34.27 ?  84  ALA B CB   1 
ATOM   1135 N N    . PHE B 1 72 ? -13.848 6.374   11.759  1.00 30.91 ?  85  PHE B N    1 
ATOM   1136 C CA   . PHE B 1 72 ? -12.643 6.748   12.488  1.00 34.46 ?  85  PHE B CA   1 
ATOM   1137 C C    . PHE B 1 72 ? -11.400 6.155   11.835  1.00 32.62 ?  85  PHE B C    1 
ATOM   1138 O O    . PHE B 1 72 ? -11.427 5.039   11.308  1.00 32.13 ?  85  PHE B O    1 
ATOM   1139 C CB   . PHE B 1 72 ? -12.735 6.266   13.939  1.00 34.07 ?  85  PHE B CB   1 
ATOM   1140 C CG   . PHE B 1 72 ? -13.199 7.314   14.901  1.00 36.28 ?  85  PHE B CG   1 
ATOM   1141 C CD1  . PHE B 1 72 ? -14.503 7.783   14.866  1.00 37.81 ?  85  PHE B CD1  1 
ATOM   1142 C CD2  . PHE B 1 72 ? -12.335 7.813   15.868  1.00 36.17 ?  85  PHE B CD2  1 
ATOM   1143 C CE1  . PHE B 1 72 ? -14.932 8.749   15.763  1.00 35.91 ?  85  PHE B CE1  1 
ATOM   1144 C CE2  . PHE B 1 72 ? -12.752 8.773   16.763  1.00 31.82 ?  85  PHE B CE2  1 
ATOM   1145 C CZ   . PHE B 1 72 ? -14.051 9.247   16.715  1.00 33.01 ?  85  PHE B CZ   1 
ATOM   1146 N N    . GLY B 1 73 ? -10.304 6.913   11.865  1.00 29.69 ?  86  GLY B N    1 
ATOM   1147 C CA   . GLY B 1 73 ? -9.027  6.391   11.421  1.00 31.59 ?  86  GLY B CA   1 
ATOM   1148 C C    . GLY B 1 73 ? -8.279  7.251   10.423  1.00 31.46 ?  86  GLY B C    1 
ATOM   1149 O O    . GLY B 1 73 ? -8.872  7.813   9.498   1.00 31.28 ?  86  GLY B O    1 
ATOM   1150 N N    . GLU B 1 74 ? -6.963  7.328   10.581  1.00 29.76 ?  87  GLU B N    1 
ATOM   1151 C CA   . GLU B 1 74 ? -6.133  8.176   9.739   1.00 29.85 ?  87  GLU B CA   1 
ATOM   1152 C C    . GLU B 1 74 ? -5.590  7.457   8.506   1.00 27.25 ?  87  GLU B C    1 
ATOM   1153 O O    . GLU B 1 74 ? -5.105  8.129   7.591   1.00 25.42 ?  87  GLU B O    1 
ATOM   1154 C CB   . GLU B 1 74 ? -4.961  8.738   10.563  1.00 34.65 ?  87  GLU B CB   1 
ATOM   1155 C CG   . GLU B 1 74 ? -4.955  10.269  10.710  1.00 41.36 ?  87  GLU B CG   1 
ATOM   1156 C CD   . GLU B 1 74 ? -6.243  10.830  11.310  1.00 40.52 ?  87  GLU B CD   1 
ATOM   1157 O OE1  . GLU B 1 74 ? -6.303  11.038  12.552  1.00 35.66 ?  87  GLU B OE1  1 
ATOM   1158 O OE2  . GLU B 1 74 ? -7.197  11.072  10.528  1.00 38.77 ?  87  GLU B OE2  1 
ATOM   1159 N N    . LYS B 1 75 ? -5.645  6.126   8.466   1.00 24.98 ?  88  LYS B N    1 
ATOM   1160 C CA   . LYS B 1 75 ? -5.086  5.341   7.363   1.00 23.66 ?  88  LYS B CA   1 
ATOM   1161 C C    . LYS B 1 75 ? -6.192  4.651   6.568   1.00 27.59 ?  88  LYS B C    1 
ATOM   1162 O O    . LYS B 1 75 ? -7.158  4.139   7.146   1.00 25.99 ?  88  LYS B O    1 
ATOM   1163 C CB   . LYS B 1 75 ? -4.112  4.282   7.892   1.00 25.10 ?  88  LYS B CB   1 
ATOM   1164 C CG   . LYS B 1 75 ? -2.956  4.825   8.726   1.00 32.63 ?  88  LYS B CG   1 
ATOM   1165 C CD   . LYS B 1 75 ? -1.995  5.670   7.905   1.00 31.84 ?  88  LYS B CD   1 
ATOM   1166 C CE   . LYS B 1 75 ? -0.928  6.327   8.795   1.00 34.88 ?  88  LYS B CE   1 
ATOM   1167 N NZ   . LYS B 1 75 ? -0.073  5.328   9.527   1.00 38.09 ?  88  LYS B NZ   1 
ATOM   1168 N N    . ILE B 1 76 ? -6.028  4.603   5.238   1.00 26.80 ?  89  ILE B N    1 
ATOM   1169 C CA   . ILE B 1 76 ? -6.906  3.850   4.347   1.00 23.70 ?  89  ILE B CA   1 
ATOM   1170 C C    . ILE B 1 76 ? -6.038  3.026   3.400   1.00 21.84 ?  89  ILE B C    1 
ATOM   1171 O O    . ILE B 1 76 ? -5.041  3.532   2.870   1.00 23.58 ?  89  ILE B O    1 
ATOM   1172 C CB   . ILE B 1 76 ? -7.825  4.788   3.544   1.00 26.23 ?  89  ILE B CB   1 
ATOM   1173 C CG1  . ILE B 1 76 ? -8.451  4.072   2.349   1.00 26.13 ?  89  ILE B CG1  1 
ATOM   1174 C CG2  . ILE B 1 76 ? -7.015  5.952   3.016   1.00 34.70 ?  89  ILE B CG2  1 
ATOM   1175 C CD1  . ILE B 1 76 ? -9.246  2.853   2.697   1.00 30.94 ?  89  ILE B CD1  1 
ATOM   1176 N N    . THR B 1 77 ? -6.418  1.773   3.162   1.00 18.79 ?  90  THR B N    1 
ATOM   1177 C CA   . THR B 1 77 ? -5.707  0.981   2.163   1.00 16.61 ?  90  THR B CA   1 
ATOM   1178 C C    . THR B 1 77 ? -6.549  0.833   0.902   1.00 19.02 ?  90  THR B C    1 
ATOM   1179 O O    . THR B 1 77 ? -7.786  0.809   0.943   1.00 21.82 ?  90  THR B O    1 
ATOM   1180 C CB   . THR B 1 77 ? -5.305  -0.406  2.678   1.00 29.16 ?  90  THR B CB   1 
ATOM   1181 O OG1  . THR B 1 77 ? -6.420  -1.305  2.583   1.00 29.74 ?  90  THR B OG1  1 
ATOM   1182 C CG2  . THR B 1 77 ? -4.792  -0.314  4.120   1.00 24.40 ?  90  THR B CG2  1 
ATOM   1183 N N    . MET B 1 78 ? -5.864  0.770   -0.228  1.00 18.48 ?  91  MET B N    1 
ATOM   1184 C CA   . MET B 1 78 ? -6.519  0.570   -1.506  1.00 19.33 ?  91  MET B CA   1 
ATOM   1185 C C    . MET B 1 78 ? -5.757  -0.471  -2.303  1.00 19.83 ?  91  MET B C    1 
ATOM   1186 O O    . MET B 1 78 ? -4.525  -0.504  -2.266  1.00 19.96 ?  91  MET B O    1 
ATOM   1187 C CB   . MET B 1 78 ? -6.583  1.862   -2.314  1.00 20.90 ?  91  MET B CB   1 
ATOM   1188 C CG   . MET B 1 78 ? -7.556  2.866   -1.766  1.00 27.14 ?  91  MET B CG   1 
ATOM   1189 S SD   . MET B 1 78 ? -7.797  4.167   -2.987  1.00 31.77 ?  91  MET B SD   1 
ATOM   1190 C CE   . MET B 1 78 ? -9.013  5.150   -2.102  1.00 28.50 ?  91  MET B CE   1 
ATOM   1191 N N    . THR B 1 79 ? -6.503  -1.323  -3.003  1.00 15.55 ?  92  THR B N    1 
ATOM   1192 C CA   . THR B 1 79 ? -5.946  -2.225  -3.999  1.00 20.22 ?  92  THR B CA   1 
ATOM   1193 C C    . THR B 1 79 ? -6.277  -1.659  -5.372  1.00 21.99 ?  92  THR B C    1 
ATOM   1194 O O    . THR B 1 79 ? -7.447  -1.399  -5.667  1.00 19.42 ?  92  THR B O    1 
ATOM   1195 C CB   . THR B 1 79 ? -6.523  -3.633  -3.854  1.00 21.84 ?  92  THR B CB   1 
ATOM   1196 O OG1  . THR B 1 79 ? -6.338  -4.092  -2.508  1.00 22.93 ?  92  THR B OG1  1 
ATOM   1197 C CG2  . THR B 1 79 ? -5.832  -4.581  -4.805  1.00 24.78 ?  92  THR B CG2  1 
ATOM   1198 N N    . ILE B 1 80 ? -5.248  -1.485  -6.202  1.00 17.12 ?  93  ILE B N    1 
ATOM   1199 C CA   . ILE B 1 80 ? -5.314  -0.723  -7.445  1.00 19.21 ?  93  ILE B CA   1 
ATOM   1200 C C    . ILE B 1 80 ? -4.869  -1.607  -8.604  1.00 21.44 ?  93  ILE B C    1 
ATOM   1201 O O    . ILE B 1 80 ? -3.916  -2.379  -8.473  1.00 18.82 ?  93  ILE B O    1 
ATOM   1202 C CB   . ILE B 1 80 ? -4.400  0.525   -7.362  1.00 23.22 ?  93  ILE B CB   1 
ATOM   1203 C CG1  . ILE B 1 80 ? -4.741  1.374   -6.134  1.00 26.21 ?  93  ILE B CG1  1 
ATOM   1204 C CG2  . ILE B 1 80 ? -4.449  1.337   -8.647  1.00 23.80 ?  93  ILE B CG2  1 
ATOM   1205 C CD1  . ILE B 1 80 ? -6.156  1.856   -6.119  1.00 23.93 ?  93  ILE B CD1  1 
ATOM   1206 N N    . ARG B 1 81 ? -5.535  -1.472  -9.744  1.00 21.01 ?  94  ARG B N    1 
ATOM   1207 C CA   . ARG B 1 81 ? -5.011  -2.037  -10.985 1.00 26.95 ?  94  ARG B CA   1 
ATOM   1208 C C    . ARG B 1 81 ? -5.022  -0.978  -12.091 1.00 32.92 ?  94  ARG B C    1 
ATOM   1209 O O    . ARG B 1 81 ? -5.727  0.043   -11.993 1.00 29.88 ?  94  ARG B O    1 
ATOM   1210 C CB   . ARG B 1 81 ? -5.819  -3.255  -11.405 1.00 28.96 ?  94  ARG B CB   1 
ATOM   1211 C CG   . ARG B 1 81 ? -6.150  -3.276  -12.877 1.00 36.76 ?  94  ARG B CG   1 
ATOM   1212 C CD   . ARG B 1 81 ? -6.992  -4.479  -13.190 1.00 38.20 ?  94  ARG B CD   1 
ATOM   1213 N NE   . ARG B 1 81 ? -6.330  -5.696  -12.736 1.00 37.73 ?  94  ARG B NE   1 
ATOM   1214 C CZ   . ARG B 1 81 ? -6.984  -6.782  -12.349 1.00 37.48 ?  94  ARG B CZ   1 
ATOM   1215 N NH1  . ARG B 1 81 ? -8.318  -6.787  -12.356 1.00 37.29 ?  94  ARG B NH1  1 
ATOM   1216 N NH2  . ARG B 1 81 ? -6.310  -7.848  -11.940 1.00 30.04 ?  94  ARG B NH2  1 
ATOM   1217 N N    . SER C 2 1  ? 20.166  -19.383 5.432   1.00 52.95 ?  1   SER D N    1 
ATOM   1218 C CA   . SER C 2 1  ? 21.610  -19.222 5.288   1.00 47.69 ?  1   SER D CA   1 
ATOM   1219 C C    . SER C 2 1  ? 22.047  -17.775 5.365   1.00 45.64 ?  1   SER D C    1 
ATOM   1220 O O    . SER C 2 1  ? 23.124  -17.448 4.875   1.00 54.16 ?  1   SER D O    1 
ATOM   1221 C CB   . SER C 2 1  ? 22.096  -19.790 3.954   1.00 47.97 ?  1   SER D CB   1 
ATOM   1222 O OG   . SER C 2 1  ? 21.882  -18.854 2.916   1.00 45.24 ?  1   SER D OG   1 
ATOM   1223 H H1   . SER C 2 1  ? 19.926  -20.168 5.687   1.00 63.54 ?  1   SER D H1   1 
ATOM   1224 H H2   . SER C 2 1  ? 19.766  -19.368 6.303   1.00 63.54 ?  1   SER D H2   1 
ATOM   1225 H HA   . SER C 2 1  ? 22.054  -19.708 6.000   1.00 57.23 ?  1   SER D HA   1 
ATOM   1226 H HB2  . SER C 2 1  ? 23.044  -19.982 4.016   1.00 57.56 ?  1   SER D HB2  1 
ATOM   1227 H HB3  . SER C 2 1  ? 21.603  -20.602 3.755   1.00 57.56 ?  1   SER D HB3  1 
ATOM   1228 H HG   . SER C 2 1  ? 22.150  -19.169 2.185   1.00 54.29 ?  1   SER D HG   1 
ATOM   1229 N N    . HIS C 2 2  ? 21.254  -16.892 5.960   1.00 41.56 ?  2   HIS D N    1 
ATOM   1230 C CA   . HIS C 2 2  ? 21.675  -15.497 5.972   1.00 36.48 ?  2   HIS D CA   1 
ATOM   1231 C C    . HIS C 2 2  ? 20.756  -14.680 6.876   1.00 34.36 ?  2   HIS D C    1 
ATOM   1232 O O    . HIS C 2 2  ? 19.965  -15.223 7.656   1.00 35.13 ?  2   HIS D O    1 
ATOM   1233 C CB   . HIS C 2 2  ? 21.710  -14.935 4.557   1.00 40.10 ?  2   HIS D CB   1 
ATOM   1234 C CG   . HIS C 2 2  ? 23.023  -14.324 4.188   1.00 38.96 ?  2   HIS D CG   1 
ATOM   1235 N ND1  . HIS C 2 2  ? 24.158  -14.483 4.953   1.00 43.19 ?  2   HIS D ND1  1 
ATOM   1236 C CD2  . HIS C 2 2  ? 23.389  -13.568 3.126   1.00 44.65 ?  2   HIS D CD2  1 
ATOM   1237 C CE1  . HIS C 2 2  ? 25.168  -13.847 4.382   1.00 47.85 ?  2   HIS D CE1  1 
ATOM   1238 N NE2  . HIS C 2 2  ? 24.728  -13.281 3.272   1.00 43.23 ?  2   HIS D NE2  1 
ATOM   1239 N N    . TRP C 2 3  ? 20.876  -13.367 6.757   1.00 22.40 ?  3   TRP D N    1 
ATOM   1240 C CA   . TRP C 2 3  ? 20.449  -12.441 7.779   1.00 22.26 ?  3   TRP D CA   1 
ATOM   1241 C C    . TRP C 2 3  ? 18.946  -12.321 7.963   1.00 20.96 ?  3   TRP D C    1 
ATOM   1242 O O    . TRP C 2 3  ? 18.156  -12.759 7.125   1.00 22.07 ?  3   TRP D O    1 
ATOM   1243 C CB   . TRP C 2 3  ? 21.038  -11.060 7.480   1.00 22.60 ?  3   TRP D CB   1 
ATOM   1244 C CG   . TRP C 2 3  ? 20.797  -10.515 6.068   1.00 24.78 ?  3   TRP D CG   1 
ATOM   1245 C CD1  . TRP C 2 3  ? 21.694  -10.484 5.027   1.00 26.61 ?  3   TRP D CD1  1 
ATOM   1246 C CD2  . TRP C 2 3  ? 19.599  -9.897  5.577   1.00 23.04 ?  3   TRP D CD2  1 
ATOM   1247 N NE1  . TRP C 2 3  ? 21.123  -9.892  3.929   1.00 22.76 ?  3   TRP D NE1  1 
ATOM   1248 C CE2  . TRP C 2 3  ? 19.840  -9.523  4.234   1.00 21.84 ?  3   TRP D CE2  1 
ATOM   1249 C CE3  . TRP C 2 3  ? 18.346  -9.635  6.137   1.00 21.61 ?  3   TRP D CE3  1 
ATOM   1250 C CZ2  . TRP C 2 3  ? 18.870  -8.893  3.450   1.00 21.30 ?  3   TRP D CZ2  1 
ATOM   1251 C CZ3  . TRP C 2 3  ? 17.386  -9.014  5.361   1.00 19.75 ?  3   TRP D CZ3  1 
ATOM   1252 C CH2  . TRP C 2 3  ? 17.652  -8.648  4.031   1.00 17.86 ?  3   TRP D CH2  1 
ATOM   1253 H H    . TRP C 2 3  ? 21.214  -12.981 6.067   1.00 26.88 ?  3   TRP D H    1 
ATOM   1254 H HA   . TRP C 2 3  ? 20.818  -12.735 8.627   1.00 26.71 ?  3   TRP D HA   1 
ATOM   1255 H HB2  . TRP C 2 3  ? 20.654  -10.423 8.103   1.00 27.12 ?  3   TRP D HB2  1 
ATOM   1256 H HB3  . TRP C 2 3  ? 21.997  -11.103 7.612   1.00 27.12 ?  3   TRP D HB3  1 
ATOM   1257 H HD1  . TRP C 2 3  ? 22.564  -10.807 5.064   1.00 31.93 ?  3   TRP D HD1  1 
ATOM   1258 H HE3  . TRP C 2 3  ? 18.163  -9.865  7.020   1.00 25.93 ?  3   TRP D HE3  1 
ATOM   1259 H HZ2  . TRP C 2 3  ? 19.040  -8.659  2.566   1.00 25.56 ?  3   TRP D HZ2  1 
ATOM   1260 H HZ3  . TRP C 2 3  ? 16.551  -8.829  5.726   1.00 23.70 ?  3   TRP D HZ3  1 
ATOM   1261 H HH2  . TRP C 2 3  ? 16.985  -8.236  3.532   1.00 21.43 ?  3   TRP D HH2  1 
HETATM 1262 N N    . TBG C 2 4  ? 18.576  -11.730 9.094   1.00 23.47 ?  4   TBG D N    1 
HETATM 1263 C CA   . TBG C 2 4  ? 17.197  -11.470 9.445   1.00 19.92 ?  4   TBG D CA   1 
HETATM 1264 C CB   . TBG C 2 4  ? 16.607  -12.443 10.517  1.00 23.27 ?  4   TBG D CB   1 
HETATM 1265 C CG1  . TBG C 2 4  ? 17.453  -12.413 11.777  1.00 25.24 ?  4   TBG D CG1  1 
HETATM 1266 C CG2  . TBG C 2 4  ? 16.605  -13.859 9.972   1.00 23.78 ?  4   TBG D CG2  1 
HETATM 1267 C CG3  . TBG C 2 4  ? 15.166  -12.068 10.831  1.00 23.40 ?  4   TBG D CG3  1 
HETATM 1268 C C    . TBG C 2 4  ? 17.137  -10.028 9.919   1.00 24.49 ?  4   TBG D C    1 
HETATM 1269 O O    . TBG C 2 4  ? 17.969  -9.527  10.678  1.00 24.33 ?  4   TBG D O    1 
HETATM 1270 H H    . TBG C 2 4  ? 19.208  -11.412 9.806   1.00 28.17 ?  4   TBG D H    1 
HETATM 1271 H HA   . TBG C 2 4  ? 16.573  -11.562 8.502   1.00 23.90 ?  4   TBG D HA   1 
HETATM 1272 H HG11 . TBG C 2 4  ? 16.952  -12.986 12.597  1.00 30.29 ?  4   TBG D HG11 1 
HETATM 1273 H HG12 . TBG C 2 4  ? 17.598  -11.358 12.113  1.00 30.29 ?  4   TBG D HG12 1 
HETATM 1274 H HG13 . TBG C 2 4  ? 18.460  -12.860 11.592  1.00 30.29 ?  4   TBG D HG13 1 
HETATM 1275 H HG21 . TBG C 2 4  ? 15.728  -14.019 9.299   1.00 28.54 ?  4   TBG D HG21 1 
HETATM 1276 H HG22 . TBG C 2 4  ? 17.540  -14.044 9.391   1.00 28.54 ?  4   TBG D HG22 1 
HETATM 1277 H HG23 . TBG C 2 4  ? 16.558  -14.603 10.806  1.00 28.54 ?  4   TBG D HG23 1 
HETATM 1278 H HG31 . TBG C 2 4  ? 14.746  -12.719 11.635  1.00 28.09 ?  4   TBG D HG31 1 
HETATM 1279 H HG32 . TBG C 2 4  ? 15.121  -11.010 11.184  1.00 28.09 ?  4   TBG D HG32 1 
HETATM 1280 H HG33 . TBG C 2 4  ? 14.530  -12.167 9.919   1.00 28.09 ?  4   TBG D HG33 1 
HETATM 1281 C C    . 004 C 2 5  ? 14.395  -7.749  10.115  1.00 24.31 ?  5   004 D C    1 
HETATM 1282 N N    . 004 C 2 5  ? 16.100  -9.327  9.466   1.00 19.26 ?  5   004 D N    1 
HETATM 1283 O O    . 004 C 2 5  ? 13.507  -8.184  9.379   1.00 19.00 ?  5   004 D O    1 
HETATM 1284 C CA   . 004 C 2 5  ? 15.884  -7.964  9.872   1.00 22.75 ?  5   004 D CA   1 
HETATM 1285 C CB   . 004 C 2 5  ? 16.414  -6.880  8.957   1.00 23.84 ?  5   004 D CB   1 
HETATM 1286 C CE   . 004 C 2 5  ? 17.455  -4.857  7.328   1.00 34.02 ?  5   004 D CE   1 
HETATM 1287 C CD1  . 004 C 2 5  ? 16.149  -4.761  7.809   1.00 36.73 ?  5   004 D CD1  1 
HETATM 1288 C CD2  . 004 C 2 5  ? 18.240  -5.960  7.660   1.00 33.07 ?  5   004 D CD2  1 
HETATM 1289 C CG1  . 004 C 2 5  ? 15.633  -5.765  8.635   1.00 33.00 ?  5   004 D CG1  1 
HETATM 1290 C CG2  . 004 C 2 5  ? 17.727  -6.964  8.481   1.00 34.09 ?  5   004 D CG2  1 
HETATM 1291 H H    . 004 C 2 5  ? 15.337  -9.658  8.907   1.00 23.11 ?  5   004 D H    1 
HETATM 1292 H HA   . 004 C 2 5  ? 16.398  -7.854  10.877  1.00 27.30 ?  5   004 D HA   1 
HETATM 1293 H HE   . 004 C 2 5  ? 17.861  -4.069  6.676   1.00 40.83 ?  5   004 D HE   1 
HETATM 1294 H HD1  . 004 C 2 5  ? 15.526  -3.893  7.546   1.00 44.08 ?  5   004 D HD1  1 
HETATM 1295 H HD2  . 004 C 2 5  ? 19.267  -6.040  7.277   1.00 39.69 ?  5   004 D HD2  1 
HETATM 1296 H HG1  . 004 C 2 5  ? 14.603  -5.684  9.015   1.00 39.60 ?  5   004 D HG1  1 
HETATM 1297 H HG2  . 004 C 2 5  ? 18.346  -7.836  8.750   1.00 40.90 ?  5   004 D HG2  1 
ATOM   1298 N N    . ASP C 2 6  ? 14.122  -7.053  11.216  1.00 23.42 ?  6   ASP D N    1 
ATOM   1299 C CA   . ASP C 2 6  ? 12.768  -6.648  11.568  1.00 23.44 ?  6   ASP D CA   1 
ATOM   1300 C C    . ASP C 2 6  ? 12.591  -5.182  11.212  1.00 27.50 ?  6   ASP D C    1 
ATOM   1301 O O    . ASP C 2 6  ? 13.435  -4.345  11.526  1.00 28.69 ?  6   ASP D O    1 
ATOM   1302 C CB   . ASP C 2 6  ? 12.484  -6.872  13.070  1.00 26.57 ?  6   ASP D CB   1 
ATOM   1303 C CG   . ASP C 2 6  ? 12.247  -8.331  13.419  1.00 28.42 ?  6   ASP D CG   1 
ATOM   1304 O OD1  . ASP C 2 6  ? 11.514  -9.028  12.682  1.00 31.06 -1 6   ASP D OD1  1 
ATOM   1305 O OD2  . ASP C 2 6  ? 12.805  -8.793  14.435  1.00 31.74 ?  6   ASP D OD2  1 
ATOM   1306 H H    . ASP C 2 6  ? 14.717  -6.799  11.783  1.00 28.10 ?  6   ASP D H    1 
ATOM   1307 H HA   . ASP C 2 6  ? 12.132  -7.170  11.054  1.00 28.13 ?  6   ASP D HA   1 
ATOM   1308 H HB2  . ASP C 2 6  ? 13.245  -6.561  13.585  1.00 31.88 ?  6   ASP D HB2  1 
ATOM   1309 H HB3  . ASP C 2 6  ? 11.690  -6.372  13.318  1.00 31.88 ?  6   ASP D HB3  1 
ATOM   1310 N N    . ILE C 2 7  ? 11.485  -4.861  10.563  1.00 25.43 ?  7   ILE D N    1 
ATOM   1311 C CA   . ILE C 2 7  ? 11.253  -3.492  10.142  1.00 30.49 ?  7   ILE D CA   1 
ATOM   1312 C C    . ILE C 2 7  ? 9.808   -3.129  10.516  1.00 31.63 ?  7   ILE D C    1 
ATOM   1313 O O    . ILE C 2 7  ? 9.426   -1.964  10.729  1.00 27.71 ?  7   ILE D O    1 
ATOM   1314 C CB   . ILE C 2 7  ? 11.609  -3.350  8.619   1.00 35.37 ?  7   ILE D CB   1 
ATOM   1315 C CG1  . ILE C 2 7  ? 11.988  -1.909  8.265   1.00 44.52 ?  7   ILE D CG1  1 
ATOM   1316 C CG2  . ILE C 2 7  ? 10.499  -3.885  7.725   1.00 34.47 ?  7   ILE D CG2  1 
ATOM   1317 C CD1  . ILE C 2 7  ? 13.329  -1.478  8.872   1.00 44.68 ?  7   ILE D CD1  1 
ATOM   1318 O OXT  . ILE C 2 7  ? 8.982   -4.029  10.692  1.00 28.26 -1 7   ILE D OXT  1 
ATOM   1319 H H    . ILE C 2 7  ? 10.858  -5.412  10.355  1.00 30.51 ?  7   ILE D H    1 
ATOM   1320 H HA   . ILE C 2 7  ? 11.844  -2.907  10.640  1.00 36.58 ?  7   ILE D HA   1 
ATOM   1321 H HB   . ILE C 2 7  ? 12.393  -3.898  8.458   1.00 42.44 ?  7   ILE D HB   1 
ATOM   1322 H HG12 . ILE C 2 7  ? 12.054  -1.827  7.301   1.00 53.43 ?  7   ILE D HG12 1 
ATOM   1323 H HG13 . ILE C 2 7  ? 11.302  -1.312  8.602   1.00 53.43 ?  7   ILE D HG13 1 
ATOM   1324 H HG21 . ILE C 2 7  ? 10.762  -3.776  6.797   1.00 41.37 ?  7   ILE D HG21 1 
ATOM   1325 H HG22 . ILE C 2 7  ? 10.361  -4.824  7.922   1.00 41.37 ?  7   ILE D HG22 1 
ATOM   1326 H HG23 . ILE C 2 7  ? 9.686   -3.385  7.899   1.00 41.37 ?  7   ILE D HG23 1 
ATOM   1327 H HD11 . ILE C 2 7  ? 13.512  -0.560  8.612   1.00 53.61 ?  7   ILE D HD11 1 
ATOM   1328 H HD12 . ILE C 2 7  ? 13.275  -1.545  9.837   1.00 53.61 ?  7   ILE D HD12 1 
ATOM   1329 H HD13 . ILE C 2 7  ? 14.028  -2.062  8.537   1.00 53.61 ?  7   ILE D HD13 1 
ATOM   1330 N N    . SER D 2 1  ? -22.929 6.140   -14.177 1.00 43.42 ?  1   SER E N    1 
ATOM   1331 C CA   . SER D 2 1  ? -24.277 5.947   -13.646 1.00 50.66 ?  1   SER E CA   1 
ATOM   1332 C C    . SER D 2 1  ? -24.305 6.045   -12.121 1.00 41.14 ?  1   SER E C    1 
ATOM   1333 O O    . SER D 2 1  ? -25.287 6.510   -11.541 1.00 48.12 ?  1   SER E O    1 
ATOM   1334 C CB   . SER D 2 1  ? -24.837 4.587   -14.089 1.00 48.64 ?  1   SER E CB   1 
ATOM   1335 O OG   . SER D 2 1  ? -23.940 3.537   -13.766 1.00 47.32 ?  1   SER E OG   1 
ATOM   1336 H H1   . SER D 2 1  ? -22.398 5.480   -14.030 1.00 52.11 ?  1   SER E H1   1 
ATOM   1337 H H2   . SER D 2 1  ? -22.330 6.758   -13.752 1.00 52.11 ?  1   SER E H2   1 
ATOM   1338 H HA   . SER D 2 1  ? -24.858 6.638   -14.000 1.00 60.79 ?  1   SER E HA   1 
ATOM   1339 H HB2  . SER D 2 1  ? -25.681 4.431   -13.637 1.00 58.37 ?  1   SER E HB2  1 
ATOM   1340 H HB3  . SER D 2 1  ? -24.974 4.601   -15.049 1.00 58.37 ?  1   SER E HB3  1 
ATOM   1341 H HG   . SER D 2 1  ? -24.258 2.801   -14.014 1.00 56.79 ?  1   SER E HG   1 
ATOM   1342 N N    . HIS D 2 2  ? -23.220 5.629   -11.470 1.00 38.08 ?  2   HIS E N    1 
ATOM   1343 C CA   . HIS D 2 2  ? -23.251 5.416   -10.020 1.00 26.99 ?  2   HIS E CA   1 
ATOM   1344 C C    . HIS D 2 2  ? -22.943 6.693   -9.243  1.00 27.15 ?  2   HIS E C    1 
ATOM   1345 O O    . HIS D 2 2  ? -23.846 7.273   -8.632  1.00 23.47 ?  2   HIS E O    1 
ATOM   1346 C CB   . HIS D 2 2  ? -22.329 4.261   -9.633  1.00 39.06 ?  2   HIS E CB   1 
ATOM   1347 C CG   . HIS D 2 2  ? -23.062 3.102   -9.035  1.00 40.25 ?  2   HIS E CG   1 
ATOM   1348 N ND1  . HIS D 2 2  ? -23.342 3.015   -7.687  1.00 41.88 ?  2   HIS E ND1  1 
ATOM   1349 C CD2  . HIS D 2 2  ? -23.606 2.003   -9.606  1.00 44.31 ?  2   HIS E CD2  1 
ATOM   1350 C CE1  . HIS D 2 2  ? -24.009 1.900   -7.449  1.00 42.38 ?  2   HIS E CE1  1 
ATOM   1351 N NE2  . HIS D 2 2  ? -24.183 1.268   -8.597  1.00 48.45 ?  2   HIS E NE2  1 
ATOM   1352 N N    . TRP D 2 3  ? -21.689 7.149   -9.238  1.00 23.79 ?  3   TRP E N    1 
ATOM   1353 C CA   . TRP D 2 3  ? -21.365 8.348   -8.444  1.00 22.36 ?  3   TRP E CA   1 
ATOM   1354 C C    . TRP D 2 3  ? -19.974 8.945   -8.637  1.00 23.20 ?  3   TRP E C    1 
ATOM   1355 O O    . TRP D 2 3  ? -19.070 8.327   -9.224  1.00 17.20 ?  3   TRP E O    1 
ATOM   1356 C CB   . TRP D 2 3  ? -21.542 8.051   -6.939  1.00 20.55 ?  3   TRP E CB   1 
ATOM   1357 C CG   . TRP D 2 3  ? -20.964 6.748   -6.443  1.00 19.81 ?  3   TRP E CG   1 
ATOM   1358 C CD1  . TRP D 2 3  ? -21.653 5.600   -6.182  1.00 20.43 ?  3   TRP E CD1  1 
ATOM   1359 C CD2  . TRP D 2 3  ? -19.587 6.466   -6.133  1.00 17.42 ?  3   TRP E CD2  1 
ATOM   1360 N NE1  . TRP D 2 3  ? -20.795 4.626   -5.728  1.00 19.54 ?  3   TRP E NE1  1 
ATOM   1361 C CE2  . TRP D 2 3  ? -19.524 5.132   -5.686  1.00 16.99 ?  3   TRP E CE2  1 
ATOM   1362 C CE3  . TRP D 2 3  ? -18.408 7.213   -6.185  1.00 17.75 ?  3   TRP E CE3  1 
ATOM   1363 C CZ2  . TRP D 2 3  ? -18.321 4.519   -5.305  1.00 17.32 ?  3   TRP E CZ2  1 
ATOM   1364 C CZ3  . TRP D 2 3  ? -17.215 6.607   -5.794  1.00 20.35 ?  3   TRP E CZ3  1 
ATOM   1365 C CH2  . TRP D 2 3  ? -17.183 5.270   -5.372  1.00 16.29 ?  3   TRP E CH2  1 
ATOM   1366 H H    . TRP D 2 3  ? -21.028 6.802   -9.666  1.00 28.55 ?  3   TRP E H    1 
ATOM   1367 H HA   . TRP D 2 3  ? -22.004 9.039   -8.675  1.00 26.83 ?  3   TRP E HA   1 
ATOM   1368 H HB2  . TRP D 2 3  ? -21.119 8.764   -6.435  1.00 24.66 ?  3   TRP E HB2  1 
ATOM   1369 H HB3  . TRP D 2 3  ? -22.492 8.038   -6.741  1.00 24.66 ?  3   TRP E HB3  1 
ATOM   1370 H HD1  . TRP D 2 3  ? -22.571 5.495   -6.288  1.00 24.52 ?  3   TRP E HD1  1 
ATOM   1371 H HE3  . TRP D 2 3  ? -18.421 8.099   -6.467  1.00 21.30 ?  3   TRP E HE3  1 
ATOM   1372 H HZ2  . TRP D 2 3  ? -18.300 3.635   -5.019  1.00 20.78 ?  3   TRP E HZ2  1 
ATOM   1373 H HZ3  . TRP D 2 3  ? -16.423 7.094   -5.830  1.00 24.42 ?  3   TRP E HZ3  1 
ATOM   1374 H HH2  . TRP D 2 3  ? -16.372 4.892   -5.117  1.00 19.55 ?  3   TRP E HH2  1 
HETATM 1375 N N    . TBG D 2 4  ? -19.825 10.170  -8.130  1.00 16.53 ?  4   TBG E N    1 
HETATM 1376 C CA   . TBG D 2 4  ? -18.542 10.864  -8.048  1.00 17.05 ?  4   TBG E CA   1 
HETATM 1377 C CB   . TBG D 2 4  ? -18.312 12.002  -9.104  1.00 20.13 ?  4   TBG E CB   1 
HETATM 1378 C CG1  . TBG D 2 4  ? -19.384 13.083  -8.998  1.00 23.55 ?  4   TBG E CG1  1 
HETATM 1379 C CG2  . TBG D 2 4  ? -18.366 11.388  -10.496 1.00 21.53 ?  4   TBG E CG2  1 
HETATM 1380 C CG3  . TBG D 2 4  ? -16.928 12.637  -8.923  1.00 19.22 ?  4   TBG E CG3  1 
HETATM 1381 C C    . TBG D 2 4  ? -18.358 11.377  -6.619  1.00 24.56 ?  4   TBG E C    1 
HETATM 1382 O O    . TBG D 2 4  ? -19.261 11.923  -5.974  1.00 21.06 ?  4   TBG E O    1 
HETATM 1383 H H    . TBG D 2 4  ? -20.571 10.728  -7.760  1.00 19.84 ?  4   TBG E H    1 
HETATM 1384 H HA   . TBG D 2 4  ? -17.740 10.082  -8.229  1.00 20.46 ?  4   TBG E HA   1 
HETATM 1385 H HG11 . TBG D 2 4  ? -19.121 13.957  -9.644  1.00 28.26 ?  4   TBG E HG11 1 
HETATM 1386 H HG12 . TBG D 2 4  ? -19.470 13.431  -7.941  1.00 28.26 ?  4   TBG E HG12 1 
HETATM 1387 H HG13 . TBG D 2 4  ? -20.379 12.689  -9.316  1.00 28.26 ?  4   TBG E HG13 1 
HETATM 1388 H HG21 . TBG D 2 4  ? -18.575 12.173  -11.262 1.00 25.83 ?  4   TBG E HG21 1 
HETATM 1389 H HG22 . TBG D 2 4  ? -17.388 10.907  -10.737 1.00 25.83 ?  4   TBG E HG22 1 
HETATM 1390 H HG23 . TBG D 2 4  ? -19.163 10.607  -10.552 1.00 25.83 ?  4   TBG E HG23 1 
HETATM 1391 H HG31 . TBG D 2 4  ? -16.116 11.893  -9.105  1.00 23.07 ?  4   TBG E HG31 1 
HETATM 1392 H HG32 . TBG D 2 4  ? -16.821 13.016  -7.878  1.00 23.07 ?  4   TBG E HG32 1 
HETATM 1393 H HG33 . TBG D 2 4  ? -16.796 13.493  -9.628  1.00 23.07 ?  4   TBG E HG33 1 
HETATM 1394 C C    . 004 D 2 5  ? -15.391 12.223  -4.646  1.00 22.99 ?  5   004 E C    1 
HETATM 1395 N N    . 004 D 2 5  ? -17.139 11.208  -6.103  1.00 18.59 ?  5   004 E N    1 
HETATM 1396 O O    . 004 D 2 5  ? -14.395 11.716  -5.162  1.00 22.73 ?  5   004 E O    1 
HETATM 1397 C CA   . 004 D 2 5  ? -16.813 11.655  -4.750  1.00 21.92 ?  5   004 E CA   1 
HETATM 1398 C CB   . 004 D 2 5  ? -16.934 10.604  -3.665  1.00 23.77 ?  5   004 E CB   1 
HETATM 1399 C CE   . 004 D 2 5  ? -17.105 8.689   -1.622  1.00 29.83 ?  5   004 E CE   1 
HETATM 1400 C CD1  . 004 D 2 5  ? -16.639 8.322   -2.892  1.00 30.71 ?  5   004 E CD1  1 
HETATM 1401 C CD2  . 004 D 2 5  ? -17.476 10.006  -1.374  1.00 31.27 ?  5   004 E CD2  1 
HETATM 1402 C CG1  . 004 D 2 5  ? -16.542 9.283   -3.904  1.00 28.33 ?  5   004 E CG1  1 
HETATM 1403 C CG2  . 004 D 2 5  ? -17.382 10.968  -2.385  1.00 33.05 ?  5   004 E CG2  1 
HETATM 1404 H H    . 004 D 2 5  ? -16.308 10.986  -6.616  1.00 22.30 ?  5   004 E H    1 
HETATM 1405 H HA   . 004 D 2 5  ? -17.529 12.502  -4.512  1.00 26.30 ?  5   004 E HA   1 
HETATM 1406 H HE   . 004 D 2 5  ? -17.181 7.935   -0.824  1.00 35.79 ?  5   004 E HE   1 
HETATM 1407 H HD1  . 004 D 2 5  ? -16.344 7.282   -3.094  1.00 36.85 ?  5   004 E HD1  1 
HETATM 1408 H HD2  . 004 D 2 5  ? -17.845 10.294  -0.378  1.00 37.52 ?  5   004 E HD2  1 
HETATM 1409 H HG1  . 004 D 2 5  ? -16.178 8.989   -4.901  1.00 34.00 ?  5   004 E HG1  1 
HETATM 1410 H HG2  . 004 D 2 5  ? -17.679 12.013  -2.189  1.00 39.66 ?  5   004 E HG2  1 
ATOM   1411 N N    . ASP D 2 6  ? -15.295 13.349  -3.944  1.00 21.35 ?  6   ASP E N    1 
ATOM   1412 C CA   . ASP D 2 6  ? -13.996 13.932  -3.600  1.00 23.30 ?  6   ASP E CA   1 
ATOM   1413 C C    . ASP D 2 6  ? -13.573 13.538  -2.178  1.00 28.33 ?  6   ASP E C    1 
ATOM   1414 O O    . ASP D 2 6  ? -14.278 13.842  -1.213  1.00 25.79 ?  6   ASP E O    1 
ATOM   1415 C CB   . ASP D 2 6  ? -14.047 15.468  -3.721  1.00 27.72 ?  6   ASP E CB   1 
ATOM   1416 C CG   . ASP D 2 6  ? -14.283 15.945  -5.147  1.00 32.30 ?  6   ASP E CG   1 
ATOM   1417 O OD1  . ASP D 2 6  ? -14.621 17.138  -5.322  1.00 30.14 ?  6   ASP E OD1  1 
ATOM   1418 O OD2  . ASP D 2 6  ? -14.137 15.139  -6.092  1.00 26.25 -1 6   ASP E OD2  1 
ATOM   1419 H H    . ASP D 2 6  ? -15.968 13.796  -3.652  1.00 25.62 ?  6   ASP E H    1 
ATOM   1420 H HA   . ASP D 2 6  ? -13.324 13.602  -4.217  1.00 27.96 ?  6   ASP E HA   1 
ATOM   1421 H HB2  . ASP D 2 6  ? -14.772 15.803  -3.170  1.00 33.26 ?  6   ASP E HB2  1 
ATOM   1422 H HB3  . ASP D 2 6  ? -13.203 15.836  -3.418  1.00 33.26 ?  6   ASP E HB3  1 
ATOM   1423 N N    . ILE D 2 7  ? -12.421 12.878  -2.055  1.00 25.71 ?  7   ILE E N    1 
ATOM   1424 C CA   . ILE D 2 7  ? -11.894 12.417  -0.767  1.00 31.59 ?  7   ILE E CA   1 
ATOM   1425 C C    . ILE D 2 7  ? -10.593 13.137  -0.383  1.00 35.03 ?  7   ILE E C    1 
ATOM   1426 O O    . ILE D 2 7  ? -10.271 13.284  0.806   1.00 35.57 ?  7   ILE E O    1 
ATOM   1427 C CB   . ILE D 2 7  ? -11.643 10.896  -0.791  1.00 32.22 ?  7   ILE E CB   1 
ATOM   1428 C CG1  . ILE D 2 7  ? -12.870 10.154  -1.313  1.00 35.48 ?  7   ILE E CG1  1 
ATOM   1429 C CG2  . ILE D 2 7  ? -11.262 10.384  0.601   1.00 37.62 ?  7   ILE E CG2  1 
ATOM   1430 C CD1  . ILE D 2 7  ? -14.108 10.353  -0.464  1.00 36.01 ?  7   ILE E CD1  1 
ATOM   1431 O OXT  . ILE D 2 7  ? -9.804  13.562  -1.240  1.00 29.46 -1 7   ILE E OXT  1 
ATOM   1432 H H    . ILE D 2 7  ? -11.912 12.681  -2.721  1.00 30.85 ?  7   ILE E H    1 
ATOM   1433 H HA   . ILE D 2 7  ? -12.550 12.600  -0.076  1.00 37.91 ?  7   ILE E HA   1 
ATOM   1434 H HB   . ILE D 2 7  ? -10.902 10.719  -1.392  1.00 38.66 ?  7   ILE E HB   1 
ATOM   1435 H HG12 . ILE D 2 7  ? -13.070 10.469  -2.208  1.00 42.57 ?  7   ILE E HG12 1 
ATOM   1436 H HG13 . ILE D 2 7  ? -12.675 9.204   -1.335  1.00 42.57 ?  7   ILE E HG13 1 
ATOM   1437 H HG21 . ILE D 2 7  ? -11.111 9.427   0.555   1.00 45.14 ?  7   ILE E HG21 1 
ATOM   1438 H HG22 . ILE D 2 7  ? -10.455 10.834  0.893   1.00 45.14 ?  7   ILE E HG22 1 
ATOM   1439 H HG23 . ILE D 2 7  ? -11.989 10.575  1.216   1.00 45.14 ?  7   ILE E HG23 1 
ATOM   1440 H HD11 . ILE D 2 7  ? -14.842 9.854   -0.854  1.00 43.22 ?  7   ILE E HD11 1 
ATOM   1441 H HD12 . ILE D 2 7  ? -13.930 10.031  0.435   1.00 43.22 ?  7   ILE E HD12 1 
ATOM   1442 H HD13 . ILE D 2 7  ? -14.325 11.298  -0.439  1.00 43.22 ?  7   ILE E HD13 1 
HETATM 1443 O O    . HOH E 3 .  ? 15.702  3.700   1.694   1.00 44.55 ?  101 HOH A O    1 
HETATM 1444 O O    . HOH E 3 .  ? 21.009  -11.632 0.447   1.00 26.96 ?  102 HOH A O    1 
HETATM 1445 O O    . HOH E 3 .  ? 20.812  -7.126  -6.433  1.00 27.06 ?  103 HOH A O    1 
HETATM 1446 O O    . HOH E 3 .  ? 1.744   1.360   18.891  1.00 47.00 ?  104 HOH A O    1 
HETATM 1447 O O    . HOH E 3 .  ? 0.773   -10.657 -13.192 1.00 51.73 ?  105 HOH A O    1 
HETATM 1448 O O    . HOH E 3 .  ? 27.336  -4.167  1.955   1.00 30.76 ?  106 HOH A O    1 
HETATM 1449 O O    . HOH E 3 .  ? 2.882   2.257   -6.957  1.00 53.76 ?  107 HOH A O    1 
HETATM 1450 O O    . HOH E 3 .  ? 21.278  -14.705 -3.025  1.00 43.18 ?  108 HOH A O    1 
HETATM 1451 O O    . HOH E 3 .  ? -4.219  -1.560  12.105  1.00 50.44 ?  109 HOH A O    1 
HETATM 1452 O O    . HOH E 3 .  ? -0.122  -8.030  -10.191 1.00 33.60 ?  110 HOH A O    1 
HETATM 1453 O O    . HOH E 3 .  ? 15.957  -8.619  -7.160  1.00 28.01 ?  111 HOH A O    1 
HETATM 1454 O O    . HOH E 3 .  ? 13.384  -15.300 12.691  1.00 33.57 ?  112 HOH A O    1 
HETATM 1455 O O    . HOH E 3 .  ? 11.206  4.164   11.653  1.00 38.77 ?  113 HOH A O    1 
HETATM 1456 O O    . HOH E 3 .  ? -4.209  -8.824  10.798  1.00 30.26 ?  114 HOH A O    1 
HETATM 1457 O O    . HOH E 3 .  ? -2.128  -11.607 0.330   1.00 36.02 ?  115 HOH A O    1 
HETATM 1458 O O    . HOH E 3 .  ? -1.431  -10.103 4.943   1.00 31.47 ?  116 HOH A O    1 
HETATM 1459 O O    . HOH E 3 .  ? 14.275  1.067   15.955  1.00 50.90 ?  117 HOH A O    1 
HETATM 1460 O O    . HOH E 3 .  ? 9.960   -1.133  -4.946  1.00 23.00 ?  118 HOH A O    1 
HETATM 1461 O O    . HOH E 3 .  ? 0.508   -5.028  14.786  1.00 39.26 ?  119 HOH A O    1 
HETATM 1462 O O    . HOH E 3 .  ? 4.192   -12.664 -14.106 1.00 44.37 ?  120 HOH A O    1 
HETATM 1463 O O    . HOH E 3 .  ? 1.406   -10.437 -1.251  1.00 29.57 ?  121 HOH A O    1 
HETATM 1464 O O    . HOH E 3 .  ? 19.606  -13.192 -1.217  1.00 45.93 ?  122 HOH A O    1 
HETATM 1465 O O    . HOH E 3 .  ? 8.705   -16.150 -5.703  1.00 33.55 ?  123 HOH A O    1 
HETATM 1466 O O    . HOH E 3 .  ? 24.562  -0.207  7.284   1.00 40.81 ?  124 HOH A O    1 
HETATM 1467 O O    . HOH E 3 .  ? 21.970  2.468   0.020   1.00 40.99 ?  125 HOH A O    1 
HETATM 1468 O O    . HOH E 3 .  ? 14.949  -11.593 -3.762  1.00 21.07 ?  126 HOH A O    1 
HETATM 1469 O O    . HOH E 3 .  ? 1.885   -14.570 6.894   1.00 24.83 ?  127 HOH A O    1 
HETATM 1470 O O    . HOH E 3 .  ? 0.250   -12.372 6.763   1.00 34.17 ?  128 HOH A O    1 
HETATM 1471 O O    . HOH E 3 .  ? 3.549   -14.418 9.143   1.00 21.75 ?  129 HOH A O    1 
HETATM 1472 O O    . HOH E 3 .  ? 12.025  3.731   2.826   1.00 47.70 ?  130 HOH A O    1 
HETATM 1473 O O    . HOH E 3 .  ? 21.372  -15.643 1.460   1.00 34.44 ?  131 HOH A O    1 
HETATM 1474 O O    . HOH E 3 .  ? 25.112  0.920   -2.181  1.00 32.68 ?  132 HOH A O    1 
HETATM 1475 O O    . HOH E 3 .  ? 6.483   6.697   19.352  1.00 43.02 ?  133 HOH A O    1 
HETATM 1476 O O    . HOH E 3 .  ? 1.760   -14.379 -14.361 1.00 39.62 ?  134 HOH A O    1 
HETATM 1477 O O    . HOH E 3 .  ? -1.597  -0.968  11.452  1.00 46.12 ?  135 HOH A O    1 
HETATM 1478 O O    . HOH E 3 .  ? -5.082  -6.807  8.945   1.00 33.96 ?  136 HOH A O    1 
HETATM 1479 O O    . HOH E 3 .  ? 13.183  -16.482 -11.395 1.00 56.40 ?  137 HOH A O    1 
HETATM 1480 O O    . HOH E 3 .  ? 15.502  -11.382 -6.289  1.00 38.94 ?  138 HOH A O    1 
HETATM 1481 O O    . HOH E 3 .  ? 14.082  -20.480 5.729   1.00 35.19 ?  139 HOH A O    1 
HETATM 1482 O O    . HOH E 3 .  ? 26.416  -1.421  2.135   1.00 36.96 ?  140 HOH A O    1 
HETATM 1483 O O    . HOH E 3 .  ? -5.532  -0.294  12.104  1.00 57.12 ?  141 HOH A O    1 
HETATM 1484 O O    . HOH E 3 .  ? -1.196  -10.007 -8.742  1.00 44.25 ?  142 HOH A O    1 
HETATM 1485 O O    . HOH F 3 .  ? -19.951 11.420  4.188   1.00 48.00 ?  101 HOH B O    1 
HETATM 1486 O O    . HOH F 3 .  ? -9.092  -8.352  0.975   1.00 33.50 ?  102 HOH B O    1 
HETATM 1487 O O    . HOH F 3 .  ? -19.301 12.502  -14.236 1.00 42.71 ?  103 HOH B O    1 
HETATM 1488 O O    . HOH F 3 .  ? -6.411  0.624   -14.288 1.00 31.99 ?  104 HOH B O    1 
HETATM 1489 O O    . HOH F 3 .  ? -12.063 8.625   -13.931 1.00 28.33 ?  105 HOH B O    1 
HETATM 1490 O O    . HOH F 3 .  ? -11.882 11.470  7.918   1.00 36.83 ?  106 HOH B O    1 
HETATM 1491 O O    . HOH F 3 .  ? -14.264 -1.124  3.743   1.00 32.07 ?  107 HOH B O    1 
HETATM 1492 O O    . HOH F 3 .  ? -8.564  20.872  9.428   1.00 26.26 ?  108 HOH B O    1 
HETATM 1493 O O    . HOH F 3 .  ? -4.584  12.881  11.856  1.00 39.37 ?  109 HOH B O    1 
HETATM 1494 O O    . HOH F 3 .  ? -2.110  17.485  1.941   1.00 37.48 ?  110 HOH B O    1 
HETATM 1495 O O    . HOH F 3 .  ? -3.203  1.837   -13.860 1.00 34.10 ?  111 HOH B O    1 
HETATM 1496 O O    . HOH F 3 .  ? -5.377  19.815  3.295   1.00 32.56 ?  112 HOH B O    1 
HETATM 1497 O O    . HOH F 3 .  ? -12.500 3.683   7.147   1.00 33.93 ?  113 HOH B O    1 
HETATM 1498 O O    . HOH F 3 .  ? -19.866 1.397   -7.138  1.00 31.80 ?  114 HOH B O    1 
HETATM 1499 O O    . HOH F 3 .  ? 0.196   2.918   8.411   1.00 30.56 ?  115 HOH B O    1 
HETATM 1500 O O    . HOH F 3 .  ? -21.249 10.731  -4.222  1.00 31.95 ?  116 HOH B O    1 
HETATM 1501 O O    . HOH F 3 .  ? -8.200  -1.316  -15.139 1.00 31.88 ?  117 HOH B O    1 
HETATM 1502 O O    . HOH F 3 .  ? -9.867  11.012  10.088  1.00 38.31 ?  118 HOH B O    1 
HETATM 1503 O O    . HOH F 3 .  ? -13.962 -4.810  -6.780  1.00 27.33 ?  119 HOH B O    1 
HETATM 1504 O O    . HOH F 3 .  ? -6.420  -3.765  3.783   1.00 32.19 ?  120 HOH B O    1 
HETATM 1505 O O    . HOH F 3 .  ? -23.882 10.347  1.907   1.00 49.01 ?  121 HOH B O    1 
HETATM 1506 O O    . HOH F 3 .  ? -18.664 -5.961  -3.624  1.00 39.25 ?  122 HOH B O    1 
HETATM 1507 O O    . HOH F 3 .  ? -12.664 -6.832  -7.255  1.00 32.15 ?  123 HOH B O    1 
HETATM 1508 O O    . HOH F 3 .  ? -18.726 0.666   -10.468 1.00 29.70 ?  124 HOH B O    1 
HETATM 1509 O O    . HOH F 3 .  ? -2.676  8.598   -16.087 1.00 29.95 ?  125 HOH B O    1 
HETATM 1510 O O    . HOH F 3 .  ? -13.477 -1.071  -9.917  1.00 23.32 ?  126 HOH B O    1 
HETATM 1511 O O    . HOH F 3 .  ? -7.547  -2.800  0.135   1.00 27.81 ?  127 HOH B O    1 
HETATM 1512 O O    . HOH F 3 .  ? 1.151   3.251   -6.895  1.00 30.55 ?  128 HOH B O    1 
HETATM 1513 O O    . HOH F 3 .  ? -12.066 -8.793  -0.253  1.00 37.15 ?  129 HOH B O    1 
HETATM 1514 O O    . HOH F 3 .  ? -11.943 16.254  6.221   1.00 38.11 ?  130 HOH B O    1 
HETATM 1515 O O    . HOH F 3 .  ? -12.738 7.558   7.115   1.00 37.01 ?  131 HOH B O    1 
HETATM 1516 O O    . HOH F 3 .  ? -17.876 8.015   12.425  1.00 36.83 ?  132 HOH B O    1 
HETATM 1517 O O    . HOH F 3 .  ? -8.270  17.114  -0.980  1.00 40.27 ?  133 HOH B O    1 
HETATM 1518 O O    . HOH F 3 .  ? -24.068 9.939   -0.936  1.00 34.91 ?  134 HOH B O    1 
HETATM 1519 O O    . HOH F 3 .  ? -1.095  -0.735  -12.054 1.00 38.11 ?  135 HOH B O    1 
HETATM 1520 O O    . HOH F 3 .  ? -0.866  17.395  6.458   1.00 32.95 ?  136 HOH B O    1 
HETATM 1521 O O    . HOH F 3 .  ? 3.757   13.759  -4.440  1.00 36.99 ?  137 HOH B O    1 
HETATM 1522 O O    . HOH F 3 .  ? -15.788 4.594   12.982  1.00 39.24 ?  138 HOH B O    1 
HETATM 1523 O O    . HOH F 3 .  ? -18.251 -1.198  -9.119  1.00 46.78 ?  139 HOH B O    1 
HETATM 1524 O O    . HOH F 3 .  ? -15.008 -2.161  -20.293 1.00 31.31 ?  140 HOH B O    1 
HETATM 1525 O O    . HOH F 3 .  ? -20.659 8.107   -12.776 1.00 27.88 ?  141 HOH B O    1 
HETATM 1526 O O    . HOH F 3 .  ? -0.276  12.255  5.138   1.00 32.75 ?  142 HOH B O    1 
HETATM 1527 O O    . HOH F 3 .  ? -26.196 5.858   -1.585  1.00 31.04 ?  143 HOH B O    1 
HETATM 1528 O O    . HOH F 3 .  ? -13.339 -0.327  5.933   1.00 32.96 ?  144 HOH B O    1 
HETATM 1529 O O    . HOH F 3 .  ? -0.377  -6.142  -16.247 1.00 51.89 ?  145 HOH B O    1 
HETATM 1530 O O    . HOH F 3 .  ? -14.927 -7.905  0.498   1.00 39.69 ?  146 HOH B O    1 
HETATM 1531 O O    . HOH F 3 .  ? -2.815  11.836  -12.585 1.00 26.76 ?  147 HOH B O    1 
HETATM 1532 O O    . HOH F 3 .  ? -0.225  8.663   1.627   1.00 30.17 ?  148 HOH B O    1 
HETATM 1533 O O    . HOH F 3 .  ? -7.525  3.989   10.184  1.00 49.00 ?  149 HOH B O    1 
HETATM 1534 O O    . HOH F 3 .  ? -4.890  13.791  -12.041 1.00 27.72 ?  150 HOH B O    1 
HETATM 1535 O O    . HOH F 3 .  ? -2.436  13.505  9.659   1.00 47.26 ?  151 HOH B O    1 
HETATM 1536 O O    . HOH F 3 .  ? -11.187 6.261   7.372   1.00 55.22 ?  152 HOH B O    1 
HETATM 1537 O O    . HOH F 3 .  ? -4.746  16.988  0.039   1.00 41.07 ?  153 HOH B O    1 
HETATM 1538 O O    . HOH F 3 .  ? -25.807 -0.062  -19.466 1.00 51.60 ?  154 HOH B O    1 
HETATM 1539 O O    . HOH F 3 .  ? -11.039 19.424  7.952   1.00 30.80 ?  155 HOH B O    1 
HETATM 1540 O O    . HOH F 3 .  ? -5.640  4.436   11.153  1.00 41.55 ?  156 HOH B O    1 
HETATM 1541 O O    . HOH F 3 .  ? -10.681 -10.792 -3.128  1.00 42.10 ?  157 HOH B O    1 
HETATM 1542 O O    . HOH F 3 .  ? -7.528  -3.338  5.790   1.00 52.00 ?  158 HOH B O    1 
HETATM 1543 O O    . HOH F 3 .  ? -10.478 4.575   7.652   1.00 42.78 ?  159 HOH B O    1 
HETATM 1544 O O    . HOH F 3 .  ? -10.648 -10.153 -5.392  1.00 41.87 ?  160 HOH B O    1 
HETATM 1545 O O    . HOH F 3 .  ? 0.751   11.005  3.172   1.00 33.81 ?  161 HOH B O    1 
HETATM 1546 O O    . HOH F 3 .  ? -1.892  12.202  -14.990 1.00 47.19 ?  162 HOH B O    1 
HETATM 1547 O O    . HOH F 3 .  ? -4.794  5.284   12.710  1.00 44.13 ?  163 HOH B O    1 
HETATM 1548 O O    . HOH F 3 .  ? -7.907  -10.773 -1.579  1.00 35.00 ?  164 HOH B O    1 
HETATM 1549 O O    . HOH F 3 .  ? -14.814 -2.584  -8.754  1.00 44.29 ?  165 HOH B O    1 
HETATM 1550 O O    . HOH F 3 .  ? -18.621 16.884  1.885   1.00 53.67 ?  166 HOH B O    1 
HETATM 1551 O O    . HOH F 3 .  ? -18.951 14.482  -16.459 1.00 50.48 ?  167 HOH B O    1 
HETATM 1552 O O    . HOH F 3 .  ? -17.055 2.309   8.089   1.00 37.54 ?  168 HOH B O    1 
HETATM 1553 O O    . HOH F 3 .  ? -14.329 1.691   7.739   1.00 37.21 ?  169 HOH B O    1 
HETATM 1554 O O    . HOH F 3 .  ? -0.848  -9.926  -14.726 1.00 50.40 ?  170 HOH B O    1 
HETATM 1555 O O    . HOH F 3 .  ? -13.847 0.691   10.200  1.00 45.08 ?  171 HOH B O    1 
HETATM 1556 O O    . HOH F 3 .  ? -3.467  1.259   10.582  1.00 46.07 ?  172 HOH B O    1 
HETATM 1557 O O    . HOH G 3 .  ? 16.077  -6.362  13.223  1.00 29.06 ?  101 HOH D O    1 
HETATM 1558 O O    . HOH G 3 .  ? 21.088  -11.378 10.725  1.00 25.53 ?  102 HOH D O    1 
HETATM 1559 O O    . HOH G 3 .  ? 8.736   -7.596  12.708  1.00 33.07 ?  103 HOH D O    1 
HETATM 1560 O O    . HOH G 3 .  ? 19.888  -20.184 8.454   1.00 47.57 ?  104 HOH D O    1 
HETATM 1561 O O    . HOH G 3 .  ? 20.895  -10.429 13.687  1.00 45.76 ?  105 HOH D O    1 
HETATM 1562 O O    . HOH H 3 .  ? -25.085 2.192   -12.961 1.00 58.43 ?  101 HOH E O    1 
HETATM 1563 O O    . HOH H 3 .  ? -26.186 8.200   -10.614 1.00 49.68 ?  102 HOH E O    1 
HETATM 1564 O O    . HOH H 3 .  ? -20.782 14.117  -5.691  1.00 24.59 ?  103 HOH E O    1 
HETATM 1565 O O    . HOH H 3 .  ? -21.723 4.439   -16.118 1.00 31.40 ?  104 HOH E O    1 
HETATM 1566 O O    . HOH H 3 .  ? -24.757 -1.455  -7.685  1.00 47.00 ?  105 HOH E O    1 
HETATM 1567 O O    . HOH H 3 .  ? -26.838 1.364   -11.023 1.00 56.55 ?  106 HOH E O    1 
# 
